data_3SL6
#
_entry.id   3SL6
#
_cell.length_a   99.540
_cell.length_b   111.200
_cell.length_c   160.950
_cell.angle_alpha   90.000
_cell.angle_beta   90.000
_cell.angle_gamma   90.000
#
_symmetry.space_group_name_H-M   'P 21 21 21'
#
loop_
_entity.id
_entity.type
_entity.pdbx_description
1 polymer "cAMP-specific 3',5'-cyclic phosphodiesterase 4D"
2 non-polymer 'ZINC ION'
3 non-polymer 1,2-ETHANEDIOL
4 non-polymer 'cyclopentyl 6-(ethylcarbamoyl)-2-[(thiophen-2-ylacetyl)amino]-4,5,6,7-tetrahydrothieno[2,3-c]pyridine-3-carboxylate'
5 non-polymer 'DIMETHYL SULFOXIDE'
6 non-polymer '4-(2-HYDROXYETHYL)-1-PIPERAZINE ETHANESULFONIC ACID'
7 water water
#
_entity_poly.entity_id   1
_entity_poly.type   'polypeptide(L)'
_entity_poly.pdbx_seq_one_letter_code
;IPRFGVKTEQEDVLAKELEDVNKWGLHVFRIAELSGNRPLTVIMHTIFQERDLLKTFKIPVDTLITYLMTLEDHYHADVA
YHNNIHAADVVQSTHVLLSTPALEAVFTDLEILAAIFASAIHDVDHPGVSNQFLINTNSELALMYNDSSVLENHHLAVGF
KLLQEENCDIFQNLTKKQRQSLRKMVIDIVLATDMSKHMNLLADLKTMVETKKVTSSGVLLLDNYSDRIQVLQNMVHCAD
LSNPTKPLQLYRQWTDRIMEEFFRQGDRERERGMEISPMCDKHNASVEKSQVGFIDYIVHPLWETWADLVHPDAQDILDT
LEDNREWYQSTIPQSPSPAPDDPEEGRQGQTEKFQFELTLE
;
_entity_poly.pdbx_strand_id   A,B,C,D
#
loop_
_chem_comp.id
_chem_comp.type
_chem_comp.name
_chem_comp.formula
DMS non-polymer 'DIMETHYL SULFOXIDE' 'C2 H6 O S'
EDO non-polymer 1,2-ETHANEDIOL 'C2 H6 O2'
EPE non-polymer '4-(2-HYDROXYETHYL)-1-PIPERAZINE ETHANESULFONIC ACID' 'C8 H18 N2 O4 S'
JN8 non-polymer 'cyclopentyl 6-(ethylcarbamoyl)-2-[(thiophen-2-ylacetyl)amino]-4,5,6,7-tetrahydrothieno[2,3-c]pyridine-3-carboxylate' 'C22 H27 N3 O4 S2'
ZN non-polymer 'ZINC ION' 'Zn 2'
#
# COMPACT_ATOMS: atom_id res chain seq x y z
N VAL A 6 29.83 -24.93 22.26
CA VAL A 6 29.98 -24.24 23.54
C VAL A 6 29.89 -22.71 23.43
N LYS A 7 28.95 -22.16 24.20
CA LYS A 7 28.65 -20.74 24.15
C LYS A 7 29.76 -19.84 24.68
N THR A 8 29.72 -18.59 24.22
CA THR A 8 30.55 -17.54 24.77
C THR A 8 30.07 -17.29 26.19
N GLU A 9 30.87 -16.60 26.99
CA GLU A 9 30.49 -16.36 28.37
C GLU A 9 29.25 -15.49 28.48
N GLN A 10 29.15 -14.46 27.64
CA GLN A 10 27.94 -13.66 27.58
C GLN A 10 26.69 -14.52 27.31
N GLU A 11 26.76 -15.40 26.31
CA GLU A 11 25.65 -16.33 26.01
C GLU A 11 25.26 -17.20 27.21
N ASP A 12 26.25 -17.62 27.99
CA ASP A 12 26.00 -18.46 29.14
C ASP A 12 25.22 -17.69 30.20
N VAL A 13 25.60 -16.43 30.38
CA VAL A 13 24.96 -15.56 31.35
C VAL A 13 23.51 -15.28 30.93
N LEU A 14 23.34 -14.94 29.65
CA LEU A 14 22.02 -14.80 29.05
C LEU A 14 21.21 -16.06 29.33
N ALA A 15 21.82 -17.21 29.11
CA ALA A 15 21.13 -18.49 29.28
C ALA A 15 20.71 -18.77 30.72
N LYS A 16 21.51 -18.34 31.70
CA LYS A 16 21.12 -18.55 33.09
C LYS A 16 19.94 -17.62 33.46
N GLU A 17 19.88 -16.45 32.83
CA GLU A 17 18.76 -15.55 33.04
C GLU A 17 17.47 -16.13 32.46
N LEU A 18 17.60 -16.76 31.30
CA LEU A 18 16.48 -17.35 30.61
C LEU A 18 15.95 -18.56 31.36
N GLU A 19 16.55 -18.89 32.49
CA GLU A 19 16.02 -20.06 33.21
C GLU A 19 14.82 -19.64 34.03
N ASP A 20 14.65 -18.34 34.16
CA ASP A 20 13.48 -17.74 34.79
C ASP A 20 12.27 -17.55 33.86
N VAL A 21 12.31 -18.07 32.63
CA VAL A 21 11.24 -17.81 31.66
C VAL A 21 9.85 -18.09 32.20
N ASN A 22 9.73 -19.12 33.02
CA ASN A 22 8.42 -19.54 33.52
C ASN A 22 7.97 -18.76 34.75
N LYS A 23 8.66 -17.67 35.06
CA LYS A 23 8.38 -16.91 36.29
C LYS A 23 8.04 -15.42 36.12
N TRP A 24 6.99 -15.00 36.80
CA TRP A 24 6.65 -13.57 36.86
C TRP A 24 7.82 -12.78 37.41
N GLY A 25 8.23 -11.73 36.71
CA GLY A 25 9.35 -10.91 37.16
C GLY A 25 10.69 -11.17 36.50
N LEU A 26 10.71 -11.97 35.43
CA LEU A 26 11.94 -12.20 34.68
C LEU A 26 12.64 -10.86 34.47
N HIS A 27 13.95 -10.78 34.67
N HIS A 27 13.97 -10.84 34.61
CA HIS A 27 14.53 -9.47 34.39
CA HIS A 27 14.73 -9.61 34.37
C HIS A 27 14.77 -9.25 32.91
C HIS A 27 14.81 -9.30 32.87
N VAL A 28 13.72 -8.80 32.29
CA VAL A 28 13.66 -8.69 30.86
C VAL A 28 14.66 -7.65 30.32
N PHE A 29 14.89 -6.60 31.09
CA PHE A 29 15.83 -5.56 30.66
C PHE A 29 17.26 -6.08 30.59
N ARG A 30 17.58 -7.01 31.51
CA ARG A 30 18.90 -7.64 31.58
C ARG A 30 19.08 -8.59 30.40
N ILE A 31 18.01 -9.31 30.07
CA ILE A 31 18.01 -10.16 28.91
C ILE A 31 18.19 -9.33 27.63
N ALA A 32 17.55 -8.16 27.57
CA ALA A 32 17.71 -7.28 26.43
C ALA A 32 19.18 -6.85 26.27
N GLU A 33 19.82 -6.56 27.41
CA GLU A 33 21.22 -6.16 27.41
C GLU A 33 22.11 -7.33 26.98
N LEU A 34 21.91 -8.46 27.62
CA LEU A 34 22.76 -9.61 27.39
C LEU A 34 22.65 -10.07 25.95
N SER A 35 21.44 -10.00 25.39
CA SER A 35 21.22 -10.53 24.06
C SER A 35 21.54 -9.55 22.93
N GLY A 36 22.19 -8.44 23.25
CA GLY A 36 22.48 -7.41 22.24
C GLY A 36 21.20 -6.83 21.67
N ASN A 37 20.28 -6.44 22.54
CA ASN A 37 18.97 -5.91 22.12
C ASN A 37 18.12 -6.89 21.31
N ARG A 38 18.11 -8.15 21.75
CA ARG A 38 17.33 -9.19 21.12
C ARG A 38 16.39 -9.87 22.11
N PRO A 39 15.80 -9.09 23.03
CA PRO A 39 14.98 -9.77 24.04
C PRO A 39 13.82 -10.55 23.42
N LEU A 40 13.19 -10.02 22.38
CA LEU A 40 12.00 -10.66 21.78
C LEU A 40 12.38 -11.97 21.09
N THR A 41 13.43 -11.91 20.28
CA THR A 41 13.90 -13.09 19.56
C THR A 41 14.25 -14.24 20.51
N VAL A 42 15.07 -13.96 21.52
CA VAL A 42 15.55 -15.02 22.41
C VAL A 42 14.47 -15.54 23.34
N ILE A 43 13.61 -14.67 23.81
CA ILE A 43 12.53 -15.09 24.70
C ILE A 43 11.50 -15.94 23.94
N MET A 44 11.15 -15.52 22.72
CA MET A 44 10.27 -16.30 21.85
C MET A 44 10.86 -17.66 21.52
N HIS A 45 12.15 -17.68 21.20
CA HIS A 45 12.80 -18.93 20.84
C HIS A 45 12.78 -19.89 22.02
N THR A 46 13.05 -19.36 23.21
CA THR A 46 13.02 -20.16 24.43
C THR A 46 11.63 -20.73 24.71
N ILE A 47 10.61 -19.89 24.57
CA ILE A 47 9.25 -20.33 24.82
C ILE A 47 8.78 -21.40 23.83
N PHE A 48 9.12 -21.22 22.56
CA PHE A 48 8.75 -22.17 21.50
C PHE A 48 9.37 -23.54 21.74
N GLN A 49 10.65 -23.57 22.10
CA GLN A 49 11.34 -24.81 22.43
C GLN A 49 10.76 -25.35 23.72
N GLU A 50 10.47 -24.45 24.65
CA GLU A 50 10.01 -24.84 25.97
C GLU A 50 8.62 -25.50 25.83
N ARG A 51 7.84 -25.05 24.85
CA ARG A 51 6.49 -25.55 24.66
C ARG A 51 6.39 -26.53 23.51
N ASP A 52 7.55 -26.90 22.96
CA ASP A 52 7.64 -27.84 21.86
C ASP A 52 6.90 -27.38 20.59
N LEU A 53 6.78 -26.07 20.40
CA LEU A 53 6.03 -25.53 19.27
C LEU A 53 6.65 -25.83 17.91
N LEU A 54 7.97 -25.94 17.83
CA LEU A 54 8.61 -26.22 16.54
C LEU A 54 8.24 -27.59 15.99
N LYS A 55 8.34 -28.62 16.83
CA LYS A 55 7.90 -29.96 16.43
C LYS A 55 6.41 -29.98 16.09
N THR A 56 5.57 -29.60 17.06
CA THR A 56 4.12 -29.61 16.88
C THR A 56 3.64 -28.96 15.58
N PHE A 57 4.28 -27.87 15.18
CA PHE A 57 3.80 -27.14 14.01
C PHE A 57 4.80 -27.18 12.85
N LYS A 58 5.82 -28.01 13.01
CA LYS A 58 6.81 -28.26 11.97
C LYS A 58 7.41 -26.95 11.50
N ILE A 59 7.93 -26.18 12.45
CA ILE A 59 8.52 -24.91 12.08
C ILE A 59 10.01 -25.09 11.97
N PRO A 60 10.57 -24.83 10.77
CA PRO A 60 12.04 -24.88 10.63
C PRO A 60 12.66 -23.80 11.53
N VAL A 61 13.68 -24.17 12.30
CA VAL A 61 14.24 -23.29 13.31
C VAL A 61 14.83 -22.01 12.73
N ASP A 62 15.48 -22.11 11.58
CA ASP A 62 16.12 -20.95 10.99
C ASP A 62 15.04 -20.03 10.42
N THR A 63 13.95 -20.60 9.95
CA THR A 63 12.80 -19.82 9.53
C THR A 63 12.24 -19.07 10.75
N LEU A 64 12.20 -19.75 11.90
CA LEU A 64 11.72 -19.12 13.12
C LEU A 64 12.65 -18.00 13.55
N ILE A 65 13.94 -18.25 13.51
CA ILE A 65 14.90 -17.22 13.89
C ILE A 65 14.84 -16.01 12.94
N THR A 66 14.78 -16.31 11.64
CA THR A 66 14.74 -15.26 10.63
C THR A 66 13.53 -14.35 10.81
N TYR A 67 12.36 -14.96 10.96
CA TYR A 67 11.15 -14.20 11.23
C TYR A 67 11.28 -13.40 12.53
N LEU A 68 11.70 -14.05 13.60
CA LEU A 68 11.80 -13.37 14.88
C LEU A 68 12.69 -12.15 14.77
N MET A 69 13.85 -12.31 14.17
CA MET A 69 14.76 -11.20 14.03
C MET A 69 14.16 -10.12 13.16
N THR A 70 13.43 -10.53 12.13
CA THR A 70 12.80 -9.59 11.22
C THR A 70 11.71 -8.80 11.95
N LEU A 71 10.89 -9.51 12.71
CA LEU A 71 9.86 -8.92 13.55
C LEU A 71 10.49 -7.92 14.52
N GLU A 72 11.50 -8.35 15.25
CA GLU A 72 12.11 -7.49 16.25
C GLU A 72 12.68 -6.21 15.60
N ASP A 73 13.30 -6.36 14.44
CA ASP A 73 13.86 -5.21 13.72
C ASP A 73 12.79 -4.16 13.36
N HIS A 74 11.53 -4.55 13.35
CA HIS A 74 10.44 -3.65 12.98
C HIS A 74 9.80 -2.98 14.18
N TYR A 75 10.24 -3.36 15.37
CA TYR A 75 10.03 -2.52 16.55
C TYR A 75 11.06 -1.37 16.53
N HIS A 76 10.65 -0.22 17.06
CA HIS A 76 11.46 0.99 17.05
C HIS A 76 12.33 1.10 18.30
N ALA A 77 13.64 1.06 18.09
CA ALA A 77 14.61 1.18 19.17
C ALA A 77 14.52 2.52 19.89
N ASP A 78 14.23 3.58 19.14
CA ASP A 78 14.10 4.90 19.73
C ASP A 78 12.70 5.19 20.29
N VAL A 79 11.93 4.14 20.56
CA VAL A 79 10.66 4.31 21.24
C VAL A 79 10.79 3.81 22.69
N ALA A 80 10.54 4.70 23.64
CA ALA A 80 10.95 4.46 25.02
C ALA A 80 10.25 3.26 25.65
N TYR A 81 8.96 3.12 25.36
CA TYR A 81 8.16 2.06 25.94
C TYR A 81 7.70 1.03 24.92
N HIS A 82 7.04 1.49 23.86
CA HIS A 82 6.37 0.60 22.92
C HIS A 82 7.35 -0.03 21.93
N ASN A 83 8.26 -0.82 22.48
CA ASN A 83 9.36 -1.36 21.71
C ASN A 83 9.48 -2.89 21.85
N ASN A 84 10.54 -3.43 21.28
CA ASN A 84 10.81 -4.87 21.34
C ASN A 84 10.93 -5.40 22.78
N ILE A 85 11.38 -4.56 23.71
CA ILE A 85 11.52 -5.04 25.07
C ILE A 85 10.14 -5.26 25.62
N HIS A 86 9.26 -4.27 25.41
CA HIS A 86 7.86 -4.39 25.78
C HIS A 86 7.16 -5.60 25.10
N ALA A 87 7.42 -5.82 23.82
CA ALA A 87 6.93 -7.04 23.15
C ALA A 87 7.38 -8.31 23.89
N ALA A 88 8.68 -8.40 24.17
CA ALA A 88 9.24 -9.57 24.87
C ALA A 88 8.53 -9.80 26.20
N ASP A 89 8.34 -8.71 26.93
CA ASP A 89 7.73 -8.73 28.24
C ASP A 89 6.34 -9.33 28.15
N VAL A 90 5.52 -8.82 27.24
CA VAL A 90 4.17 -9.32 27.07
C VAL A 90 4.10 -10.78 26.56
N VAL A 91 5.04 -11.17 25.73
CA VAL A 91 5.14 -12.55 25.32
C VAL A 91 5.36 -13.47 26.50
N GLN A 92 6.35 -13.14 27.33
CA GLN A 92 6.70 -13.99 28.47
C GLN A 92 5.60 -13.98 29.53
N SER A 93 4.94 -12.84 29.69
CA SER A 93 3.85 -12.68 30.66
C SER A 93 2.63 -13.50 30.27
N THR A 94 2.28 -13.41 29.00
CA THR A 94 1.24 -14.25 28.44
C THR A 94 1.64 -15.69 28.69
N HIS A 95 2.90 -16.00 28.39
CA HIS A 95 3.44 -17.34 28.57
C HIS A 95 3.17 -17.88 29.97
N VAL A 96 3.43 -17.04 30.99
CA VAL A 96 3.19 -17.42 32.38
C VAL A 96 1.70 -17.61 32.65
N LEU A 97 0.89 -16.62 32.26
CA LEU A 97 -0.55 -16.75 32.41
C LEU A 97 -1.14 -18.00 31.75
N LEU A 98 -0.55 -18.44 30.64
CA LEU A 98 -1.02 -19.65 29.97
C LEU A 98 -0.79 -20.89 30.85
N SER A 99 0.20 -20.82 31.73
CA SER A 99 0.58 -21.98 32.51
C SER A 99 -0.15 -22.05 33.84
N THR A 100 -0.95 -21.03 34.13
CA THR A 100 -1.71 -21.01 35.37
C THR A 100 -2.42 -22.36 35.60
N PRO A 101 -2.39 -22.86 36.84
CA PRO A 101 -2.98 -24.16 37.17
C PRO A 101 -4.47 -24.26 36.82
N ALA A 102 -5.19 -23.15 36.94
CA ALA A 102 -6.64 -23.12 36.68
C ALA A 102 -6.97 -23.31 35.20
N LEU A 103 -6.01 -23.04 34.35
CA LEU A 103 -6.22 -23.18 32.92
C LEU A 103 -5.50 -24.39 32.31
N GLU A 104 -4.92 -25.25 33.16
CA GLU A 104 -4.25 -26.45 32.67
C GLU A 104 -5.17 -27.23 31.74
N ALA A 105 -4.60 -27.74 30.64
CA ALA A 105 -5.33 -28.61 29.70
C ALA A 105 -6.56 -27.96 29.08
N VAL A 106 -6.67 -26.64 29.17
CA VAL A 106 -7.82 -25.98 28.59
C VAL A 106 -7.62 -25.68 27.10
N PHE A 107 -6.52 -25.01 26.77
CA PHE A 107 -6.33 -24.51 25.42
C PHE A 107 -5.57 -25.48 24.53
N THR A 108 -5.96 -25.56 23.26
CA THR A 108 -5.24 -26.37 22.27
C THR A 108 -3.90 -25.72 21.92
N ASP A 109 -2.98 -26.51 21.37
CA ASP A 109 -1.68 -26.03 20.91
C ASP A 109 -1.81 -24.84 19.96
N LEU A 110 -2.84 -24.88 19.11
CA LEU A 110 -3.05 -23.82 18.16
C LEU A 110 -3.39 -22.52 18.89
N GLU A 111 -4.22 -22.63 19.93
CA GLU A 111 -4.68 -21.45 20.66
C GLU A 111 -3.56 -20.81 21.44
N ILE A 112 -2.71 -21.67 22.02
CA ILE A 112 -1.49 -21.25 22.68
C ILE A 112 -0.56 -20.54 21.68
N LEU A 113 -0.37 -21.16 20.51
CA LEU A 113 0.43 -20.57 19.46
C LEU A 113 -0.10 -19.18 19.11
N ALA A 114 -1.43 -19.05 19.01
CA ALA A 114 -2.05 -17.78 18.68
C ALA A 114 -1.88 -16.75 19.80
N ALA A 115 -1.97 -17.18 21.05
CA ALA A 115 -1.86 -16.23 22.15
C ALA A 115 -0.44 -15.68 22.26
N ILE A 116 0.53 -16.55 22.00
CA ILE A 116 1.92 -16.14 22.04
C ILE A 116 2.30 -15.32 20.80
N PHE A 117 1.93 -15.81 19.62
CA PHE A 117 2.25 -15.07 18.41
C PHE A 117 1.61 -13.66 18.41
N ALA A 118 0.36 -13.58 18.87
CA ALA A 118 -0.32 -12.29 18.96
C ALA A 118 0.44 -11.35 19.92
N SER A 119 0.91 -11.89 21.04
CA SER A 119 1.72 -11.13 21.97
C SER A 119 2.98 -10.59 21.29
N ALA A 120 3.61 -11.42 20.46
CA ALA A 120 4.87 -11.03 19.84
C ALA A 120 4.68 -9.89 18.86
N ILE A 121 3.56 -9.88 18.15
CA ILE A 121 3.36 -8.88 17.09
C ILE A 121 2.52 -7.66 17.50
N HIS A 122 1.96 -7.69 18.70
CA HIS A 122 0.85 -6.81 19.05
C HIS A 122 1.19 -5.33 19.01
N ASP A 123 2.47 -4.99 19.06
CA ASP A 123 2.86 -3.58 18.99
C ASP A 123 3.86 -3.25 17.89
N VAL A 124 4.09 -4.18 16.97
CA VAL A 124 5.20 -4.00 16.02
C VAL A 124 5.04 -2.72 15.19
N ASP A 125 6.15 -1.99 15.02
CA ASP A 125 6.18 -0.76 14.23
C ASP A 125 5.34 0.34 14.87
N HIS A 126 5.24 0.31 16.19
CA HIS A 126 4.61 1.38 16.96
C HIS A 126 5.51 2.62 16.86
N PRO A 127 4.94 3.76 16.46
CA PRO A 127 5.69 5.00 16.22
C PRO A 127 5.88 5.82 17.50
N GLY A 128 5.33 5.35 18.63
CA GLY A 128 5.48 6.04 19.89
C GLY A 128 4.50 7.17 20.16
N VAL A 129 3.40 7.17 19.40
CA VAL A 129 2.35 8.15 19.60
C VAL A 129 1.01 7.42 19.58
N SER A 130 -0.04 8.06 20.07
CA SER A 130 -1.32 7.38 20.24
C SER A 130 -2.21 7.43 19.00
N ASN A 131 -3.26 6.61 18.99
CA ASN A 131 -4.24 6.64 17.93
C ASN A 131 -4.77 8.05 17.69
N GLN A 132 -5.10 8.75 18.79
CA GLN A 132 -5.68 10.07 18.68
C GLN A 132 -4.71 11.04 18.02
N PHE A 133 -3.43 10.88 18.32
CA PHE A 133 -2.41 11.72 17.72
C PHE A 133 -2.35 11.44 16.22
N LEU A 134 -2.43 10.17 15.83
CA LEU A 134 -2.34 9.81 14.42
C LEU A 134 -3.56 10.26 13.65
N ILE A 135 -4.69 10.32 14.36
CA ILE A 135 -5.95 10.75 13.77
C ILE A 135 -5.95 12.28 13.61
N ASN A 136 -5.54 12.98 14.68
CA ASN A 136 -5.52 14.44 14.66
C ASN A 136 -4.46 15.06 13.75
N THR A 137 -3.44 14.29 13.36
CA THR A 137 -2.43 14.81 12.44
C THR A 137 -2.79 14.54 10.99
N ASN A 138 -3.95 13.92 10.80
CA ASN A 138 -4.35 13.45 9.48
C ASN A 138 -3.33 12.48 8.84
N SER A 139 -2.66 11.69 9.67
CA SER A 139 -1.65 10.76 9.21
C SER A 139 -2.19 9.72 8.22
N GLU A 140 -1.31 9.23 7.37
CA GLU A 140 -1.67 8.19 6.41
C GLU A 140 -2.26 6.94 7.08
N LEU A 141 -1.63 6.51 8.16
CA LEU A 141 -2.09 5.37 8.95
C LEU A 141 -3.53 5.54 9.42
N ALA A 142 -3.86 6.74 9.89
CA ALA A 142 -5.22 7.00 10.35
C ALA A 142 -6.23 6.88 9.19
N LEU A 143 -5.86 7.41 8.03
CA LEU A 143 -6.76 7.36 6.87
C LEU A 143 -6.90 5.94 6.29
N MET A 144 -5.88 5.12 6.47
CA MET A 144 -5.90 3.73 6.02
C MET A 144 -6.89 2.91 6.82
N TYR A 145 -6.97 3.18 8.11
CA TYR A 145 -7.84 2.43 8.98
C TYR A 145 -9.06 3.22 9.46
N ASN A 146 -9.44 4.21 8.66
CA ASN A 146 -10.65 4.99 8.93
C ASN A 146 -10.78 5.35 10.41
N ASP A 147 -9.67 5.81 10.98
CA ASP A 147 -9.59 6.26 12.38
C ASP A 147 -9.95 5.25 13.46
N SER A 148 -10.16 3.98 13.09
CA SER A 148 -10.58 3.02 14.10
C SER A 148 -9.51 1.99 14.36
N SER A 149 -9.10 1.86 15.62
CA SER A 149 -8.02 0.98 16.02
C SER A 149 -6.81 1.06 15.09
N VAL A 150 -6.40 2.30 14.81
CA VAL A 150 -5.36 2.57 13.82
C VAL A 150 -4.08 1.78 14.09
N LEU A 151 -3.45 2.01 15.23
CA LEU A 151 -2.23 1.29 15.56
C LEU A 151 -2.43 -0.22 15.56
N GLU A 152 -3.49 -0.69 16.21
CA GLU A 152 -3.73 -2.12 16.33
C GLU A 152 -3.93 -2.84 14.96
N ASN A 153 -4.68 -2.22 14.06
CA ASN A 153 -4.78 -2.76 12.68
C ASN A 153 -3.42 -2.83 11.99
N HIS A 154 -2.61 -1.81 12.20
CA HIS A 154 -1.30 -1.75 11.59
C HIS A 154 -0.33 -2.80 12.17
N HIS A 155 -0.36 -2.99 13.49
CA HIS A 155 0.44 -4.03 14.13
C HIS A 155 0.13 -5.38 13.49
N LEU A 156 -1.15 -5.66 13.28
CA LEU A 156 -1.54 -6.93 12.70
C LEU A 156 -1.03 -7.06 11.25
N ALA A 157 -1.35 -6.07 10.44
CA ALA A 157 -0.97 -6.09 9.04
C ALA A 157 0.55 -6.27 8.89
N VAL A 158 1.31 -5.62 9.76
CA VAL A 158 2.75 -5.66 9.67
C VAL A 158 3.27 -7.01 10.07
N GLY A 159 2.75 -7.52 11.18
CA GLY A 159 3.17 -8.80 11.72
C GLY A 159 2.88 -9.96 10.77
N PHE A 160 1.78 -9.88 10.04
CA PHE A 160 1.50 -10.92 9.05
C PHE A 160 2.34 -10.76 7.78
N LYS A 161 2.38 -9.53 7.27
CA LYS A 161 3.15 -9.19 6.09
C LYS A 161 4.60 -9.68 6.16
N LEU A 162 5.18 -9.58 7.35
CA LEU A 162 6.59 -9.93 7.51
C LEU A 162 6.84 -11.43 7.26
N LEU A 163 5.77 -12.23 7.33
CA LEU A 163 5.87 -13.67 7.04
C LEU A 163 6.27 -13.92 5.58
N GLN A 164 6.09 -12.90 4.74
CA GLN A 164 6.34 -13.01 3.32
C GLN A 164 7.77 -12.67 2.94
N GLU A 165 8.57 -12.23 3.91
CA GLU A 165 9.95 -11.90 3.63
C GLU A 165 10.73 -13.21 3.53
N GLU A 166 11.91 -13.15 2.92
CA GLU A 166 12.70 -14.34 2.62
C GLU A 166 12.86 -15.23 3.84
N ASN A 167 12.52 -16.51 3.68
CA ASN A 167 12.63 -17.51 4.75
C ASN A 167 11.97 -17.06 6.08
N CYS A 168 10.84 -16.40 5.98
CA CYS A 168 10.13 -15.92 7.17
C CYS A 168 8.80 -16.62 7.51
N ASP A 169 8.29 -17.45 6.61
CA ASP A 169 6.95 -18.03 6.85
C ASP A 169 6.98 -19.18 7.86
N ILE A 170 6.88 -18.82 9.15
CA ILE A 170 6.94 -19.82 10.20
C ILE A 170 5.71 -20.72 10.22
N PHE A 171 4.67 -20.33 9.49
CA PHE A 171 3.47 -21.15 9.38
C PHE A 171 3.37 -21.95 8.07
N GLN A 172 4.49 -22.09 7.36
CA GLN A 172 4.47 -22.72 6.03
C GLN A 172 3.91 -24.15 6.02
N ASN A 173 4.04 -24.84 7.13
CA ASN A 173 3.55 -26.22 7.22
C ASN A 173 2.16 -26.42 7.85
N LEU A 174 1.53 -25.38 8.36
CA LEU A 174 0.19 -25.54 8.88
C LEU A 174 -0.78 -25.78 7.72
N THR A 175 -1.84 -26.54 7.97
CA THR A 175 -2.88 -26.72 6.96
C THR A 175 -3.64 -25.41 6.82
N LYS A 176 -4.38 -25.27 5.73
CA LYS A 176 -5.28 -24.13 5.53
C LYS A 176 -6.26 -23.92 6.70
N LYS A 177 -6.80 -25.02 7.23
CA LYS A 177 -7.68 -25.00 8.40
C LYS A 177 -6.99 -24.38 9.61
N GLN A 178 -5.80 -24.87 9.92
CA GLN A 178 -5.02 -24.36 11.04
C GLN A 178 -4.71 -22.89 10.88
N ARG A 179 -4.30 -22.50 9.66
CA ARG A 179 -3.88 -21.11 9.41
C ARG A 179 -5.04 -20.12 9.49
N GLN A 180 -6.20 -20.53 9.01
CA GLN A 180 -7.38 -19.66 9.04
C GLN A 180 -7.89 -19.44 10.46
N SER A 181 -7.80 -20.49 11.27
CA SER A 181 -8.20 -20.43 12.66
C SER A 181 -7.16 -19.63 13.45
N LEU A 182 -5.88 -19.94 13.24
CA LEU A 182 -4.79 -19.22 13.92
C LEU A 182 -4.92 -17.73 13.68
N ARG A 183 -5.10 -17.38 12.41
CA ARG A 183 -5.12 -15.99 11.99
C ARG A 183 -6.29 -15.22 12.59
N LYS A 184 -7.46 -15.86 12.63
CA LYS A 184 -8.63 -15.17 13.19
C LYS A 184 -8.39 -14.92 14.67
N MET A 185 -7.91 -15.93 15.40
CA MET A 185 -7.64 -15.77 16.81
C MET A 185 -6.63 -14.64 17.04
N VAL A 186 -5.57 -14.63 16.25
CA VAL A 186 -4.54 -13.59 16.38
C VAL A 186 -5.12 -12.20 16.12
N ILE A 187 -5.97 -12.09 15.12
CA ILE A 187 -6.65 -10.83 14.85
C ILE A 187 -7.58 -10.37 16.00
N ASP A 188 -8.40 -11.28 16.53
CA ASP A 188 -9.28 -10.94 17.64
C ASP A 188 -8.50 -10.55 18.88
N ILE A 189 -7.38 -11.23 19.11
CA ILE A 189 -6.57 -10.93 20.27
C ILE A 189 -5.92 -9.55 20.19
N VAL A 190 -5.23 -9.28 19.08
CA VAL A 190 -4.57 -7.98 18.92
C VAL A 190 -5.49 -6.77 18.87
N LEU A 191 -6.65 -6.89 18.21
CA LEU A 191 -7.56 -5.76 18.15
C LEU A 191 -8.09 -5.43 19.54
N ALA A 192 -8.14 -6.42 20.42
CA ALA A 192 -8.64 -6.24 21.77
C ALA A 192 -7.60 -5.55 22.68
N THR A 193 -6.36 -5.40 22.21
CA THR A 193 -5.37 -4.68 22.98
C THR A 193 -5.60 -3.17 22.94
N ASP A 194 -6.40 -2.72 21.99
CA ASP A 194 -6.82 -1.34 21.93
C ASP A 194 -7.51 -1.01 23.27
N MET A 195 -6.95 -0.04 24.00
CA MET A 195 -7.47 0.35 25.30
C MET A 195 -8.92 0.81 25.26
N SER A 196 -9.33 1.34 24.11
CA SER A 196 -10.71 1.76 23.97
C SER A 196 -11.67 0.57 24.10
N LYS A 197 -11.16 -0.65 23.99
CA LYS A 197 -12.00 -1.85 24.13
C LYS A 197 -12.03 -2.34 25.57
N HIS A 198 -11.35 -1.62 26.44
CA HIS A 198 -11.07 -2.14 27.79
C HIS A 198 -12.33 -2.48 28.63
N MET A 199 -13.19 -1.48 28.84
CA MET A 199 -14.40 -1.64 29.64
C MET A 199 -15.28 -2.82 29.19
N ASN A 200 -15.46 -2.96 27.88
CA ASN A 200 -16.28 -4.04 27.34
C ASN A 200 -15.63 -5.39 27.54
N LEU A 201 -14.32 -5.47 27.29
CA LEU A 201 -13.57 -6.68 27.58
C LEU A 201 -13.79 -7.09 29.03
N LEU A 202 -13.66 -6.12 29.94
CA LEU A 202 -13.80 -6.39 31.37
C LEU A 202 -15.23 -6.78 31.72
N ALA A 203 -16.20 -6.12 31.09
CA ALA A 203 -17.60 -6.52 31.26
C ALA A 203 -17.79 -8.02 30.95
N ASP A 204 -17.29 -8.48 29.80
CA ASP A 204 -17.43 -9.88 29.43
C ASP A 204 -16.70 -10.79 30.42
N LEU A 205 -15.49 -10.40 30.80
CA LEU A 205 -14.73 -11.13 31.80
C LEU A 205 -15.48 -11.28 33.14
N LYS A 206 -16.03 -10.18 33.66
CA LYS A 206 -16.83 -10.24 34.89
C LYS A 206 -18.02 -11.16 34.72
N THR A 207 -18.72 -11.01 33.60
CA THR A 207 -19.86 -11.84 33.31
C THR A 207 -19.49 -13.32 33.29
N MET A 208 -18.26 -13.63 32.89
CA MET A 208 -17.84 -15.01 32.83
C MET A 208 -17.45 -15.53 34.19
N VAL A 209 -16.91 -14.65 35.03
CA VAL A 209 -16.65 -14.99 36.42
C VAL A 209 -17.95 -15.33 37.15
N GLU A 210 -18.98 -14.50 36.97
CA GLU A 210 -20.31 -14.78 37.53
C GLU A 210 -20.81 -16.18 37.11
N THR A 211 -20.64 -16.50 35.84
CA THR A 211 -21.20 -17.73 35.27
C THR A 211 -20.15 -18.84 35.20
N LYS A 212 -18.99 -18.58 35.78
CA LYS A 212 -17.86 -19.51 35.75
C LYS A 212 -18.31 -20.94 35.99
N LYS A 213 -17.77 -21.86 35.21
CA LYS A 213 -17.97 -23.26 35.47
C LYS A 213 -16.64 -23.99 35.51
N VAL A 214 -16.63 -25.14 36.18
CA VAL A 214 -15.42 -25.91 36.41
C VAL A 214 -15.72 -27.39 36.29
N THR A 215 -14.76 -28.16 35.80
CA THR A 215 -14.93 -29.60 35.66
C THR A 215 -13.66 -30.35 36.04
N SER A 216 -13.84 -31.57 36.53
CA SER A 216 -12.74 -32.51 36.75
C SER A 216 -11.43 -31.85 37.18
N SER A 217 -11.25 -31.71 38.50
CA SER A 217 -10.02 -31.16 39.07
C SER A 217 -9.86 -29.64 38.93
N GLY A 218 -10.93 -28.89 39.21
CA GLY A 218 -10.86 -27.45 39.36
C GLY A 218 -10.54 -26.63 38.12
N VAL A 219 -10.34 -27.29 36.98
CA VAL A 219 -9.99 -26.61 35.75
C VAL A 219 -11.21 -25.96 35.08
N LEU A 220 -11.03 -24.70 34.67
CA LEU A 220 -12.08 -23.92 34.02
C LEU A 220 -12.72 -24.65 32.81
N LEU A 221 -13.98 -24.32 32.50
CA LEU A 221 -14.65 -24.89 31.34
C LEU A 221 -15.10 -23.81 30.37
N LEU A 222 -14.64 -23.94 29.12
CA LEU A 222 -14.98 -22.99 28.06
C LEU A 222 -15.41 -23.79 26.83
N ASP A 223 -16.70 -23.76 26.52
CA ASP A 223 -17.25 -24.71 25.55
C ASP A 223 -17.69 -24.08 24.22
N ASN A 224 -17.31 -22.83 23.99
CA ASN A 224 -17.64 -22.15 22.74
C ASN A 224 -16.58 -21.10 22.39
N TYR A 225 -16.41 -20.85 21.10
CA TYR A 225 -15.39 -19.91 20.66
C TYR A 225 -15.48 -18.58 21.41
N SER A 226 -16.69 -18.06 21.55
CA SER A 226 -16.89 -16.80 22.25
C SER A 226 -16.17 -16.79 23.58
N ASP A 227 -16.35 -17.85 24.35
CA ASP A 227 -15.79 -17.84 25.70
C ASP A 227 -14.28 -18.04 25.68
N ARG A 228 -13.83 -18.92 24.79
CA ARG A 228 -12.42 -19.27 24.68
C ARG A 228 -11.59 -18.10 24.17
N ILE A 229 -12.05 -17.44 23.10
CA ILE A 229 -11.36 -16.29 22.57
C ILE A 229 -11.37 -15.10 23.56
N GLN A 230 -12.48 -14.93 24.29
CA GLN A 230 -12.54 -13.75 25.15
C GLN A 230 -11.60 -13.93 26.36
N VAL A 231 -11.42 -15.17 26.78
CA VAL A 231 -10.42 -15.46 27.80
C VAL A 231 -8.99 -15.15 27.32
N LEU A 232 -8.63 -15.63 26.14
CA LEU A 232 -7.30 -15.34 25.58
C LEU A 232 -7.13 -13.84 25.37
N GLN A 233 -8.19 -13.18 24.92
CA GLN A 233 -8.17 -11.72 24.78
C GLN A 233 -7.86 -10.99 26.09
N ASN A 234 -8.51 -11.40 27.17
CA ASN A 234 -8.27 -10.78 28.46
C ASN A 234 -6.89 -11.15 28.99
N MET A 235 -6.46 -12.38 28.71
CA MET A 235 -5.14 -12.84 29.13
C MET A 235 -4.04 -11.93 28.57
N VAL A 236 -4.07 -11.69 27.26
CA VAL A 236 -3.06 -10.85 26.61
C VAL A 236 -3.17 -9.38 27.04
N HIS A 237 -4.40 -8.92 27.19
CA HIS A 237 -4.67 -7.57 27.70
C HIS A 237 -4.11 -7.42 29.13
N CYS A 238 -4.30 -8.44 29.95
CA CYS A 238 -3.65 -8.53 31.26
C CYS A 238 -2.12 -8.46 31.15
N ALA A 239 -1.54 -9.26 30.27
CA ALA A 239 -0.09 -9.24 30.07
C ALA A 239 0.35 -7.83 29.68
N ASP A 240 -0.48 -7.17 28.87
CA ASP A 240 -0.19 -5.83 28.36
C ASP A 240 -0.29 -4.74 29.45
N LEU A 241 -1.01 -5.06 30.52
CA LEU A 241 -1.16 -4.13 31.63
C LEU A 241 -0.64 -4.82 32.90
N SER A 242 0.48 -5.53 32.76
CA SER A 242 1.03 -6.31 33.87
C SER A 242 2.20 -5.64 34.58
N ASN A 243 2.65 -4.51 34.05
CA ASN A 243 3.77 -3.78 34.65
C ASN A 243 3.55 -3.45 36.14
N PRO A 244 2.38 -2.91 36.50
CA PRO A 244 2.22 -2.57 37.91
C PRO A 244 2.15 -3.81 38.80
N THR A 245 2.19 -5.02 38.23
CA THR A 245 2.13 -6.23 39.04
C THR A 245 3.49 -6.92 39.13
N LYS A 246 4.47 -6.35 38.45
CA LYS A 246 5.79 -6.93 38.49
C LYS A 246 6.56 -6.34 39.69
N PRO A 247 7.62 -7.01 40.15
CA PRO A 247 8.45 -6.39 41.20
C PRO A 247 8.71 -4.91 40.94
N LEU A 248 8.70 -4.14 42.02
CA LEU A 248 8.77 -2.69 41.95
C LEU A 248 9.93 -2.19 41.09
N GLN A 249 11.03 -2.92 41.14
CA GLN A 249 12.21 -2.58 40.35
C GLN A 249 11.86 -2.51 38.85
N LEU A 250 11.13 -3.53 38.38
CA LEU A 250 10.66 -3.59 37.00
C LEU A 250 9.58 -2.56 36.71
N TYR A 251 8.54 -2.55 37.54
CA TYR A 251 7.48 -1.55 37.43
C TYR A 251 7.99 -0.11 37.27
N ARG A 252 8.96 0.28 38.11
CA ARG A 252 9.47 1.66 38.09
C ARG A 252 10.17 1.98 36.77
N GLN A 253 10.87 0.99 36.21
CA GLN A 253 11.53 1.20 34.92
C GLN A 253 10.48 1.36 33.83
N TRP A 254 9.41 0.56 33.89
CA TRP A 254 8.37 0.67 32.89
C TRP A 254 7.70 2.04 32.94
N THR A 255 7.45 2.51 34.15
CA THR A 255 6.79 3.81 34.32
C THR A 255 7.65 4.91 33.73
N ASP A 256 8.94 4.90 34.01
CA ASP A 256 9.85 5.88 33.41
C ASP A 256 9.70 5.86 31.89
N ARG A 257 9.72 4.67 31.32
CA ARG A 257 9.68 4.55 29.86
C ARG A 257 8.37 5.06 29.26
N ILE A 258 7.23 4.63 29.80
CA ILE A 258 5.96 5.11 29.24
C ILE A 258 5.78 6.63 29.39
N MET A 259 6.22 7.18 30.52
CA MET A 259 6.15 8.62 30.74
C MET A 259 7.09 9.36 29.81
N GLU A 260 8.28 8.80 29.56
CA GLU A 260 9.20 9.37 28.57
C GLU A 260 8.55 9.43 27.21
N GLU A 261 7.95 8.32 26.80
CA GLU A 261 7.18 8.26 25.56
C GLU A 261 6.03 9.29 25.54
N PHE A 262 5.22 9.34 26.60
CA PHE A 262 4.10 10.29 26.66
C PHE A 262 4.56 11.75 26.60
N PHE A 263 5.61 12.09 27.35
CA PHE A 263 6.14 13.46 27.31
C PHE A 263 6.71 13.79 25.93
N ARG A 264 7.39 12.83 25.30
CA ARG A 264 7.84 13.06 23.93
C ARG A 264 6.64 13.40 23.05
N GLN A 265 5.53 12.66 23.20
CA GLN A 265 4.33 12.98 22.42
C GLN A 265 3.77 14.34 22.83
N GLY A 266 3.76 14.62 24.13
CA GLY A 266 3.40 15.94 24.61
C GLY A 266 4.21 17.05 23.95
N ASP A 267 5.53 16.90 23.93
CA ASP A 267 6.42 17.84 23.23
C ASP A 267 6.06 18.00 21.76
N ARG A 268 5.89 16.89 21.07
CA ARG A 268 5.53 16.94 19.66
C ARG A 268 4.18 17.64 19.45
N GLU A 269 3.27 17.48 20.40
CA GLU A 269 1.96 18.10 20.31
C GLU A 269 2.06 19.61 20.47
N ARG A 270 2.92 20.06 21.38
CA ARG A 270 3.13 21.48 21.65
C ARG A 270 3.87 22.16 20.49
N GLU A 271 4.91 21.50 19.99
CA GLU A 271 5.67 21.93 18.81
C GLU A 271 4.75 22.27 17.63
N ARG A 272 3.45 22.13 17.83
CA ARG A 272 2.48 22.33 16.76
C ARG A 272 1.16 22.86 17.30
N GLY A 273 1.12 23.11 18.60
CA GLY A 273 -0.05 23.71 19.23
C GLY A 273 -1.29 22.83 19.29
N MET A 274 -1.11 21.51 19.13
CA MET A 274 -2.20 20.58 19.41
C MET A 274 -2.43 20.66 20.92
N GLU A 275 -3.67 20.51 21.35
CA GLU A 275 -3.95 20.47 22.79
C GLU A 275 -3.09 19.40 23.45
N ILE A 276 -2.34 19.79 24.49
CA ILE A 276 -1.45 18.85 25.16
C ILE A 276 -2.22 17.73 25.87
N SER A 277 -2.12 16.53 25.31
CA SER A 277 -2.84 15.36 25.84
C SER A 277 -2.84 15.28 27.36
N PRO A 278 -3.92 14.72 27.92
CA PRO A 278 -4.08 14.51 29.36
C PRO A 278 -2.89 13.76 29.95
N MET A 279 -2.20 14.39 30.91
CA MET A 279 -1.09 13.76 31.62
C MET A 279 0.06 13.41 30.66
N CYS A 280 0.13 14.13 29.55
CA CYS A 280 1.25 14.06 28.62
C CYS A 280 2.12 15.30 28.76
N ASP A 281 1.71 16.23 29.63
CA ASP A 281 2.48 17.47 29.84
C ASP A 281 3.63 17.29 30.81
N LYS A 282 4.84 17.38 30.26
CA LYS A 282 6.09 17.18 30.99
C LYS A 282 6.25 18.15 32.16
N HIS A 283 5.61 19.31 32.05
CA HIS A 283 5.80 20.39 33.02
C HIS A 283 4.84 20.32 34.18
N ASN A 284 3.62 19.86 33.92
CA ASN A 284 2.61 19.72 34.95
C ASN A 284 2.01 18.33 34.99
N ALA A 285 2.72 17.39 35.63
CA ALA A 285 2.26 16.02 35.74
C ALA A 285 2.65 15.36 37.07
N SER A 286 1.70 14.68 37.68
CA SER A 286 1.99 13.88 38.86
C SER A 286 2.10 12.41 38.41
N VAL A 287 3.32 11.99 38.10
CA VAL A 287 3.56 10.62 37.69
C VAL A 287 3.00 9.67 38.75
N GLU A 288 3.32 9.96 40.01
CA GLU A 288 2.89 9.10 41.11
C GLU A 288 1.37 9.03 41.20
N LYS A 289 0.73 10.18 41.05
CA LYS A 289 -0.72 10.27 41.18
C LYS A 289 -1.40 9.58 40.00
N SER A 290 -0.89 9.82 38.79
CA SER A 290 -1.43 9.16 37.61
C SER A 290 -1.35 7.63 37.71
N GLN A 291 -0.23 7.12 38.21
CA GLN A 291 -0.07 5.70 38.40
C GLN A 291 -1.07 5.11 39.39
N VAL A 292 -1.37 5.85 40.46
CA VAL A 292 -2.34 5.34 41.43
C VAL A 292 -3.74 5.32 40.85
N GLY A 293 -4.13 6.40 40.20
CA GLY A 293 -5.46 6.47 39.61
C GLY A 293 -5.61 5.39 38.56
N PHE A 294 -4.56 5.24 37.76
CA PHE A 294 -4.53 4.23 36.72
C PHE A 294 -4.66 2.82 37.27
N ILE A 295 -4.08 2.57 38.43
CA ILE A 295 -4.21 1.26 39.06
C ILE A 295 -5.61 1.06 39.65
N ASP A 296 -6.10 2.05 40.38
CA ASP A 296 -7.43 2.00 40.98
C ASP A 296 -8.54 1.84 39.95
N TYR A 297 -8.39 2.49 38.80
CA TYR A 297 -9.46 2.55 37.82
C TYR A 297 -9.38 1.52 36.70
N ILE A 298 -8.19 1.03 36.41
CA ILE A 298 -8.05 0.13 35.26
C ILE A 298 -7.33 -1.15 35.60
N VAL A 299 -6.13 -1.01 36.14
CA VAL A 299 -5.28 -2.16 36.40
C VAL A 299 -5.84 -3.07 37.50
N HIS A 300 -6.25 -2.50 38.62
CA HIS A 300 -6.77 -3.33 39.71
C HIS A 300 -8.13 -3.95 39.40
N PRO A 301 -9.09 -3.18 38.88
CA PRO A 301 -10.37 -3.84 38.56
C PRO A 301 -10.14 -5.05 37.66
N LEU A 302 -9.32 -4.86 36.62
CA LEU A 302 -8.99 -5.91 35.67
C LEU A 302 -8.32 -7.11 36.30
N TRP A 303 -7.22 -6.86 37.02
CA TRP A 303 -6.48 -7.95 37.63
C TRP A 303 -7.24 -8.69 38.73
N GLU A 304 -8.01 -7.94 39.51
CA GLU A 304 -8.87 -8.53 40.51
C GLU A 304 -9.88 -9.45 39.85
N THR A 305 -10.42 -9.05 38.70
CA THR A 305 -11.40 -9.88 38.00
C THR A 305 -10.74 -11.15 37.49
N TRP A 306 -9.56 -10.98 36.89
CA TRP A 306 -8.78 -12.13 36.42
C TRP A 306 -8.50 -13.09 37.57
N ALA A 307 -8.05 -12.52 38.70
CA ALA A 307 -7.75 -13.32 39.90
C ALA A 307 -8.93 -14.21 40.32
N ASP A 308 -10.15 -13.69 40.15
CA ASP A 308 -11.34 -14.48 40.45
C ASP A 308 -11.54 -15.63 39.46
N LEU A 309 -11.23 -15.37 38.18
CA LEU A 309 -11.37 -16.41 37.18
C LEU A 309 -10.46 -17.58 37.52
N VAL A 310 -9.25 -17.28 37.94
CA VAL A 310 -8.24 -18.32 38.12
C VAL A 310 -7.87 -18.53 39.60
N HIS A 311 -8.80 -18.20 40.49
CA HIS A 311 -8.58 -18.26 41.94
C HIS A 311 -8.14 -19.65 42.36
N PRO A 312 -7.11 -19.73 43.21
CA PRO A 312 -6.41 -18.59 43.82
C PRO A 312 -5.09 -18.29 43.13
N ASP A 313 -4.96 -18.70 41.87
CA ASP A 313 -3.67 -18.71 41.20
C ASP A 313 -3.00 -17.33 41.10
N ALA A 314 -3.80 -16.27 41.02
CA ALA A 314 -3.27 -14.94 40.80
C ALA A 314 -3.02 -14.17 42.09
N GLN A 315 -3.27 -14.82 43.22
CA GLN A 315 -3.16 -14.17 44.53
C GLN A 315 -1.87 -13.35 44.73
N ASP A 316 -0.71 -13.95 44.46
CA ASP A 316 0.56 -13.25 44.63
C ASP A 316 0.69 -12.05 43.70
N ILE A 317 0.30 -12.23 42.43
CA ILE A 317 0.29 -11.13 41.48
C ILE A 317 -0.59 -9.99 41.99
N LEU A 318 -1.74 -10.34 42.57
CA LEU A 318 -2.66 -9.32 43.08
C LEU A 318 -2.08 -8.62 44.32
N ASP A 319 -1.43 -9.41 45.18
CA ASP A 319 -0.73 -8.84 46.34
C ASP A 319 0.32 -7.83 45.89
N THR A 320 1.14 -8.23 44.93
CA THR A 320 2.22 -7.38 44.45
C THR A 320 1.65 -6.07 43.95
N LEU A 321 0.56 -6.16 43.19
CA LEU A 321 -0.06 -4.96 42.61
C LEU A 321 -0.52 -4.00 43.71
N GLU A 322 -1.17 -4.55 44.74
CA GLU A 322 -1.60 -3.77 45.89
C GLU A 322 -0.40 -3.18 46.65
N ASP A 323 0.66 -3.96 46.82
CA ASP A 323 1.87 -3.39 47.42
C ASP A 323 2.41 -2.21 46.62
N ASN A 324 2.51 -2.36 45.30
CA ASN A 324 3.09 -1.31 44.48
C ASN A 324 2.19 -0.10 44.44
N ARG A 325 0.90 -0.34 44.64
CA ARG A 325 -0.07 0.75 44.72
C ARG A 325 0.20 1.62 45.98
N GLU A 326 0.27 0.99 47.14
CA GLU A 326 0.62 1.71 48.37
C GLU A 326 1.95 2.44 48.25
N TRP A 327 2.95 1.79 47.65
CA TRP A 327 4.23 2.45 47.44
C TRP A 327 4.07 3.77 46.68
N TYR A 328 3.47 3.72 45.50
CA TYR A 328 3.32 4.94 44.71
C TYR A 328 2.55 6.01 45.49
N GLN A 329 1.57 5.57 46.28
CA GLN A 329 0.78 6.45 47.14
C GLN A 329 1.65 7.26 48.10
N SER A 330 2.56 6.56 48.79
CA SER A 330 3.54 7.21 49.64
C SER A 330 4.23 8.32 48.88
N THR A 331 4.74 7.96 47.71
CA THR A 331 5.62 8.83 46.92
C THR A 331 5.06 10.23 46.70
N ILE A 332 3.75 10.39 46.87
CA ILE A 332 3.09 11.63 46.44
C ILE A 332 3.40 12.83 47.34
N GLN B 10 -32.18 12.22 -27.90
CA GLN B 10 -32.44 11.38 -26.74
C GLN B 10 -32.19 12.12 -25.44
N GLU B 11 -31.48 13.24 -25.54
CA GLU B 11 -31.14 14.07 -24.38
C GLU B 11 -32.42 14.53 -23.68
N ASP B 12 -33.48 14.71 -24.45
CA ASP B 12 -34.75 15.18 -23.91
C ASP B 12 -35.46 14.11 -23.08
N VAL B 13 -35.35 12.85 -23.49
CA VAL B 13 -36.05 11.76 -22.82
C VAL B 13 -35.44 11.44 -21.45
N LEU B 14 -34.12 11.57 -21.35
CA LEU B 14 -33.47 11.37 -20.06
C LEU B 14 -33.99 12.43 -19.12
N ALA B 15 -34.05 13.66 -19.62
CA ALA B 15 -34.56 14.78 -18.83
C ALA B 15 -35.95 14.46 -18.29
N LYS B 16 -36.80 13.88 -19.15
CA LYS B 16 -38.13 13.47 -18.71
C LYS B 16 -38.04 12.47 -17.57
N GLU B 17 -37.33 11.38 -17.80
CA GLU B 17 -37.19 10.32 -16.79
C GLU B 17 -36.64 10.85 -15.48
N LEU B 18 -35.82 11.89 -15.55
CA LEU B 18 -35.24 12.47 -14.36
C LEU B 18 -36.24 13.33 -13.57
N GLU B 19 -37.43 13.54 -14.15
CA GLU B 19 -38.52 14.22 -13.44
C GLU B 19 -38.93 13.37 -12.23
N ASP B 20 -38.62 12.08 -12.32
CA ASP B 20 -39.02 11.12 -11.32
C ASP B 20 -38.00 10.96 -10.19
N VAL B 21 -36.99 11.81 -10.18
CA VAL B 21 -35.87 11.66 -9.24
C VAL B 21 -36.28 11.58 -7.77
N ASN B 22 -37.44 12.15 -7.45
CA ASN B 22 -37.89 12.14 -6.06
C ASN B 22 -38.86 11.02 -5.72
N LYS B 23 -39.09 10.12 -6.66
CA LYS B 23 -40.03 9.02 -6.45
C LYS B 23 -39.33 7.67 -6.26
N TRP B 24 -39.97 6.81 -5.48
CA TRP B 24 -39.55 5.42 -5.32
C TRP B 24 -39.91 4.68 -6.60
N GLY B 25 -38.98 3.89 -7.12
CA GLY B 25 -39.26 3.11 -8.31
C GLY B 25 -38.84 3.82 -9.59
N LEU B 26 -37.96 4.81 -9.47
CA LEU B 26 -37.33 5.42 -10.62
C LEU B 26 -36.85 4.31 -11.57
N HIS B 27 -36.94 4.51 -12.87
CA HIS B 27 -36.33 3.50 -13.73
C HIS B 27 -34.89 3.84 -14.05
N VAL B 28 -34.02 3.49 -13.12
CA VAL B 28 -32.60 3.77 -13.18
C VAL B 28 -31.92 3.01 -14.33
N PHE B 29 -32.45 1.85 -14.69
CA PHE B 29 -31.92 1.14 -15.85
C PHE B 29 -32.08 2.00 -17.10
N ARG B 30 -33.32 2.45 -17.33
CA ARG B 30 -33.62 3.34 -18.43
C ARG B 30 -32.68 4.55 -18.45
N ILE B 31 -32.40 5.09 -17.27
CA ILE B 31 -31.47 6.20 -17.13
C ILE B 31 -30.03 5.81 -17.42
N ALA B 32 -29.65 4.59 -17.04
CA ALA B 32 -28.35 4.05 -17.41
C ALA B 32 -28.20 4.03 -18.94
N GLU B 33 -29.18 3.46 -19.62
CA GLU B 33 -29.19 3.41 -21.07
C GLU B 33 -29.11 4.81 -21.66
N LEU B 34 -30.18 5.60 -21.47
CA LEU B 34 -30.29 6.96 -21.98
C LEU B 34 -29.11 7.83 -21.60
N SER B 35 -28.36 7.41 -20.59
CA SER B 35 -27.26 8.22 -20.07
C SER B 35 -25.93 7.89 -20.74
N GLY B 36 -25.96 6.92 -21.66
CA GLY B 36 -24.72 6.37 -22.19
C GLY B 36 -23.95 5.76 -21.04
N ASN B 37 -24.70 5.07 -20.17
CA ASN B 37 -24.17 4.43 -18.97
C ASN B 37 -23.45 5.39 -18.03
N ARG B 38 -24.12 6.47 -17.68
CA ARG B 38 -23.66 7.35 -16.60
C ARG B 38 -24.78 7.60 -15.59
N PRO B 39 -25.47 6.53 -15.13
CA PRO B 39 -26.55 6.72 -14.15
C PRO B 39 -26.06 7.38 -12.87
N LEU B 40 -24.93 6.93 -12.32
CA LEU B 40 -24.43 7.54 -11.10
C LEU B 40 -24.17 9.04 -11.28
N THR B 41 -23.62 9.42 -12.41
CA THR B 41 -23.22 10.82 -12.62
C THR B 41 -24.41 11.77 -12.79
N VAL B 42 -25.32 11.43 -13.69
CA VAL B 42 -26.46 12.29 -13.96
C VAL B 42 -27.42 12.43 -12.77
N ILE B 43 -27.62 11.32 -12.06
CA ILE B 43 -28.49 11.31 -10.88
C ILE B 43 -27.91 12.10 -9.72
N MET B 44 -26.62 11.91 -9.44
CA MET B 44 -25.98 12.70 -8.40
C MET B 44 -26.17 14.17 -8.75
N HIS B 45 -25.78 14.52 -9.97
CA HIS B 45 -25.88 15.89 -10.47
C HIS B 45 -27.27 16.43 -10.22
N THR B 46 -28.27 15.72 -10.72
CA THR B 46 -29.66 16.12 -10.56
C THR B 46 -30.03 16.37 -9.10
N ILE B 47 -29.87 15.35 -8.26
CA ILE B 47 -30.12 15.50 -6.84
C ILE B 47 -29.37 16.70 -6.27
N PHE B 48 -28.14 16.88 -6.73
CA PHE B 48 -27.26 17.93 -6.20
C PHE B 48 -27.79 19.32 -6.55
N GLN B 49 -28.29 19.45 -7.78
CA GLN B 49 -28.96 20.65 -8.22
C GLN B 49 -30.20 20.91 -7.35
N GLU B 50 -31.17 20.00 -7.44
CA GLU B 50 -32.42 20.15 -6.70
C GLU B 50 -32.22 20.63 -5.27
N ARG B 51 -31.17 20.16 -4.60
CA ARG B 51 -30.97 20.46 -3.18
C ARG B 51 -30.00 21.62 -2.95
N ASP B 52 -29.65 22.28 -4.05
CA ASP B 52 -28.82 23.49 -3.97
C ASP B 52 -27.50 23.21 -3.25
N LEU B 53 -27.06 21.95 -3.30
CA LEU B 53 -25.82 21.55 -2.63
C LEU B 53 -24.59 22.19 -3.24
N LEU B 54 -24.63 22.37 -4.56
CA LEU B 54 -23.60 23.13 -5.27
C LEU B 54 -23.43 24.51 -4.64
N LYS B 55 -24.51 25.29 -4.62
CA LYS B 55 -24.51 26.60 -3.98
C LYS B 55 -24.11 26.54 -2.50
N THR B 56 -24.80 25.69 -1.74
CA THR B 56 -24.60 25.56 -0.29
C THR B 56 -23.16 25.33 0.10
N PHE B 57 -22.49 24.40 -0.59
CA PHE B 57 -21.15 24.01 -0.19
C PHE B 57 -20.04 24.59 -1.08
N LYS B 58 -20.44 25.39 -2.06
CA LYS B 58 -19.47 26.01 -2.96
C LYS B 58 -18.79 24.91 -3.75
N ILE B 59 -19.56 24.25 -4.61
CA ILE B 59 -19.05 23.11 -5.35
C ILE B 59 -19.03 23.42 -6.83
N PRO B 60 -17.83 23.65 -7.38
CA PRO B 60 -17.73 23.99 -8.80
C PRO B 60 -18.39 22.89 -9.64
N VAL B 61 -19.27 23.29 -10.56
CA VAL B 61 -20.01 22.32 -11.36
C VAL B 61 -19.07 21.45 -12.20
N ASP B 62 -17.99 22.06 -12.68
CA ASP B 62 -16.98 21.34 -13.44
C ASP B 62 -16.31 20.29 -12.55
N THR B 63 -15.96 20.67 -11.32
CA THR B 63 -15.32 19.73 -10.41
C THR B 63 -16.27 18.59 -10.01
N LEU B 64 -17.54 18.91 -9.81
CA LEU B 64 -18.50 17.89 -9.43
C LEU B 64 -18.62 16.85 -10.55
N ILE B 65 -18.75 17.34 -11.78
CA ILE B 65 -18.94 16.45 -12.91
C ILE B 65 -17.71 15.60 -13.16
N THR B 66 -16.53 16.18 -12.92
CA THR B 66 -15.28 15.46 -13.13
C THR B 66 -15.11 14.36 -12.09
N TYR B 67 -15.45 14.67 -10.84
CA TYR B 67 -15.44 13.66 -9.80
C TYR B 67 -16.47 12.55 -10.06
N LEU B 68 -17.69 12.92 -10.42
CA LEU B 68 -18.71 11.92 -10.64
C LEU B 68 -18.26 10.99 -11.76
N MET B 69 -17.89 11.57 -12.90
CA MET B 69 -17.37 10.82 -14.03
C MET B 69 -16.32 9.83 -13.55
N THR B 70 -15.33 10.36 -12.84
CA THR B 70 -14.25 9.58 -12.27
C THR B 70 -14.79 8.47 -11.36
N LEU B 71 -15.66 8.83 -10.43
CA LEU B 71 -16.22 7.83 -9.51
C LEU B 71 -16.93 6.71 -10.26
N GLU B 72 -17.81 7.08 -11.18
CA GLU B 72 -18.54 6.06 -11.93
C GLU B 72 -17.59 5.08 -12.64
N ASP B 73 -16.54 5.62 -13.26
CA ASP B 73 -15.56 4.80 -13.98
C ASP B 73 -14.79 3.80 -13.09
N HIS B 74 -14.83 4.00 -11.78
CA HIS B 74 -14.19 3.09 -10.85
C HIS B 74 -15.17 2.06 -10.30
N TYR B 75 -16.36 2.02 -10.88
CA TYR B 75 -17.23 0.88 -10.68
C TYR B 75 -17.00 -0.05 -11.86
N HIS B 76 -16.90 -1.36 -11.58
CA HIS B 76 -16.65 -2.35 -12.62
C HIS B 76 -17.88 -2.63 -13.47
N ALA B 77 -17.76 -2.34 -14.76
CA ALA B 77 -18.84 -2.59 -15.70
C ALA B 77 -19.11 -4.08 -15.90
N ASP B 78 -18.09 -4.91 -15.69
CA ASP B 78 -18.22 -6.37 -15.80
C ASP B 78 -19.04 -7.01 -14.67
N VAL B 79 -19.25 -6.26 -13.60
CA VAL B 79 -19.96 -6.79 -12.45
C VAL B 79 -21.48 -6.62 -12.60
N ALA B 80 -22.24 -7.70 -12.44
CA ALA B 80 -23.66 -7.67 -12.75
C ALA B 80 -24.47 -6.82 -11.76
N TYR B 81 -24.16 -6.93 -10.48
CA TYR B 81 -24.94 -6.23 -9.47
C TYR B 81 -24.26 -5.01 -8.82
N HIS B 82 -23.14 -5.24 -8.15
CA HIS B 82 -22.38 -4.20 -7.49
C HIS B 82 -21.66 -3.21 -8.43
N ASN B 83 -22.43 -2.55 -9.29
CA ASN B 83 -21.88 -1.59 -10.24
C ASN B 83 -22.37 -0.14 -10.04
N ASN B 84 -22.09 0.67 -11.05
CA ASN B 84 -22.47 2.07 -11.06
C ASN B 84 -23.98 2.24 -11.03
N ILE B 85 -24.69 1.30 -11.64
CA ILE B 85 -26.14 1.34 -11.64
C ILE B 85 -26.65 1.16 -10.21
N HIS B 86 -26.11 0.17 -9.50
CA HIS B 86 -26.51 -0.09 -8.12
C HIS B 86 -26.18 1.12 -7.24
N ALA B 87 -25.02 1.72 -7.51
CA ALA B 87 -24.57 2.87 -6.74
C ALA B 87 -25.58 4.02 -6.92
N ALA B 88 -25.95 4.28 -8.17
CA ALA B 88 -26.88 5.34 -8.52
C ALA B 88 -28.24 5.10 -7.90
N ASP B 89 -28.64 3.83 -7.86
CA ASP B 89 -29.89 3.42 -7.24
C ASP B 89 -29.90 3.70 -5.75
N VAL B 90 -28.78 3.46 -5.08
CA VAL B 90 -28.73 3.66 -3.63
C VAL B 90 -28.67 5.15 -3.30
N VAL B 91 -27.98 5.92 -4.13
CA VAL B 91 -27.94 7.36 -4.00
C VAL B 91 -29.36 7.91 -4.09
N GLN B 92 -30.09 7.50 -5.13
CA GLN B 92 -31.42 8.03 -5.38
C GLN B 92 -32.43 7.51 -4.37
N SER B 93 -32.22 6.28 -3.89
CA SER B 93 -33.09 5.71 -2.86
C SER B 93 -32.92 6.46 -1.55
N THR B 94 -31.67 6.72 -1.20
CA THR B 94 -31.33 7.48 -0.02
C THR B 94 -31.92 8.88 -0.13
N HIS B 95 -31.89 9.43 -1.34
CA HIS B 95 -32.37 10.78 -1.58
C HIS B 95 -33.87 10.88 -1.29
N VAL B 96 -34.63 9.90 -1.77
CA VAL B 96 -36.05 9.84 -1.47
C VAL B 96 -36.27 9.64 0.04
N LEU B 97 -35.48 8.76 0.64
CA LEU B 97 -35.59 8.52 2.08
C LEU B 97 -35.32 9.76 2.92
N LEU B 98 -34.34 10.56 2.52
CA LEU B 98 -34.02 11.78 3.27
C LEU B 98 -35.18 12.77 3.21
N SER B 99 -35.86 12.82 2.08
CA SER B 99 -36.96 13.75 1.86
C SER B 99 -38.28 13.24 2.44
N THR B 100 -38.22 12.23 3.31
CA THR B 100 -39.43 11.69 3.93
C THR B 100 -40.05 12.68 4.96
N PRO B 101 -41.34 12.98 4.81
CA PRO B 101 -42.03 13.96 5.66
C PRO B 101 -41.74 13.78 7.15
N ALA B 102 -42.00 12.59 7.68
CA ALA B 102 -41.81 12.38 9.12
C ALA B 102 -40.40 12.72 9.57
N LEU B 103 -39.50 13.01 8.64
CA LEU B 103 -38.14 13.34 9.01
C LEU B 103 -37.78 14.80 8.73
N GLU B 104 -38.74 15.54 8.18
CA GLU B 104 -38.50 16.93 7.77
C GLU B 104 -37.85 17.76 8.86
N ALA B 105 -36.91 18.62 8.47
CA ALA B 105 -36.23 19.49 9.43
C ALA B 105 -35.35 18.78 10.48
N VAL B 106 -35.09 17.48 10.31
CA VAL B 106 -34.20 16.78 11.23
C VAL B 106 -32.72 16.95 10.86
N PHE B 107 -32.36 16.54 9.65
CA PHE B 107 -30.94 16.49 9.26
C PHE B 107 -30.41 17.78 8.62
N THR B 108 -29.18 18.14 8.96
CA THR B 108 -28.54 19.33 8.40
C THR B 108 -28.01 19.09 6.98
N ASP B 109 -27.72 20.16 6.27
CA ASP B 109 -27.25 20.05 4.90
C ASP B 109 -25.92 19.29 4.80
N LEU B 110 -25.06 19.46 5.81
CA LEU B 110 -23.84 18.67 5.87
C LEU B 110 -24.17 17.17 5.96
N GLU B 111 -24.96 16.80 6.97
CA GLU B 111 -25.32 15.40 7.18
C GLU B 111 -26.05 14.85 5.95
N ILE B 112 -26.80 15.71 5.28
CA ILE B 112 -27.46 15.31 4.04
C ILE B 112 -26.43 15.05 2.95
N LEU B 113 -25.41 15.91 2.92
CA LEU B 113 -24.33 15.75 1.96
C LEU B 113 -23.67 14.39 2.22
N ALA B 114 -23.29 14.15 3.48
CA ALA B 114 -22.62 12.92 3.88
C ALA B 114 -23.35 11.67 3.38
N ALA B 115 -24.64 11.58 3.66
CA ALA B 115 -25.39 10.37 3.37
C ALA B 115 -25.45 10.13 1.88
N ILE B 116 -25.61 11.20 1.11
CA ILE B 116 -25.71 11.09 -0.33
C ILE B 116 -24.36 10.72 -0.96
N PHE B 117 -23.30 11.35 -0.45
CA PHE B 117 -21.94 11.05 -0.86
C PHE B 117 -21.57 9.60 -0.52
N ALA B 118 -21.75 9.23 0.76
CA ALA B 118 -21.55 7.86 1.19
C ALA B 118 -22.21 6.86 0.23
N SER B 119 -23.49 7.08 -0.05
CA SER B 119 -24.25 6.21 -0.95
C SER B 119 -23.55 6.03 -2.29
N ALA B 120 -23.00 7.10 -2.81
CA ALA B 120 -22.42 7.10 -4.16
C ALA B 120 -21.07 6.38 -4.18
N ILE B 121 -20.41 6.31 -3.03
CA ILE B 121 -19.13 5.62 -2.94
C ILE B 121 -19.20 4.31 -2.17
N HIS B 122 -20.36 3.95 -1.65
CA HIS B 122 -20.42 2.84 -0.70
C HIS B 122 -20.00 1.48 -1.30
N ASP B 123 -19.94 1.38 -2.62
CA ASP B 123 -19.52 0.15 -3.27
C ASP B 123 -18.42 0.31 -4.33
N VAL B 124 -17.66 1.39 -4.28
CA VAL B 124 -16.76 1.69 -5.39
C VAL B 124 -15.65 0.65 -5.50
N ASP B 125 -15.36 0.24 -6.74
CA ASP B 125 -14.29 -0.72 -7.05
C ASP B 125 -14.57 -2.12 -6.51
N HIS B 126 -15.84 -2.52 -6.52
CA HIS B 126 -16.27 -3.81 -6.00
C HIS B 126 -15.89 -4.88 -7.02
N PRO B 127 -15.13 -5.88 -6.57
CA PRO B 127 -14.59 -6.95 -7.43
C PRO B 127 -15.65 -7.98 -7.82
N GLY B 128 -16.84 -7.90 -7.22
CA GLY B 128 -17.93 -8.79 -7.59
C GLY B 128 -17.83 -10.12 -6.85
N VAL B 129 -16.97 -10.17 -5.85
CA VAL B 129 -16.87 -11.32 -4.98
C VAL B 129 -16.96 -10.84 -3.55
N SER B 130 -17.15 -11.76 -2.62
CA SER B 130 -17.49 -11.43 -1.25
C SER B 130 -16.26 -11.26 -0.35
N ASN B 131 -16.44 -10.54 0.76
CA ASN B 131 -15.40 -10.45 1.77
C ASN B 131 -14.76 -11.81 2.03
N GLN B 132 -15.58 -12.83 2.19
CA GLN B 132 -15.09 -14.17 2.55
C GLN B 132 -14.21 -14.73 1.44
N PHE B 133 -14.63 -14.54 0.18
CA PHE B 133 -13.79 -14.90 -0.96
C PHE B 133 -12.41 -14.23 -0.94
N LEU B 134 -12.37 -12.93 -0.66
CA LEU B 134 -11.10 -12.20 -0.60
C LEU B 134 -10.24 -12.66 0.58
N ILE B 135 -10.90 -13.15 1.62
CA ILE B 135 -10.20 -13.65 2.80
C ILE B 135 -9.62 -15.04 2.51
N ASN B 136 -10.42 -15.92 1.92
CA ASN B 136 -9.99 -17.28 1.67
C ASN B 136 -8.82 -17.34 0.68
N THR B 137 -8.71 -16.35 -0.18
CA THR B 137 -7.60 -16.30 -1.12
C THR B 137 -6.35 -15.59 -0.58
N ASN B 138 -6.37 -15.11 0.66
CA ASN B 138 -5.26 -14.30 1.19
C ASN B 138 -4.94 -13.13 0.25
N SER B 139 -5.98 -12.48 -0.26
CA SER B 139 -5.76 -11.35 -1.12
C SER B 139 -5.09 -10.19 -0.37
N GLU B 140 -4.39 -9.34 -1.10
CA GLU B 140 -3.73 -8.18 -0.53
C GLU B 140 -4.72 -7.35 0.32
N LEU B 141 -5.93 -7.20 -0.19
CA LEU B 141 -6.95 -6.39 0.43
C LEU B 141 -7.34 -6.97 1.81
N ALA B 142 -7.49 -8.29 1.90
CA ALA B 142 -7.82 -8.90 3.18
C ALA B 142 -6.67 -8.82 4.19
N LEU B 143 -5.43 -8.89 3.70
CA LEU B 143 -4.24 -8.68 4.54
C LEU B 143 -4.15 -7.23 5.05
N MET B 144 -4.45 -6.28 4.18
CA MET B 144 -4.40 -4.87 4.53
C MET B 144 -5.32 -4.62 5.71
N TYR B 145 -6.51 -5.22 5.66
CA TYR B 145 -7.56 -4.85 6.59
C TYR B 145 -7.88 -5.94 7.60
N ASN B 146 -7.01 -6.91 7.74
CA ASN B 146 -7.19 -7.89 8.79
C ASN B 146 -8.49 -8.68 8.74
N ASP B 147 -8.98 -8.93 7.52
CA ASP B 147 -10.16 -9.77 7.27
C ASP B 147 -11.46 -9.13 7.81
N SER B 148 -11.43 -7.83 8.12
CA SER B 148 -12.58 -7.19 8.75
C SER B 148 -13.13 -6.08 7.88
N SER B 149 -14.39 -6.24 7.49
CA SER B 149 -15.01 -5.29 6.56
C SER B 149 -14.04 -4.93 5.43
N VAL B 150 -13.44 -5.97 4.83
CA VAL B 150 -12.41 -5.77 3.83
C VAL B 150 -12.87 -4.83 2.71
N LEU B 151 -13.98 -5.18 2.08
CA LEU B 151 -14.51 -4.39 0.97
C LEU B 151 -14.96 -2.99 1.38
N GLU B 152 -15.63 -2.89 2.53
CA GLU B 152 -16.15 -1.62 3.01
C GLU B 152 -15.05 -0.61 3.30
N ASN B 153 -14.01 -1.06 4.01
CA ASN B 153 -12.80 -0.26 4.16
C ASN B 153 -12.29 0.21 2.79
N HIS B 154 -12.22 -0.73 1.86
CA HIS B 154 -11.67 -0.42 0.54
C HIS B 154 -12.54 0.58 -0.22
N HIS B 155 -13.85 0.46 -0.03
CA HIS B 155 -14.81 1.38 -0.66
C HIS B 155 -14.60 2.81 -0.15
N LEU B 156 -14.40 2.92 1.16
CA LEU B 156 -14.02 4.18 1.76
C LEU B 156 -12.73 4.73 1.14
N ALA B 157 -11.64 3.98 1.32
CA ALA B 157 -10.31 4.40 0.86
C ALA B 157 -10.32 4.90 -0.58
N VAL B 158 -11.09 4.25 -1.45
CA VAL B 158 -11.09 4.60 -2.86
C VAL B 158 -11.98 5.81 -3.18
N GLY B 159 -13.10 5.93 -2.49
CA GLY B 159 -13.98 7.07 -2.67
C GLY B 159 -13.29 8.35 -2.23
N PHE B 160 -12.64 8.29 -1.08
CA PHE B 160 -11.85 9.40 -0.61
C PHE B 160 -10.76 9.70 -1.61
N LYS B 161 -9.81 8.77 -1.72
CA LYS B 161 -8.67 8.94 -2.61
C LYS B 161 -9.07 9.58 -3.93
N LEU B 162 -10.24 9.24 -4.46
CA LEU B 162 -10.61 9.78 -5.76
C LEU B 162 -10.83 11.31 -5.73
N LEU B 163 -11.05 11.87 -4.55
CA LEU B 163 -11.17 13.32 -4.40
C LEU B 163 -9.93 14.06 -4.88
N GLN B 164 -8.77 13.37 -4.81
CA GLN B 164 -7.48 13.96 -5.14
C GLN B 164 -7.04 13.85 -6.61
N GLU B 165 -7.87 13.30 -7.49
CA GLU B 165 -7.51 13.27 -8.92
C GLU B 165 -7.73 14.67 -9.52
N GLU B 166 -7.30 14.88 -10.76
CA GLU B 166 -7.33 16.21 -11.32
C GLU B 166 -8.74 16.83 -11.25
N ASN B 167 -8.82 17.99 -10.60
CA ASN B 167 -10.07 18.72 -10.44
C ASN B 167 -11.23 17.84 -9.95
N CYS B 168 -10.96 17.01 -8.96
CA CYS B 168 -11.93 16.03 -8.48
C CYS B 168 -12.35 16.24 -7.04
N ASP B 169 -11.80 17.28 -6.41
CA ASP B 169 -12.14 17.57 -5.03
C ASP B 169 -13.43 18.41 -4.92
N ILE B 170 -14.50 17.75 -4.50
CA ILE B 170 -15.80 18.41 -4.43
C ILE B 170 -16.02 19.09 -3.09
N PHE B 171 -15.15 18.81 -2.11
CA PHE B 171 -15.27 19.41 -0.79
C PHE B 171 -14.14 20.40 -0.54
N GLN B 172 -13.66 21.00 -1.63
CA GLN B 172 -12.52 21.92 -1.57
C GLN B 172 -12.87 23.21 -0.85
N ASN B 173 -14.04 23.76 -1.15
CA ASN B 173 -14.49 25.00 -0.56
C ASN B 173 -15.25 24.74 0.73
N LEU B 174 -15.02 23.58 1.32
CA LEU B 174 -15.61 23.25 2.60
C LEU B 174 -14.67 23.82 3.65
N THR B 175 -15.11 23.81 4.89
CA THR B 175 -14.31 24.31 5.99
C THR B 175 -13.72 23.10 6.69
N LYS B 176 -12.71 23.32 7.53
CA LYS B 176 -12.04 22.23 8.22
C LYS B 176 -13.01 21.36 9.01
N LYS B 177 -13.62 21.93 10.04
CA LYS B 177 -14.53 21.18 10.89
C LYS B 177 -15.64 20.54 10.05
N GLN B 178 -16.08 21.25 9.01
CA GLN B 178 -17.08 20.72 8.09
C GLN B 178 -16.61 19.42 7.44
N ARG B 179 -15.30 19.32 7.22
CA ARG B 179 -14.68 18.16 6.57
C ARG B 179 -14.47 17.03 7.55
N GLN B 180 -13.95 17.37 8.73
CA GLN B 180 -13.72 16.36 9.76
C GLN B 180 -15.02 15.70 10.16
N SER B 181 -16.12 16.44 10.03
CA SER B 181 -17.42 15.91 10.40
C SER B 181 -18.00 15.08 9.27
N LEU B 182 -17.90 15.59 8.04
CA LEU B 182 -18.37 14.85 6.88
C LEU B 182 -17.58 13.55 6.73
N ARG B 183 -16.32 13.57 7.12
CA ARG B 183 -15.50 12.37 6.96
C ARG B 183 -15.89 11.34 7.99
N LYS B 184 -16.15 11.76 9.23
CA LYS B 184 -16.50 10.79 10.24
C LYS B 184 -17.83 10.15 9.88
N MET B 185 -18.74 10.96 9.37
CA MET B 185 -20.06 10.43 9.09
C MET B 185 -20.04 9.44 7.94
N VAL B 186 -19.24 9.75 6.91
CA VAL B 186 -19.13 8.90 5.74
C VAL B 186 -18.54 7.53 6.11
N ILE B 187 -17.47 7.56 6.91
CA ILE B 187 -16.88 6.32 7.38
C ILE B 187 -17.93 5.52 8.15
N ASP B 188 -18.64 6.22 9.03
CA ASP B 188 -19.60 5.57 9.91
C ASP B 188 -20.73 4.95 9.10
N ILE B 189 -21.12 5.64 8.04
CA ILE B 189 -22.22 5.18 7.22
C ILE B 189 -21.79 3.99 6.36
N VAL B 190 -20.74 4.17 5.57
CA VAL B 190 -20.31 3.13 4.64
C VAL B 190 -20.01 1.81 5.36
N LEU B 191 -19.41 1.90 6.53
CA LEU B 191 -19.04 0.69 7.27
C LEU B 191 -20.26 -0.07 7.75
N ALA B 192 -21.37 0.64 7.91
CA ALA B 192 -22.61 0.01 8.35
C ALA B 192 -23.26 -0.77 7.20
N THR B 193 -22.68 -0.70 6.02
CA THR B 193 -23.28 -1.39 4.88
C THR B 193 -22.75 -2.82 4.81
N ASP B 194 -21.83 -3.14 5.72
CA ASP B 194 -21.33 -4.49 5.84
C ASP B 194 -22.43 -5.34 6.46
N MET B 195 -22.89 -6.33 5.70
CA MET B 195 -24.01 -7.16 6.11
C MET B 195 -23.79 -7.80 7.47
N SER B 196 -22.53 -7.94 7.87
CA SER B 196 -22.27 -8.62 9.13
C SER B 196 -22.58 -7.71 10.31
N LYS B 197 -22.79 -6.43 10.05
CA LYS B 197 -23.23 -5.49 11.09
C LYS B 197 -24.77 -5.37 11.16
N HIS B 198 -25.47 -6.02 10.23
CA HIS B 198 -26.91 -5.88 10.09
C HIS B 198 -27.73 -6.04 11.37
N MET B 199 -27.51 -7.14 12.10
CA MET B 199 -28.27 -7.41 13.32
C MET B 199 -28.21 -6.30 14.36
N ASN B 200 -27.02 -5.82 14.67
CA ASN B 200 -26.85 -4.79 15.70
C ASN B 200 -27.47 -3.46 15.28
N LEU B 201 -27.28 -3.10 14.02
CA LEU B 201 -27.94 -1.93 13.48
C LEU B 201 -29.45 -2.03 13.70
N LEU B 202 -30.00 -3.23 13.51
CA LEU B 202 -31.43 -3.42 13.61
C LEU B 202 -31.86 -3.33 15.07
N ALA B 203 -31.12 -3.99 15.95
CA ALA B 203 -31.39 -3.95 17.38
C ALA B 203 -31.45 -2.51 17.88
N ASP B 204 -30.46 -1.71 17.50
CA ASP B 204 -30.38 -0.33 17.96
C ASP B 204 -31.45 0.56 17.33
N LEU B 205 -31.80 0.27 16.08
CA LEU B 205 -32.87 1.01 15.44
C LEU B 205 -34.21 0.69 16.10
N LYS B 206 -34.35 -0.55 16.56
CA LYS B 206 -35.56 -0.99 17.26
C LYS B 206 -35.71 -0.23 18.56
N THR B 207 -34.62 -0.19 19.30
CA THR B 207 -34.57 0.45 20.60
C THR B 207 -34.90 1.92 20.48
N MET B 208 -34.33 2.57 19.48
CA MET B 208 -34.56 3.98 19.28
C MET B 208 -36.03 4.22 18.94
N VAL B 209 -36.61 3.33 18.15
CA VAL B 209 -38.03 3.41 17.84
C VAL B 209 -38.87 3.22 19.10
N GLU B 210 -38.49 2.25 19.92
CA GLU B 210 -39.21 1.94 21.16
C GLU B 210 -39.10 3.03 22.22
N THR B 211 -38.31 4.08 21.95
CA THR B 211 -38.12 5.19 22.89
C THR B 211 -38.02 6.51 22.12
N LYS B 212 -38.60 6.48 20.93
CA LYS B 212 -38.67 7.63 20.04
C LYS B 212 -39.01 8.91 20.80
N LYS B 213 -38.53 10.05 20.31
CA LYS B 213 -38.87 11.34 20.89
C LYS B 213 -39.08 12.38 19.79
N VAL B 214 -40.14 13.18 19.90
CA VAL B 214 -40.41 14.22 18.91
C VAL B 214 -40.60 15.60 19.52
N THR B 215 -40.79 16.61 18.68
CA THR B 215 -41.09 17.97 19.14
C THR B 215 -42.59 18.14 19.40
N SER B 216 -43.10 19.36 19.31
CA SER B 216 -44.55 19.59 19.41
C SER B 216 -45.18 19.48 18.01
N SER B 217 -44.47 20.04 17.03
CA SER B 217 -44.83 19.89 15.63
C SER B 217 -44.65 18.42 15.23
N GLY B 218 -43.81 17.70 15.97
CA GLY B 218 -43.71 16.26 15.83
C GLY B 218 -42.67 15.71 14.88
N VAL B 219 -41.56 16.43 14.70
CA VAL B 219 -40.43 15.84 13.99
C VAL B 219 -39.47 15.17 14.94
N LEU B 220 -38.76 14.18 14.40
CA LEU B 220 -37.85 13.32 15.14
C LEU B 220 -36.83 14.10 15.98
N LEU B 221 -36.72 13.72 17.24
CA LEU B 221 -35.75 14.35 18.14
C LEU B 221 -34.51 13.47 18.21
N LEU B 222 -33.43 13.93 17.58
CA LEU B 222 -32.14 13.23 17.63
C LEU B 222 -31.09 14.18 18.17
N ASP B 223 -30.82 14.12 19.48
CA ASP B 223 -29.99 15.13 20.12
C ASP B 223 -28.48 14.86 20.04
N ASN B 224 -28.10 13.62 20.27
CA ASN B 224 -26.69 13.23 20.29
C ASN B 224 -26.23 12.61 18.96
N TYR B 225 -24.93 12.35 18.83
CA TYR B 225 -24.37 11.86 17.57
C TYR B 225 -24.69 10.39 17.34
N SER B 226 -24.52 9.58 18.38
CA SER B 226 -24.89 8.18 18.28
C SER B 226 -26.20 8.05 17.53
N ASP B 227 -27.24 8.68 18.06
CA ASP B 227 -28.58 8.53 17.50
C ASP B 227 -28.69 9.09 16.09
N ARG B 228 -28.08 10.23 15.85
CA ARG B 228 -28.17 10.84 14.53
C ARG B 228 -27.51 9.94 13.47
N ILE B 229 -26.40 9.30 13.85
CA ILE B 229 -25.64 8.47 12.93
C ILE B 229 -26.28 7.08 12.71
N GLN B 230 -26.83 6.47 13.76
CA GLN B 230 -27.60 5.23 13.61
C GLN B 230 -28.74 5.42 12.61
N VAL B 231 -29.46 6.53 12.74
CA VAL B 231 -30.50 6.86 11.78
C VAL B 231 -29.91 6.98 10.37
N LEU B 232 -28.77 7.65 10.25
CA LEU B 232 -28.12 7.78 8.95
C LEU B 232 -27.57 6.44 8.43
N GLN B 233 -27.05 5.61 9.34
CA GLN B 233 -26.55 4.29 8.99
C GLN B 233 -27.69 3.41 8.52
N ASN B 234 -28.79 3.42 9.25
CA ASN B 234 -29.91 2.56 8.89
C ASN B 234 -30.61 3.05 7.63
N MET B 235 -30.65 4.37 7.45
CA MET B 235 -31.22 4.93 6.22
C MET B 235 -30.50 4.34 5.01
N VAL B 236 -29.19 4.49 4.96
CA VAL B 236 -28.41 3.99 3.84
C VAL B 236 -28.46 2.44 3.73
N HIS B 237 -28.43 1.75 4.86
CA HIS B 237 -28.58 0.29 4.86
C HIS B 237 -29.90 -0.14 4.17
N CYS B 238 -31.00 0.50 4.56
CA CYS B 238 -32.29 0.29 3.91
C CYS B 238 -32.20 0.60 2.40
N ALA B 239 -31.56 1.71 2.05
CA ALA B 239 -31.44 2.06 0.64
C ALA B 239 -30.64 0.99 -0.08
N ASP B 240 -29.67 0.42 0.64
CA ASP B 240 -28.88 -0.66 0.11
C ASP B 240 -29.69 -1.96 0.01
N LEU B 241 -30.62 -2.14 0.93
CA LEU B 241 -31.48 -3.31 0.87
C LEU B 241 -32.86 -2.96 0.33
N SER B 242 -32.92 -1.99 -0.59
CA SER B 242 -34.22 -1.46 -1.01
C SER B 242 -34.87 -2.19 -2.19
N ASN B 243 -34.10 -3.04 -2.86
CA ASN B 243 -34.54 -3.69 -4.10
C ASN B 243 -35.90 -4.39 -4.03
N PRO B 244 -36.15 -5.18 -2.98
CA PRO B 244 -37.43 -5.91 -2.96
C PRO B 244 -38.61 -5.02 -2.56
N THR B 245 -38.36 -3.76 -2.23
CA THR B 245 -39.42 -2.81 -1.93
C THR B 245 -39.68 -1.94 -3.16
N LYS B 246 -39.04 -2.29 -4.27
CA LYS B 246 -39.25 -1.55 -5.50
C LYS B 246 -40.34 -2.21 -6.32
N PRO B 247 -40.94 -1.45 -7.26
CA PRO B 247 -41.84 -2.06 -8.25
C PRO B 247 -41.29 -3.40 -8.74
N LEU B 248 -42.16 -4.41 -8.75
CA LEU B 248 -41.79 -5.76 -9.14
C LEU B 248 -40.86 -5.87 -10.36
N GLN B 249 -41.09 -5.04 -11.38
CA GLN B 249 -40.31 -5.11 -12.62
C GLN B 249 -38.83 -4.73 -12.39
N LEU B 250 -38.59 -3.85 -11.44
CA LEU B 250 -37.23 -3.50 -11.03
C LEU B 250 -36.64 -4.62 -10.18
N TYR B 251 -37.37 -5.03 -9.13
CA TYR B 251 -36.92 -6.09 -8.22
C TYR B 251 -36.40 -7.32 -8.97
N ARG B 252 -37.10 -7.73 -10.02
CA ARG B 252 -36.72 -8.97 -10.69
C ARG B 252 -35.42 -8.83 -11.47
N GLN B 253 -35.23 -7.67 -12.07
CA GLN B 253 -34.00 -7.38 -12.75
C GLN B 253 -32.81 -7.41 -11.79
N TRP B 254 -32.99 -6.83 -10.60
CA TRP B 254 -31.94 -6.84 -9.58
C TRP B 254 -31.66 -8.24 -9.09
N THR B 255 -32.72 -9.01 -8.88
CA THR B 255 -32.57 -10.38 -8.45
C THR B 255 -31.75 -11.15 -9.48
N ASP B 256 -32.16 -11.06 -10.75
CA ASP B 256 -31.40 -11.66 -11.84
C ASP B 256 -29.93 -11.27 -11.80
N ARG B 257 -29.66 -10.02 -11.46
CA ARG B 257 -28.31 -9.48 -11.51
C ARG B 257 -27.42 -9.96 -10.35
N ILE B 258 -27.96 -9.92 -9.14
CA ILE B 258 -27.22 -10.34 -7.98
C ILE B 258 -26.96 -11.85 -8.06
N MET B 259 -27.88 -12.59 -8.67
CA MET B 259 -27.71 -14.03 -8.81
C MET B 259 -26.65 -14.36 -9.87
N GLU B 260 -26.59 -13.55 -10.91
CA GLU B 260 -25.53 -13.70 -11.88
C GLU B 260 -24.18 -13.49 -11.20
N GLU B 261 -24.07 -12.43 -10.39
CA GLU B 261 -22.82 -12.13 -9.69
C GLU B 261 -22.45 -13.28 -8.76
N PHE B 262 -23.41 -13.73 -7.95
CA PHE B 262 -23.20 -14.86 -7.07
C PHE B 262 -22.79 -16.13 -7.82
N PHE B 263 -23.44 -16.40 -8.94
CA PHE B 263 -23.15 -17.62 -9.66
C PHE B 263 -21.73 -17.56 -10.22
N ARG B 264 -21.30 -16.38 -10.66
CA ARG B 264 -19.94 -16.19 -11.16
C ARG B 264 -18.91 -16.44 -10.06
N GLN B 265 -19.19 -15.95 -8.86
CA GLN B 265 -18.29 -16.25 -7.74
C GLN B 265 -18.24 -17.75 -7.47
N GLY B 266 -19.41 -18.39 -7.51
CA GLY B 266 -19.46 -19.83 -7.33
C GLY B 266 -18.67 -20.61 -8.38
N ASP B 267 -18.65 -20.11 -9.61
CA ASP B 267 -17.88 -20.75 -10.67
C ASP B 267 -16.41 -20.53 -10.42
N ARG B 268 -16.08 -19.39 -9.82
CA ARG B 268 -14.69 -19.06 -9.56
C ARG B 268 -14.15 -19.91 -8.42
N GLU B 269 -14.96 -20.10 -7.38
CA GLU B 269 -14.60 -21.01 -6.32
C GLU B 269 -14.38 -22.44 -6.86
N ARG B 270 -15.32 -22.93 -7.65
CA ARG B 270 -15.25 -24.28 -8.22
C ARG B 270 -13.97 -24.50 -9.03
N GLU B 271 -13.65 -23.56 -9.92
CA GLU B 271 -12.41 -23.60 -10.69
C GLU B 271 -11.21 -23.76 -9.76
N ARG B 272 -11.26 -23.07 -8.64
CA ARG B 272 -10.11 -22.93 -7.77
C ARG B 272 -10.11 -23.97 -6.69
N GLY B 273 -11.00 -24.94 -6.81
CA GLY B 273 -11.11 -26.00 -5.81
C GLY B 273 -11.47 -25.46 -4.43
N MET B 274 -11.88 -24.19 -4.36
CA MET B 274 -12.42 -23.61 -3.13
C MET B 274 -13.75 -24.25 -2.76
N GLU B 275 -14.11 -24.14 -1.49
CA GLU B 275 -15.45 -24.54 -1.04
C GLU B 275 -16.47 -23.60 -1.67
N ILE B 276 -17.54 -24.13 -2.25
CA ILE B 276 -18.57 -23.25 -2.80
C ILE B 276 -19.40 -22.66 -1.67
N SER B 277 -20.28 -21.72 -2.00
CA SER B 277 -21.13 -21.09 -1.00
C SER B 277 -22.60 -21.55 -1.09
N PRO B 278 -22.86 -22.72 -1.72
CA PRO B 278 -24.12 -23.16 -2.35
C PRO B 278 -25.34 -22.23 -2.30
N MET B 279 -25.10 -20.92 -2.21
CA MET B 279 -26.06 -19.91 -2.59
C MET B 279 -25.47 -19.27 -3.83
N CYS B 280 -24.18 -19.55 -4.03
CA CYS B 280 -23.45 -19.16 -5.23
C CYS B 280 -23.40 -20.30 -6.26
N ASP B 281 -24.01 -21.43 -5.94
CA ASP B 281 -23.92 -22.63 -6.77
C ASP B 281 -25.10 -22.69 -7.75
N LYS B 282 -24.82 -22.46 -9.04
CA LYS B 282 -25.87 -22.39 -10.07
C LYS B 282 -26.43 -23.77 -10.42
N HIS B 283 -26.01 -24.79 -9.68
CA HIS B 283 -26.54 -26.14 -9.88
C HIS B 283 -27.54 -26.45 -8.77
N ASN B 284 -27.10 -26.32 -7.52
CA ASN B 284 -28.01 -26.48 -6.38
C ASN B 284 -28.60 -25.13 -5.95
N ALA B 285 -29.35 -24.50 -6.86
CA ALA B 285 -29.85 -23.13 -6.65
C ALA B 285 -31.37 -23.06 -6.49
N SER B 286 -31.82 -22.09 -5.70
CA SER B 286 -33.24 -21.89 -5.46
C SER B 286 -33.54 -20.38 -5.35
N VAL B 287 -33.38 -19.68 -6.46
CA VAL B 287 -33.50 -18.24 -6.49
C VAL B 287 -34.77 -17.76 -5.77
N GLU B 288 -35.91 -18.33 -6.14
CA GLU B 288 -37.18 -17.90 -5.62
C GLU B 288 -37.32 -18.13 -4.12
N LYS B 289 -37.05 -19.35 -3.67
CA LYS B 289 -37.09 -19.64 -2.24
C LYS B 289 -36.16 -18.72 -1.42
N SER B 290 -35.02 -18.37 -2.01
CA SER B 290 -34.02 -17.58 -1.29
C SER B 290 -34.45 -16.14 -1.10
N GLN B 291 -35.01 -15.54 -2.15
CA GLN B 291 -35.56 -14.19 -2.05
C GLN B 291 -36.61 -14.10 -0.93
N VAL B 292 -37.48 -15.11 -0.84
CA VAL B 292 -38.48 -15.14 0.21
C VAL B 292 -37.85 -15.29 1.59
N GLY B 293 -36.82 -16.13 1.68
CA GLY B 293 -36.10 -16.27 2.93
C GLY B 293 -35.44 -14.94 3.29
N PHE B 294 -34.78 -14.34 2.31
CA PHE B 294 -34.05 -13.10 2.52
C PHE B 294 -35.00 -11.97 2.99
N ILE B 295 -36.18 -11.89 2.37
CA ILE B 295 -37.20 -10.94 2.81
C ILE B 295 -37.66 -11.23 4.24
N ASP B 296 -37.99 -12.48 4.52
CA ASP B 296 -38.52 -12.86 5.84
C ASP B 296 -37.55 -12.58 6.97
N TYR B 297 -36.26 -12.86 6.75
CA TYR B 297 -35.29 -12.74 7.83
C TYR B 297 -34.48 -11.44 7.86
N ILE B 298 -34.32 -10.78 6.72
CA ILE B 298 -33.48 -9.59 6.64
C ILE B 298 -34.26 -8.35 6.20
N VAL B 299 -34.81 -8.37 4.99
CA VAL B 299 -35.39 -7.16 4.41
C VAL B 299 -36.67 -6.67 5.12
N HIS B 300 -37.54 -7.60 5.50
CA HIS B 300 -38.80 -7.22 6.12
C HIS B 300 -38.61 -6.67 7.54
N PRO B 301 -37.85 -7.38 8.39
CA PRO B 301 -37.67 -6.79 9.71
C PRO B 301 -37.00 -5.40 9.64
N LEU B 302 -36.06 -5.23 8.71
CA LEU B 302 -35.39 -3.96 8.57
C LEU B 302 -36.40 -2.87 8.21
N TRP B 303 -37.15 -3.13 7.15
CA TRP B 303 -38.12 -2.17 6.63
C TRP B 303 -39.35 -1.99 7.54
N GLU B 304 -39.77 -3.07 8.20
CA GLU B 304 -40.84 -2.96 9.17
C GLU B 304 -40.42 -2.04 10.31
N THR B 305 -39.15 -2.07 10.68
CA THR B 305 -38.69 -1.22 11.77
C THR B 305 -38.47 0.20 11.29
N TRP B 306 -37.98 0.34 10.07
CA TRP B 306 -37.78 1.66 9.49
C TRP B 306 -39.14 2.34 9.23
N ALA B 307 -40.14 1.55 8.86
CA ALA B 307 -41.50 2.03 8.63
C ALA B 307 -42.15 2.59 9.91
N ASP B 308 -41.91 1.95 11.06
CA ASP B 308 -42.32 2.51 12.34
C ASP B 308 -41.76 3.91 12.50
N LEU B 309 -40.43 3.99 12.51
CA LEU B 309 -39.73 5.23 12.80
C LEU B 309 -40.27 6.41 12.01
N VAL B 310 -40.65 6.19 10.75
CA VAL B 310 -41.07 7.26 9.86
C VAL B 310 -42.54 7.10 9.46
N HIS B 311 -43.27 6.42 10.32
CA HIS B 311 -44.69 6.18 10.14
C HIS B 311 -45.47 7.47 9.87
N PRO B 312 -46.35 7.44 8.87
CA PRO B 312 -46.64 6.26 8.06
C PRO B 312 -46.04 6.39 6.66
N ASP B 313 -44.88 7.04 6.56
CA ASP B 313 -44.35 7.43 5.25
C ASP B 313 -43.98 6.24 4.34
N ALA B 314 -43.82 5.06 4.92
CA ALA B 314 -43.29 3.92 4.18
C ALA B 314 -44.32 2.84 3.91
N GLN B 315 -45.58 3.14 4.20
CA GLN B 315 -46.61 2.11 4.13
C GLN B 315 -46.62 1.44 2.76
N ASP B 316 -46.54 2.24 1.71
CA ASP B 316 -46.58 1.73 0.34
C ASP B 316 -45.32 0.95 0.02
N ILE B 317 -44.19 1.41 0.54
CA ILE B 317 -42.94 0.67 0.42
C ILE B 317 -43.10 -0.72 1.07
N LEU B 318 -43.61 -0.73 2.31
CA LEU B 318 -43.84 -1.98 3.03
C LEU B 318 -44.84 -2.90 2.31
N ASP B 319 -45.91 -2.32 1.79
CA ASP B 319 -46.95 -3.11 1.12
C ASP B 319 -46.35 -3.72 -0.13
N THR B 320 -45.63 -2.90 -0.89
CA THR B 320 -45.03 -3.37 -2.12
C THR B 320 -44.04 -4.49 -1.81
N LEU B 321 -43.28 -4.32 -0.73
CA LEU B 321 -42.37 -5.35 -0.26
C LEU B 321 -43.14 -6.64 -0.07
N GLU B 322 -44.21 -6.56 0.72
CA GLU B 322 -45.02 -7.73 1.04
C GLU B 322 -45.71 -8.35 -0.19
N ASP B 323 -46.05 -7.52 -1.17
CA ASP B 323 -46.58 -8.04 -2.43
C ASP B 323 -45.50 -8.79 -3.19
N ASN B 324 -44.36 -8.13 -3.39
CA ASN B 324 -43.21 -8.76 -4.00
C ASN B 324 -42.86 -10.11 -3.37
N ARG B 325 -42.87 -10.16 -2.04
CA ARG B 325 -42.73 -11.43 -1.33
C ARG B 325 -43.70 -12.49 -1.88
N GLU B 326 -44.97 -12.15 -1.98
CA GLU B 326 -45.98 -13.12 -2.41
C GLU B 326 -45.78 -13.61 -3.84
N TRP B 327 -45.44 -12.70 -4.74
CA TRP B 327 -45.20 -13.04 -6.14
C TRP B 327 -44.06 -14.06 -6.26
N TYR B 328 -42.98 -13.82 -5.55
CA TYR B 328 -41.84 -14.75 -5.51
C TYR B 328 -42.21 -16.08 -4.84
N GLN B 329 -42.91 -15.99 -3.71
CA GLN B 329 -43.38 -17.18 -3.02
C GLN B 329 -44.18 -18.08 -3.98
N SER B 330 -44.93 -17.46 -4.88
CA SER B 330 -45.79 -18.20 -5.81
C SER B 330 -45.00 -18.82 -6.95
N THR B 331 -43.74 -18.41 -7.08
CA THR B 331 -42.83 -18.89 -8.12
C THR B 331 -41.98 -20.08 -7.65
N ILE B 332 -42.09 -20.43 -6.37
CA ILE B 332 -41.29 -21.48 -5.75
C ILE B 332 -41.79 -22.89 -6.08
N PRO B 333 -41.02 -23.64 -6.89
CA PRO B 333 -41.42 -25.01 -7.20
C PRO B 333 -41.77 -25.78 -5.93
N GLN B 334 -42.67 -26.75 -6.01
CA GLN B 334 -43.11 -27.52 -4.85
C GLN B 334 -43.64 -26.60 -3.74
N THR C 8 18.87 34.04 26.56
CA THR C 8 19.09 32.81 27.34
C THR C 8 20.24 31.99 26.76
N GLU C 9 21.31 31.85 27.55
CA GLU C 9 22.59 31.30 27.09
C GLU C 9 22.53 30.37 25.88
N GLN C 10 21.78 29.28 26.01
CA GLN C 10 21.70 28.23 24.98
C GLN C 10 21.25 28.77 23.62
N GLU C 11 20.22 29.62 23.63
CA GLU C 11 19.71 30.22 22.41
C GLU C 11 20.73 31.10 21.70
N ASP C 12 21.48 31.88 22.48
CA ASP C 12 22.51 32.73 21.91
C ASP C 12 23.51 31.89 21.13
N VAL C 13 23.89 30.75 21.72
CA VAL C 13 24.86 29.86 21.11
C VAL C 13 24.35 29.30 19.79
N LEU C 14 23.13 28.77 19.81
CA LEU C 14 22.51 28.27 18.59
C LEU C 14 22.54 29.33 17.49
N ALA C 15 22.04 30.52 17.82
CA ALA C 15 21.94 31.62 16.87
C ALA C 15 23.32 32.00 16.32
N LYS C 16 24.30 32.00 17.20
CA LYS C 16 25.65 32.31 16.79
C LYS C 16 26.12 31.23 15.80
N GLU C 17 25.77 29.97 16.09
CA GLU C 17 26.15 28.85 15.23
C GLU C 17 25.46 28.92 13.85
N LEU C 18 24.19 29.28 13.84
CA LEU C 18 23.40 29.36 12.60
C LEU C 18 23.85 30.48 11.66
N GLU C 19 24.63 31.42 12.17
CA GLU C 19 25.18 32.50 11.36
C GLU C 19 26.20 32.00 10.31
N ASP C 20 26.75 30.82 10.53
CA ASP C 20 27.68 30.20 9.58
C ASP C 20 26.95 29.45 8.45
N VAL C 21 25.64 29.65 8.38
CA VAL C 21 24.77 28.89 7.49
C VAL C 21 25.13 29.00 6.01
N ASN C 22 25.81 30.07 5.62
CA ASN C 22 26.22 30.23 4.24
C ASN C 22 27.65 29.73 4.01
N LYS C 23 28.25 29.15 5.05
CA LYS C 23 29.65 28.72 4.98
C LYS C 23 29.80 27.21 4.89
N TRP C 24 30.79 26.77 4.12
CA TRP C 24 31.15 25.36 4.00
C TRP C 24 31.87 24.86 5.24
N GLY C 25 31.13 24.26 6.17
CA GLY C 25 31.73 23.71 7.37
C GLY C 25 30.91 24.08 8.59
N LEU C 26 29.65 24.39 8.36
CA LEU C 26 28.71 24.64 9.44
C LEU C 26 28.84 23.55 10.49
N HIS C 27 28.82 23.94 11.76
CA HIS C 27 28.92 22.97 12.86
C HIS C 27 27.58 22.26 13.05
N VAL C 28 27.28 21.33 12.15
CA VAL C 28 25.96 20.71 12.09
C VAL C 28 25.63 19.83 13.30
N PHE C 29 26.64 19.17 13.87
CA PHE C 29 26.43 18.37 15.08
C PHE C 29 26.19 19.22 16.30
N ARG C 30 26.93 20.33 16.41
CA ARG C 30 26.76 21.27 17.52
C ARG C 30 25.34 21.82 17.45
N ILE C 31 24.95 22.23 16.24
CA ILE C 31 23.59 22.66 16.00
C ILE C 31 22.58 21.58 16.42
N ALA C 32 22.86 20.33 16.06
CA ALA C 32 21.99 19.21 16.43
C ALA C 32 21.77 19.14 17.94
N GLU C 33 22.85 19.27 18.70
CA GLU C 33 22.75 19.23 20.15
C GLU C 33 21.95 20.42 20.68
N LEU C 34 22.33 21.62 20.25
CA LEU C 34 21.75 22.87 20.77
C LEU C 34 20.25 22.98 20.51
N SER C 35 19.80 22.38 19.41
CA SER C 35 18.41 22.49 18.98
C SER C 35 17.54 21.38 19.57
N GLY C 36 18.15 20.48 20.32
CA GLY C 36 17.41 19.35 20.88
C GLY C 36 17.07 18.30 19.82
N ASN C 37 18.06 17.96 19.02
CA ASN C 37 17.85 17.09 17.87
C ASN C 37 16.82 17.63 16.85
N ARG C 38 16.99 18.89 16.45
CA ARG C 38 16.17 19.49 15.39
C ARG C 38 17.02 20.22 14.34
N PRO C 39 18.17 19.66 13.98
CA PRO C 39 19.02 20.37 13.02
C PRO C 39 18.31 20.64 11.68
N LEU C 40 17.52 19.68 11.21
CA LEU C 40 16.88 19.81 9.90
C LEU C 40 15.82 20.91 9.94
N THR C 41 15.09 20.98 11.05
CA THR C 41 14.07 22.00 11.17
C THR C 41 14.68 23.39 11.23
N VAL C 42 15.66 23.60 12.11
CA VAL C 42 16.19 24.96 12.30
C VAL C 42 17.10 25.40 11.17
N ILE C 43 17.83 24.47 10.56
CA ILE C 43 18.64 24.80 9.40
C ILE C 43 17.76 25.14 8.19
N MET C 44 16.74 24.34 7.92
CA MET C 44 15.86 24.62 6.79
C MET C 44 15.12 25.95 6.98
N HIS C 45 14.67 26.20 8.20
CA HIS C 45 13.95 27.43 8.48
C HIS C 45 14.88 28.65 8.31
N THR C 46 16.11 28.51 8.81
CA THR C 46 17.12 29.54 8.64
C THR C 46 17.36 29.80 7.15
N ILE C 47 17.64 28.74 6.41
CA ILE C 47 17.85 28.85 4.97
C ILE C 47 16.65 29.41 4.20
N PHE C 48 15.43 29.12 4.66
CA PHE C 48 14.22 29.64 4.01
C PHE C 48 14.02 31.16 4.26
N GLN C 49 14.38 31.63 5.45
CA GLN C 49 14.39 33.06 5.69
C GLN C 49 15.48 33.72 4.85
N GLU C 50 16.69 33.18 4.91
CA GLU C 50 17.83 33.72 4.16
C GLU C 50 17.53 33.88 2.67
N ARG C 51 16.76 32.95 2.09
CA ARG C 51 16.46 33.01 0.66
C ARG C 51 15.10 33.66 0.40
N ASP C 52 14.49 34.15 1.47
CA ASP C 52 13.20 34.85 1.39
C ASP C 52 12.10 33.99 0.78
N LEU C 53 12.31 32.67 0.79
CA LEU C 53 11.34 31.71 0.24
C LEU C 53 9.98 31.76 0.91
N LEU C 54 9.95 31.94 2.23
CA LEU C 54 8.68 32.05 2.93
C LEU C 54 7.82 33.12 2.26
N LYS C 55 8.43 34.29 2.00
CA LYS C 55 7.75 35.39 1.35
C LYS C 55 7.49 35.15 -0.15
N THR C 56 8.53 34.73 -0.86
CA THR C 56 8.39 34.47 -2.29
C THR C 56 7.25 33.53 -2.63
N PHE C 57 7.11 32.46 -1.84
CA PHE C 57 6.10 31.43 -2.12
C PHE C 57 4.93 31.46 -1.15
N LYS C 58 4.90 32.49 -0.30
CA LYS C 58 3.80 32.66 0.66
C LYS C 58 3.62 31.45 1.56
N ILE C 59 4.71 30.97 2.13
CA ILE C 59 4.62 29.84 3.04
C ILE C 59 4.38 30.33 4.46
N PRO C 60 3.21 29.99 5.02
CA PRO C 60 2.87 30.33 6.39
C PRO C 60 3.93 29.79 7.34
N VAL C 61 4.32 30.57 8.35
CA VAL C 61 5.35 30.14 9.28
C VAL C 61 4.97 28.85 10.01
N ASP C 62 3.75 28.83 10.56
CA ASP C 62 3.28 27.68 11.31
C ASP C 62 3.30 26.43 10.44
N THR C 63 2.98 26.58 9.16
CA THR C 63 2.93 25.43 8.26
C THR C 63 4.32 24.92 7.94
N LEU C 64 5.25 25.82 7.67
CA LEU C 64 6.62 25.40 7.36
C LEU C 64 7.22 24.69 8.57
N ILE C 65 6.96 25.23 9.76
CA ILE C 65 7.48 24.63 10.99
C ILE C 65 6.83 23.28 11.26
N THR C 66 5.51 23.20 11.11
CA THR C 66 4.80 21.95 11.34
C THR C 66 5.29 20.85 10.39
N TYR C 67 5.45 21.19 9.12
CA TYR C 67 5.96 20.23 8.16
C TYR C 67 7.41 19.85 8.43
N LEU C 68 8.23 20.82 8.84
CA LEU C 68 9.63 20.53 9.11
C LEU C 68 9.76 19.58 10.30
N MET C 69 9.00 19.84 11.36
CA MET C 69 9.01 18.93 12.51
C MET C 69 8.53 17.54 12.11
N THR C 70 7.45 17.48 11.33
CA THR C 70 6.92 16.21 10.87
C THR C 70 7.96 15.46 10.02
N LEU C 71 8.53 16.14 9.04
CA LEU C 71 9.60 15.56 8.22
C LEU C 71 10.76 15.04 9.06
N GLU C 72 11.34 15.89 9.89
CA GLU C 72 12.44 15.48 10.76
C GLU C 72 12.05 14.23 11.61
N ASP C 73 10.81 14.20 12.09
CA ASP C 73 10.33 13.06 12.87
C ASP C 73 10.31 11.74 12.11
N HIS C 74 10.30 11.80 10.78
CA HIS C 74 10.32 10.60 9.98
C HIS C 74 11.74 10.19 9.50
N TYR C 75 12.76 10.91 9.97
CA TYR C 75 14.11 10.36 9.90
C TYR C 75 14.31 9.56 11.18
N HIS C 76 15.09 8.49 11.12
CA HIS C 76 15.23 7.64 12.31
C HIS C 76 16.35 8.08 13.24
N ALA C 77 16.00 8.29 14.50
CA ALA C 77 16.99 8.60 15.52
C ALA C 77 18.01 7.47 15.76
N ASP C 78 17.62 6.23 15.48
CA ASP C 78 18.46 5.08 15.77
C ASP C 78 19.40 4.73 14.62
N VAL C 79 19.35 5.49 13.53
CA VAL C 79 20.26 5.26 12.41
C VAL C 79 21.43 6.24 12.43
N ALA C 80 22.65 5.70 12.46
CA ALA C 80 23.85 6.49 12.72
C ALA C 80 24.16 7.54 11.66
N TYR C 81 24.08 7.15 10.38
CA TYR C 81 24.40 8.08 9.31
C TYR C 81 23.17 8.70 8.64
N HIS C 82 22.29 7.86 8.08
CA HIS C 82 21.13 8.33 7.31
C HIS C 82 19.99 8.86 8.19
N ASN C 83 20.25 9.98 8.85
CA ASN C 83 19.30 10.60 9.76
C ASN C 83 19.06 12.08 9.45
N ASN C 84 18.39 12.76 10.37
CA ASN C 84 18.05 14.17 10.20
C ASN C 84 19.31 15.06 10.14
N ILE C 85 20.33 14.67 10.88
CA ILE C 85 21.57 15.41 10.85
C ILE C 85 22.13 15.35 9.44
N HIS C 86 22.14 14.16 8.85
CA HIS C 86 22.59 14.01 7.46
C HIS C 86 21.73 14.82 6.50
N ALA C 87 20.42 14.81 6.69
CA ALA C 87 19.53 15.57 5.82
C ALA C 87 19.82 17.07 5.96
N ALA C 88 19.93 17.54 7.20
CA ALA C 88 20.24 18.94 7.47
C ALA C 88 21.51 19.34 6.70
N ASP C 89 22.51 18.47 6.76
CA ASP C 89 23.79 18.73 6.15
C ASP C 89 23.66 18.86 4.63
N VAL C 90 23.01 17.89 4.01
CA VAL C 90 22.87 17.93 2.57
C VAL C 90 22.07 19.18 2.17
N VAL C 91 21.05 19.51 2.96
CA VAL C 91 20.32 20.75 2.75
C VAL C 91 21.24 21.97 2.69
N GLN C 92 21.97 22.20 3.78
CA GLN C 92 22.89 23.33 3.91
C GLN C 92 24.00 23.35 2.85
N SER C 93 24.52 22.15 2.53
CA SER C 93 25.57 22.01 1.53
C SER C 93 25.07 22.40 0.15
N THR C 94 23.83 22.01 -0.15
CA THR C 94 23.19 22.38 -1.41
C THR C 94 22.92 23.89 -1.44
N HIS C 95 22.58 24.44 -0.29
CA HIS C 95 22.31 25.87 -0.18
C HIS C 95 23.57 26.66 -0.53
N VAL C 96 24.72 26.18 -0.06
CA VAL C 96 25.98 26.84 -0.35
C VAL C 96 26.34 26.68 -1.84
N LEU C 97 26.15 25.48 -2.37
CA LEU C 97 26.52 25.21 -3.76
C LEU C 97 25.70 26.06 -4.73
N LEU C 98 24.43 26.27 -4.39
CA LEU C 98 23.55 27.11 -5.18
C LEU C 98 24.11 28.54 -5.31
N SER C 99 24.78 29.00 -4.26
CA SER C 99 25.30 30.37 -4.18
C SER C 99 26.59 30.56 -4.95
N THR C 100 27.15 29.49 -5.50
CA THR C 100 28.39 29.62 -6.25
C THR C 100 28.24 30.70 -7.33
N PRO C 101 29.32 31.49 -7.51
CA PRO C 101 29.42 32.60 -8.47
C PRO C 101 29.11 32.21 -9.90
N ALA C 102 29.75 31.16 -10.40
CA ALA C 102 29.49 30.68 -11.76
C ALA C 102 28.01 30.38 -11.98
N LEU C 103 27.22 30.39 -10.91
CA LEU C 103 25.82 30.03 -11.02
C LEU C 103 24.86 31.18 -10.74
N GLU C 104 25.41 32.32 -10.34
CA GLU C 104 24.59 33.51 -10.06
C GLU C 104 23.46 33.73 -11.07
N ALA C 105 22.23 33.84 -10.54
CA ALA C 105 21.07 34.19 -11.34
C ALA C 105 20.79 33.23 -12.51
N VAL C 106 21.29 32.00 -12.41
CA VAL C 106 21.01 30.98 -13.43
C VAL C 106 19.74 30.18 -13.13
N PHE C 107 19.45 29.98 -11.85
CA PHE C 107 18.28 29.19 -11.48
C PHE C 107 17.14 30.08 -10.97
N THR C 108 15.91 29.66 -11.23
CA THR C 108 14.73 30.36 -10.75
C THR C 108 14.46 30.07 -9.29
N ASP C 109 13.67 30.93 -8.65
CA ASP C 109 13.25 30.74 -7.28
C ASP C 109 12.63 29.34 -7.11
N LEU C 110 11.92 28.87 -8.14
CA LEU C 110 11.24 27.58 -8.05
C LEU C 110 12.24 26.42 -8.10
N GLU C 111 13.26 26.54 -8.95
CA GLU C 111 14.30 25.52 -9.03
C GLU C 111 15.16 25.49 -7.77
N ILE C 112 15.33 26.65 -7.13
CA ILE C 112 16.05 26.75 -5.89
C ILE C 112 15.25 26.04 -4.80
N LEU C 113 13.95 26.30 -4.76
CA LEU C 113 13.07 25.62 -3.82
C LEU C 113 13.17 24.10 -3.99
N ALA C 114 13.22 23.64 -5.23
CA ALA C 114 13.21 22.22 -5.53
C ALA C 114 14.48 21.56 -5.03
N ALA C 115 15.63 22.17 -5.33
CA ALA C 115 16.91 21.60 -4.94
C ALA C 115 17.02 21.53 -3.41
N ILE C 116 16.46 22.53 -2.74
CA ILE C 116 16.51 22.58 -1.28
C ILE C 116 15.51 21.58 -0.65
N PHE C 117 14.28 21.57 -1.16
CA PHE C 117 13.26 20.67 -0.66
C PHE C 117 13.62 19.21 -0.97
N ALA C 118 14.11 18.96 -2.19
CA ALA C 118 14.63 17.64 -2.54
C ALA C 118 15.68 17.16 -1.53
N SER C 119 16.66 18.02 -1.26
CA SER C 119 17.71 17.72 -0.30
C SER C 119 17.13 17.37 1.06
N ALA C 120 16.13 18.14 1.47
CA ALA C 120 15.53 17.96 2.80
C ALA C 120 14.87 16.58 2.94
N ILE C 121 14.32 16.06 1.85
CA ILE C 121 13.53 14.82 1.94
C ILE C 121 14.29 13.63 1.36
N HIS C 122 15.47 13.89 0.82
CA HIS C 122 16.09 12.92 -0.07
C HIS C 122 16.39 11.56 0.59
N ASP C 123 16.27 11.49 1.91
CA ASP C 123 16.63 10.28 2.63
C ASP C 123 15.65 9.93 3.72
N VAL C 124 14.46 10.50 3.64
CA VAL C 124 13.49 10.35 4.72
C VAL C 124 13.04 8.92 4.89
N ASP C 125 12.76 8.57 6.15
CA ASP C 125 12.40 7.22 6.56
C ASP C 125 13.42 6.18 6.11
N HIS C 126 14.70 6.57 5.99
CA HIS C 126 15.77 5.61 5.64
C HIS C 126 15.91 4.59 6.77
N PRO C 127 15.89 3.28 6.44
CA PRO C 127 15.95 2.21 7.47
C PRO C 127 17.37 1.87 7.93
N GLY C 128 18.39 2.43 7.30
CA GLY C 128 19.75 2.15 7.71
C GLY C 128 20.36 0.92 7.04
N VAL C 129 19.64 0.37 6.06
CA VAL C 129 20.16 -0.72 5.23
C VAL C 129 20.04 -0.37 3.76
N SER C 130 20.82 -1.06 2.93
CA SER C 130 20.94 -0.74 1.52
C SER C 130 19.76 -1.24 0.70
N ASN C 131 19.60 -0.66 -0.48
CA ASN C 131 18.64 -1.14 -1.47
C ASN C 131 18.75 -2.67 -1.64
N GLN C 132 19.97 -3.15 -1.85
CA GLN C 132 20.20 -4.57 -2.09
C GLN C 132 19.71 -5.45 -0.96
N PHE C 133 19.90 -4.99 0.28
CA PHE C 133 19.44 -5.70 1.47
C PHE C 133 17.90 -5.78 1.48
N LEU C 134 17.23 -4.68 1.11
CA LEU C 134 15.77 -4.64 0.99
C LEU C 134 15.27 -5.58 -0.12
N ILE C 135 16.05 -5.65 -1.20
CA ILE C 135 15.80 -6.56 -2.31
C ILE C 135 16.01 -8.04 -1.92
N ASN C 136 17.14 -8.33 -1.28
CA ASN C 136 17.49 -9.69 -0.89
C ASN C 136 16.53 -10.31 0.11
N THR C 137 15.86 -9.48 0.91
CA THR C 137 14.92 -10.03 1.90
C THR C 137 13.48 -10.05 1.40
N ASN C 138 13.29 -9.68 0.14
CA ASN C 138 11.95 -9.55 -0.44
C ASN C 138 11.09 -8.60 0.35
N SER C 139 11.66 -7.51 0.84
CA SER C 139 10.84 -6.49 1.49
C SER C 139 9.66 -6.10 0.61
N GLU C 140 8.60 -5.68 1.27
CA GLU C 140 7.41 -5.17 0.61
C GLU C 140 7.77 -3.99 -0.27
N LEU C 141 8.73 -3.21 0.20
CA LEU C 141 9.18 -2.01 -0.47
C LEU C 141 9.87 -2.41 -1.80
N ALA C 142 10.76 -3.38 -1.76
CA ALA C 142 11.35 -3.90 -2.99
C ALA C 142 10.30 -4.50 -3.94
N LEU C 143 9.27 -5.16 -3.39
CA LEU C 143 8.19 -5.68 -4.25
C LEU C 143 7.47 -4.52 -4.96
N MET C 144 7.20 -3.46 -4.21
CA MET C 144 6.46 -2.31 -4.72
C MET C 144 7.19 -1.51 -5.83
N TYR C 145 8.51 -1.45 -5.75
CA TYR C 145 9.28 -0.67 -6.71
C TYR C 145 10.19 -1.56 -7.56
N ASN C 146 9.82 -2.82 -7.69
CA ASN C 146 10.49 -3.68 -8.64
C ASN C 146 12.01 -3.62 -8.54
N ASP C 147 12.50 -3.51 -7.31
CA ASP C 147 13.93 -3.59 -7.02
C ASP C 147 14.74 -2.46 -7.63
N SER C 148 14.07 -1.41 -8.09
CA SER C 148 14.76 -0.31 -8.78
C SER C 148 14.70 0.96 -7.96
N SER C 149 15.87 1.44 -7.55
CA SER C 149 15.94 2.63 -6.68
C SER C 149 14.89 2.56 -5.59
N VAL C 150 14.85 1.44 -4.89
CA VAL C 150 13.86 1.19 -3.85
C VAL C 150 13.83 2.27 -2.77
N LEU C 151 14.95 2.46 -2.07
CA LEU C 151 14.98 3.51 -1.06
C LEU C 151 14.57 4.88 -1.63
N GLU C 152 15.14 5.24 -2.78
CA GLU C 152 14.95 6.57 -3.35
C GLU C 152 13.50 6.88 -3.75
N ASN C 153 12.83 5.90 -4.36
CA ASN C 153 11.39 6.00 -4.58
C ASN C 153 10.63 6.19 -3.27
N HIS C 154 10.96 5.36 -2.29
CA HIS C 154 10.32 5.48 -1.00
C HIS C 154 10.53 6.88 -0.35
N HIS C 155 11.76 7.40 -0.38
CA HIS C 155 12.01 8.76 0.14
C HIS C 155 11.09 9.81 -0.52
N LEU C 156 10.95 9.73 -1.84
CA LEU C 156 10.06 10.65 -2.55
C LEU C 156 8.64 10.53 -2.04
N ALA C 157 8.18 9.28 -1.94
CA ALA C 157 6.80 9.04 -1.54
C ALA C 157 6.51 9.58 -0.14
N VAL C 158 7.46 9.41 0.76
CA VAL C 158 7.26 9.88 2.12
C VAL C 158 7.38 11.39 2.15
N GLY C 159 8.41 11.90 1.49
CA GLY C 159 8.59 13.34 1.39
C GLY C 159 7.31 14.05 0.97
N PHE C 160 6.69 13.58 -0.11
CA PHE C 160 5.46 14.18 -0.62
C PHE C 160 4.24 13.89 0.27
N LYS C 161 4.09 12.64 0.69
CA LYS C 161 2.91 12.26 1.47
C LYS C 161 2.77 13.11 2.73
N LEU C 162 3.90 13.46 3.33
CA LEU C 162 3.90 14.23 4.56
C LEU C 162 3.33 15.64 4.40
N LEU C 163 3.35 16.19 3.18
CA LEU C 163 2.67 17.46 2.90
C LEU C 163 1.18 17.44 3.31
N GLN C 164 0.57 16.26 3.24
CA GLN C 164 -0.87 16.12 3.49
C GLN C 164 -1.27 16.03 4.95
N GLU C 165 -0.32 16.06 5.86
CA GLU C 165 -0.70 16.06 7.26
C GLU C 165 -1.21 17.44 7.68
N GLU C 166 -1.99 17.45 8.76
CA GLU C 166 -2.59 18.67 9.25
C GLU C 166 -1.62 19.86 9.21
N ASN C 167 -1.94 20.89 8.43
CA ASN C 167 -1.13 22.11 8.41
C ASN C 167 0.33 21.82 8.03
N CYS C 168 0.52 20.90 7.09
CA CYS C 168 1.86 20.56 6.62
C CYS C 168 2.11 20.97 5.18
N ASP C 169 1.06 21.38 4.48
CA ASP C 169 1.22 21.69 3.06
C ASP C 169 1.92 23.04 2.81
N ILE C 170 3.23 22.98 2.63
CA ILE C 170 3.99 24.20 2.47
C ILE C 170 3.95 24.75 1.04
N PHE C 171 3.30 24.01 0.14
CA PHE C 171 3.11 24.51 -1.21
C PHE C 171 1.64 24.89 -1.44
N GLN C 172 0.91 25.11 -0.35
CA GLN C 172 -0.52 25.40 -0.48
C GLN C 172 -0.81 26.66 -1.31
N ASN C 173 0.19 27.54 -1.43
CA ASN C 173 -0.03 28.79 -2.16
C ASN C 173 0.75 28.91 -3.46
N LEU C 174 1.41 27.82 -3.85
CA LEU C 174 1.93 27.73 -5.20
C LEU C 174 0.72 27.49 -6.11
N THR C 175 0.86 27.84 -7.38
CA THR C 175 -0.16 27.54 -8.37
C THR C 175 0.02 26.10 -8.85
N LYS C 176 -0.99 25.57 -9.55
CA LYS C 176 -0.88 24.23 -10.10
C LYS C 176 0.36 24.08 -10.99
N LYS C 177 0.64 25.10 -11.79
CA LYS C 177 1.76 25.03 -12.73
C LYS C 177 3.08 24.93 -11.98
N GLN C 178 3.19 25.67 -10.88
CA GLN C 178 4.37 25.63 -10.02
C GLN C 178 4.47 24.29 -9.29
N ARG C 179 3.36 23.89 -8.67
CA ARG C 179 3.31 22.60 -7.97
C ARG C 179 3.80 21.54 -8.93
N GLN C 180 3.18 21.50 -10.11
CA GLN C 180 3.52 20.52 -11.13
C GLN C 180 5.01 20.51 -11.47
N SER C 181 5.59 21.69 -11.67
CA SER C 181 6.98 21.77 -12.14
C SER C 181 7.97 21.38 -11.03
N LEU C 182 7.68 21.85 -9.83
CA LEU C 182 8.44 21.48 -8.65
C LEU C 182 8.48 19.97 -8.48
N ARG C 183 7.31 19.32 -8.51
CA ARG C 183 7.24 17.88 -8.34
C ARG C 183 8.20 17.16 -9.28
N LYS C 184 8.18 17.54 -10.56
CA LYS C 184 9.01 16.80 -11.52
C LYS C 184 10.48 16.98 -11.21
N MET C 185 10.83 18.16 -10.73
CA MET C 185 12.23 18.48 -10.50
C MET C 185 12.75 17.73 -9.28
N VAL C 186 11.93 17.70 -8.22
CA VAL C 186 12.30 17.05 -6.98
C VAL C 186 12.41 15.53 -7.18
N ILE C 187 11.48 14.98 -7.97
CA ILE C 187 11.58 13.57 -8.35
C ILE C 187 12.90 13.32 -9.08
N ASP C 188 13.25 14.21 -9.99
CA ASP C 188 14.44 14.00 -10.80
C ASP C 188 15.70 14.13 -9.96
N ILE C 189 15.68 15.09 -9.04
CA ILE C 189 16.85 15.26 -8.18
C ILE C 189 17.06 14.05 -7.28
N VAL C 190 16.04 13.74 -6.47
CA VAL C 190 16.12 12.68 -5.47
C VAL C 190 16.49 11.32 -6.04
N LEU C 191 15.95 10.98 -7.21
CA LEU C 191 16.23 9.69 -7.82
C LEU C 191 17.66 9.70 -8.29
N ALA C 192 18.18 10.89 -8.54
CA ALA C 192 19.55 10.97 -9.03
C ALA C 192 20.52 10.69 -7.88
N THR C 193 20.01 10.63 -6.65
CA THR C 193 20.86 10.34 -5.47
C THR C 193 21.15 8.85 -5.29
N ASP C 194 20.50 8.00 -6.08
CA ASP C 194 20.71 6.56 -5.97
C ASP C 194 22.12 6.30 -6.45
N MET C 195 22.99 5.90 -5.53
CA MET C 195 24.40 5.72 -5.87
C MET C 195 24.63 4.84 -7.09
N SER C 196 23.70 3.92 -7.38
CA SER C 196 23.83 3.12 -8.60
C SER C 196 23.81 4.00 -9.86
N LYS C 197 23.42 5.25 -9.71
CA LYS C 197 23.32 6.16 -10.85
C LYS C 197 24.57 7.04 -11.02
N HIS C 198 25.56 6.86 -10.15
CA HIS C 198 26.72 7.76 -10.07
C HIS C 198 27.52 7.87 -11.36
N MET C 199 28.07 6.76 -11.82
CA MET C 199 28.84 6.73 -13.05
C MET C 199 28.16 7.49 -14.18
N ASN C 200 26.89 7.17 -14.43
CA ASN C 200 26.17 7.85 -15.51
C ASN C 200 26.01 9.36 -15.28
N LEU C 201 25.79 9.76 -14.02
CA LEU C 201 25.72 11.19 -13.69
C LEU C 201 27.02 11.91 -13.96
N LEU C 202 28.12 11.35 -13.43
CA LEU C 202 29.46 11.86 -13.63
C LEU C 202 29.81 12.04 -15.10
N ALA C 203 29.66 10.97 -15.87
CA ALA C 203 29.95 11.01 -17.30
C ALA C 203 29.14 12.11 -17.99
N ASP C 204 27.89 12.26 -17.58
CA ASP C 204 27.06 13.35 -18.09
C ASP C 204 27.57 14.71 -17.62
N LEU C 205 28.20 14.73 -16.45
CA LEU C 205 28.72 15.97 -15.90
C LEU C 205 29.95 16.41 -16.71
N LYS C 206 30.82 15.44 -16.99
CA LYS C 206 32.03 15.69 -17.77
C LYS C 206 31.72 16.25 -19.17
N THR C 207 30.64 15.76 -19.77
CA THR C 207 30.24 16.19 -21.10
C THR C 207 29.75 17.61 -21.08
N MET C 208 28.88 17.91 -20.12
CA MET C 208 28.38 19.26 -19.93
C MET C 208 29.55 20.23 -19.73
N VAL C 209 30.68 19.70 -19.28
CA VAL C 209 31.91 20.46 -19.15
C VAL C 209 32.58 20.64 -20.50
N GLU C 210 32.70 19.55 -21.26
CA GLU C 210 33.29 19.61 -22.59
C GLU C 210 32.71 20.78 -23.38
N THR C 211 31.39 20.93 -23.34
CA THR C 211 30.70 21.95 -24.13
C THR C 211 30.21 23.12 -23.26
N LYS C 212 30.96 23.43 -22.21
CA LYS C 212 30.61 24.50 -21.30
C LYS C 212 30.35 25.80 -22.06
N LYS C 213 29.42 26.60 -21.56
CA LYS C 213 29.10 27.86 -22.21
C LYS C 213 28.97 28.96 -21.18
N VAL C 214 30.05 29.69 -20.93
CA VAL C 214 29.98 30.86 -20.07
C VAL C 214 29.16 31.94 -20.77
N THR C 215 29.09 33.12 -20.17
CA THR C 215 28.47 34.28 -20.82
C THR C 215 29.23 35.55 -20.47
N SER C 216 28.53 36.68 -20.51
CA SER C 216 29.14 38.00 -20.32
C SER C 216 29.74 38.21 -18.92
N SER C 217 29.46 37.28 -18.01
CA SER C 217 29.84 37.45 -16.61
C SER C 217 30.57 36.25 -16.01
N GLY C 218 31.17 35.43 -16.85
CA GLY C 218 31.83 34.22 -16.37
C GLY C 218 30.84 33.22 -15.78
N VAL C 219 29.56 33.54 -15.89
CA VAL C 219 28.46 32.70 -15.40
C VAL C 219 28.11 31.62 -16.43
N LEU C 220 27.51 30.52 -15.95
CA LEU C 220 27.19 29.39 -16.82
C LEU C 220 25.93 29.60 -17.66
N LEU C 221 26.00 29.16 -18.91
CA LEU C 221 24.83 29.12 -19.77
C LEU C 221 24.21 27.73 -19.72
N LEU C 222 22.92 27.68 -19.42
CA LEU C 222 22.19 26.43 -19.39
C LEU C 222 20.82 26.62 -20.06
N ASP C 223 20.76 26.31 -21.35
CA ASP C 223 19.57 26.58 -22.16
C ASP C 223 18.41 25.64 -21.85
N ASN C 224 18.54 24.38 -22.26
CA ASN C 224 17.49 23.38 -22.07
C ASN C 224 17.35 22.80 -20.65
N TYR C 225 16.12 22.45 -20.28
CA TYR C 225 15.83 21.77 -19.01
C TYR C 225 16.83 20.64 -18.71
N SER C 226 17.17 19.86 -19.74
CA SER C 226 18.09 18.74 -19.59
C SER C 226 19.47 19.16 -19.09
N ASP C 227 19.80 20.43 -19.25
CA ASP C 227 21.08 20.93 -18.76
C ASP C 227 20.92 21.47 -17.35
N ARG C 228 19.78 22.09 -17.10
CA ARG C 228 19.56 22.79 -15.86
C ARG C 228 19.28 21.83 -14.71
N ILE C 229 18.48 20.79 -14.98
CA ILE C 229 18.22 19.78 -13.97
C ILE C 229 19.43 18.88 -13.81
N GLN C 230 20.11 18.62 -14.93
CA GLN C 230 21.30 17.78 -14.89
C GLN C 230 22.39 18.38 -14.00
N VAL C 231 22.42 19.72 -13.91
CA VAL C 231 23.34 20.40 -13.01
C VAL C 231 22.85 20.31 -11.57
N LEU C 232 21.54 20.47 -11.38
CA LEU C 232 20.94 20.33 -10.06
C LEU C 232 21.16 18.91 -9.50
N GLN C 233 20.98 17.90 -10.36
CA GLN C 233 21.21 16.53 -9.95
C GLN C 233 22.63 16.31 -9.43
N ASN C 234 23.62 16.79 -10.19
CA ASN C 234 25.02 16.64 -9.78
C ASN C 234 25.33 17.48 -8.54
N MET C 235 24.68 18.64 -8.45
CA MET C 235 24.81 19.49 -7.27
C MET C 235 24.39 18.72 -6.02
N VAL C 236 23.17 18.18 -6.02
CA VAL C 236 22.65 17.54 -4.82
C VAL C 236 23.39 16.23 -4.56
N HIS C 237 23.78 15.58 -5.65
CA HIS C 237 24.59 14.37 -5.55
C HIS C 237 25.94 14.71 -4.91
N CYS C 238 26.50 15.87 -5.29
CA CYS C 238 27.76 16.38 -4.71
C CYS C 238 27.60 16.70 -3.23
N ALA C 239 26.57 17.47 -2.89
CA ALA C 239 26.24 17.70 -1.50
C ALA C 239 26.16 16.39 -0.72
N ASP C 240 25.51 15.39 -1.33
CA ASP C 240 25.35 14.05 -0.75
C ASP C 240 26.67 13.30 -0.49
N LEU C 241 27.68 13.58 -1.30
CA LEU C 241 29.01 13.02 -1.12
C LEU C 241 30.02 14.14 -0.79
N SER C 242 29.60 15.11 0.03
CA SER C 242 30.45 16.23 0.34
C SER C 242 31.27 16.03 1.63
N ASN C 243 31.04 14.95 2.35
CA ASN C 243 31.65 14.71 3.66
C ASN C 243 33.19 14.78 3.70
N PRO C 244 33.87 14.01 2.83
CA PRO C 244 35.34 14.12 2.90
C PRO C 244 35.86 15.54 2.59
N THR C 245 35.07 16.39 1.94
CA THR C 245 35.52 17.75 1.59
C THR C 245 35.20 18.77 2.69
N LYS C 246 34.73 18.29 3.83
CA LYS C 246 34.41 19.16 4.96
C LYS C 246 35.57 19.16 5.97
N PRO C 247 35.67 20.24 6.77
CA PRO C 247 36.65 20.26 7.85
C PRO C 247 36.71 18.93 8.61
N LEU C 248 37.93 18.41 8.76
CA LEU C 248 38.21 17.12 9.39
C LEU C 248 37.37 16.75 10.62
N GLN C 249 37.14 17.69 11.53
CA GLN C 249 36.36 17.33 12.73
C GLN C 249 34.95 16.87 12.34
N LEU C 250 34.46 17.37 11.21
CA LEU C 250 33.16 17.00 10.65
C LEU C 250 33.21 15.67 9.90
N TYR C 251 34.16 15.56 8.96
CA TYR C 251 34.42 14.32 8.24
C TYR C 251 34.57 13.11 9.18
N ARG C 252 35.45 13.23 10.19
CA ARG C 252 35.68 12.16 11.18
C ARG C 252 34.38 11.61 11.74
N GLN C 253 33.46 12.50 12.08
CA GLN C 253 32.20 12.08 12.68
C GLN C 253 31.32 11.34 11.68
N TRP C 254 31.28 11.83 10.44
CA TRP C 254 30.47 11.17 9.42
C TRP C 254 31.02 9.77 9.14
N THR C 255 32.33 9.68 8.97
CA THR C 255 32.96 8.41 8.69
C THR C 255 32.63 7.41 9.80
N ASP C 256 32.84 7.79 11.05
CA ASP C 256 32.47 6.91 12.16
C ASP C 256 31.01 6.48 12.04
N ARG C 257 30.14 7.43 11.72
CA ARG C 257 28.69 7.20 11.71
C ARG C 257 28.27 6.30 10.55
N ILE C 258 28.80 6.54 9.36
CA ILE C 258 28.46 5.68 8.23
C ILE C 258 29.03 4.24 8.40
N MET C 259 30.23 4.14 8.97
CA MET C 259 30.82 2.82 9.24
C MET C 259 30.01 2.05 10.26
N GLU C 260 29.53 2.76 11.28
CA GLU C 260 28.70 2.13 12.29
C GLU C 260 27.43 1.59 11.64
N GLU C 261 26.88 2.34 10.69
CA GLU C 261 25.66 1.94 10.01
C GLU C 261 25.91 0.73 9.13
N PHE C 262 26.96 0.78 8.31
CA PHE C 262 27.38 -0.40 7.53
C PHE C 262 27.68 -1.65 8.38
N PHE C 263 28.40 -1.47 9.48
CA PHE C 263 28.72 -2.59 10.37
C PHE C 263 27.45 -3.17 10.96
N ARG C 264 26.44 -2.33 11.20
CA ARG C 264 25.18 -2.84 11.71
C ARG C 264 24.42 -3.65 10.66
N GLN C 265 24.54 -3.26 9.40
CA GLN C 265 23.91 -4.05 8.34
C GLN C 265 24.62 -5.41 8.23
N GLY C 266 25.94 -5.39 8.36
CA GLY C 266 26.73 -6.60 8.35
C GLY C 266 26.29 -7.54 9.44
N ASP C 267 26.13 -7.00 10.66
CA ASP C 267 25.63 -7.76 11.81
C ASP C 267 24.24 -8.30 11.56
N ARG C 268 23.36 -7.44 11.04
CA ARG C 268 22.02 -7.87 10.65
C ARG C 268 22.11 -9.00 9.61
N GLU C 269 22.94 -8.80 8.58
CA GLU C 269 23.12 -9.80 7.53
C GLU C 269 23.66 -11.12 8.08
N ARG C 270 24.71 -11.04 8.89
CA ARG C 270 25.40 -12.21 9.42
C ARG C 270 24.54 -12.97 10.42
N GLU C 271 23.52 -12.30 10.96
CA GLU C 271 22.51 -12.94 11.80
C GLU C 271 21.75 -13.96 10.99
N ARG C 272 21.42 -13.59 9.75
CA ARG C 272 20.62 -14.41 8.87
C ARG C 272 21.50 -15.16 7.89
N GLY C 273 22.75 -15.41 8.32
CA GLY C 273 23.76 -16.05 7.49
C GLY C 273 23.64 -15.64 6.03
N MET C 274 23.70 -14.34 5.78
CA MET C 274 23.40 -13.81 4.46
C MET C 274 24.65 -13.60 3.63
N GLU C 275 24.40 -13.40 2.34
CA GLU C 275 25.31 -12.69 1.45
C GLU C 275 25.84 -11.50 2.26
N ILE C 276 27.00 -11.66 2.91
CA ILE C 276 27.49 -10.64 3.85
C ILE C 276 28.28 -9.48 3.22
N SER C 277 27.54 -8.48 2.75
CA SER C 277 28.09 -7.29 2.07
C SER C 277 29.55 -6.99 2.44
N PRO C 278 30.48 -7.17 1.50
CA PRO C 278 31.89 -6.84 1.75
C PRO C 278 32.05 -5.36 2.14
N MET C 279 32.90 -5.12 3.16
CA MET C 279 33.10 -3.78 3.72
C MET C 279 31.98 -3.36 4.68
N CYS C 280 31.12 -4.32 5.03
CA CYS C 280 30.16 -4.18 6.12
C CYS C 280 30.57 -5.08 7.27
N ASP C 281 31.67 -5.80 7.08
CA ASP C 281 32.17 -6.72 8.11
C ASP C 281 33.05 -5.97 9.11
N LYS C 282 32.57 -5.85 10.34
CA LYS C 282 33.27 -5.07 11.36
C LYS C 282 34.61 -5.68 11.75
N HIS C 283 34.71 -7.00 11.65
CA HIS C 283 35.90 -7.72 12.09
C HIS C 283 37.01 -7.70 11.04
N ASN C 284 36.60 -7.68 9.77
CA ASN C 284 37.54 -7.52 8.67
C ASN C 284 37.26 -6.23 7.89
N ALA C 285 37.60 -5.11 8.51
CA ALA C 285 37.33 -3.78 7.95
C ALA C 285 38.50 -2.81 8.09
N SER C 286 38.86 -2.18 6.98
CA SER C 286 39.91 -1.17 6.97
C SER C 286 39.31 0.21 6.68
N VAL C 287 38.90 0.90 7.75
CA VAL C 287 38.17 2.14 7.59
C VAL C 287 38.95 3.20 6.81
N GLU C 288 40.19 3.44 7.22
CA GLU C 288 41.01 4.47 6.58
C GLU C 288 41.39 4.14 5.14
N LYS C 289 41.77 2.89 4.88
CA LYS C 289 42.06 2.47 3.52
C LYS C 289 40.85 2.74 2.64
N SER C 290 39.68 2.35 3.12
CA SER C 290 38.47 2.51 2.32
C SER C 290 38.11 3.97 2.02
N GLN C 291 38.15 4.84 3.02
CA GLN C 291 37.86 6.25 2.80
C GLN C 291 38.76 6.78 1.69
N VAL C 292 40.04 6.40 1.71
CA VAL C 292 40.95 6.80 0.63
C VAL C 292 40.52 6.23 -0.71
N GLY C 293 40.20 4.94 -0.75
CA GLY C 293 39.76 4.32 -1.97
C GLY C 293 38.51 5.00 -2.46
N PHE C 294 37.60 5.28 -1.53
CA PHE C 294 36.34 5.94 -1.85
C PHE C 294 36.62 7.35 -2.38
N ILE C 295 37.59 8.04 -1.76
CA ILE C 295 37.98 9.36 -2.23
C ILE C 295 38.60 9.29 -3.63
N ASP C 296 39.57 8.39 -3.80
CA ASP C 296 40.26 8.23 -5.08
C ASP C 296 39.34 7.85 -6.25
N TYR C 297 38.38 6.95 -6.02
CA TYR C 297 37.60 6.43 -7.13
C TYR C 297 36.23 7.06 -7.29
N ILE C 298 35.75 7.70 -6.24
CA ILE C 298 34.42 8.28 -6.32
C ILE C 298 34.30 9.75 -5.91
N VAL C 299 34.75 10.11 -4.71
CA VAL C 299 34.60 11.50 -4.29
C VAL C 299 35.42 12.52 -5.10
N HIS C 300 36.71 12.24 -5.30
CA HIS C 300 37.58 13.18 -6.01
C HIS C 300 37.21 13.42 -7.50
N PRO C 301 36.98 12.34 -8.26
CA PRO C 301 36.63 12.58 -9.66
C PRO C 301 35.35 13.40 -9.77
N LEU C 302 34.39 13.14 -8.90
CA LEU C 302 33.15 13.91 -8.92
C LEU C 302 33.46 15.36 -8.66
N TRP C 303 34.15 15.62 -7.56
CA TRP C 303 34.39 17.00 -7.12
C TRP C 303 35.31 17.76 -8.08
N GLU C 304 36.20 17.03 -8.73
CA GLU C 304 37.11 17.62 -9.69
C GLU C 304 36.31 18.09 -10.90
N THR C 305 35.34 17.27 -11.29
CA THR C 305 34.51 17.59 -12.44
C THR C 305 33.63 18.79 -12.12
N TRP C 306 33.04 18.80 -10.92
CA TRP C 306 32.22 19.92 -10.48
C TRP C 306 33.04 21.20 -10.51
N ALA C 307 34.26 21.14 -9.97
CA ALA C 307 35.14 22.30 -9.94
C ALA C 307 35.43 22.84 -11.34
N ASP C 308 35.72 21.93 -12.29
CA ASP C 308 35.97 22.34 -13.66
C ASP C 308 34.73 22.90 -14.33
N LEU C 309 33.58 22.70 -13.70
CA LEU C 309 32.34 23.23 -14.24
C LEU C 309 32.15 24.66 -13.77
N VAL C 310 32.61 24.93 -12.55
CA VAL C 310 32.35 26.22 -11.92
C VAL C 310 33.67 26.91 -11.60
N HIS C 311 34.72 26.53 -12.31
CA HIS C 311 36.07 27.03 -12.04
C HIS C 311 36.12 28.55 -11.95
N PRO C 312 36.81 29.07 -10.92
CA PRO C 312 37.52 28.33 -9.88
C PRO C 312 36.72 28.30 -8.58
N ASP C 313 35.41 28.44 -8.67
CA ASP C 313 34.54 28.61 -7.51
C ASP C 313 34.82 27.64 -6.37
N ALA C 314 35.32 26.45 -6.68
CA ALA C 314 35.41 25.41 -5.67
C ALA C 314 36.83 24.90 -5.36
N GLN C 315 37.84 25.71 -5.67
CA GLN C 315 39.21 25.31 -5.43
C GLN C 315 39.48 24.91 -3.98
N ASP C 316 39.01 25.72 -3.03
CA ASP C 316 39.23 25.44 -1.61
C ASP C 316 38.59 24.12 -1.15
N ILE C 317 37.44 23.80 -1.73
CA ILE C 317 36.77 22.54 -1.42
C ILE C 317 37.64 21.38 -1.87
N LEU C 318 38.07 21.41 -3.14
CA LEU C 318 38.96 20.38 -3.67
C LEU C 318 40.19 20.26 -2.78
N ASP C 319 40.71 21.40 -2.32
CA ASP C 319 41.92 21.42 -1.51
C ASP C 319 41.74 20.79 -0.13
N THR C 320 40.65 21.12 0.55
CA THR C 320 40.31 20.47 1.80
C THR C 320 40.19 18.97 1.60
N LEU C 321 39.58 18.58 0.48
CA LEU C 321 39.42 17.18 0.12
C LEU C 321 40.79 16.47 0.10
N GLU C 322 41.68 16.94 -0.75
CA GLU C 322 43.00 16.32 -0.89
C GLU C 322 43.77 16.31 0.42
N ASP C 323 43.63 17.39 1.19
CA ASP C 323 44.23 17.43 2.52
C ASP C 323 43.62 16.36 3.41
N ASN C 324 42.30 16.25 3.38
CA ASN C 324 41.61 15.21 4.14
C ASN C 324 42.03 13.82 3.66
N ARG C 325 42.16 13.67 2.35
CA ARG C 325 42.60 12.43 1.74
C ARG C 325 43.96 12.01 2.29
N GLU C 326 44.85 12.99 2.48
CA GLU C 326 46.18 12.73 3.01
C GLU C 326 46.13 12.38 4.49
N TRP C 327 45.36 13.14 5.24
CA TRP C 327 45.26 12.89 6.67
C TRP C 327 44.86 11.45 6.97
N TYR C 328 43.96 10.89 6.15
CA TYR C 328 43.52 9.52 6.38
C TYR C 328 44.63 8.52 6.02
N GLN C 329 45.27 8.74 4.87
CA GLN C 329 46.38 7.90 4.43
C GLN C 329 47.44 7.83 5.53
N SER C 330 47.70 8.96 6.16
CA SER C 330 48.66 9.05 7.25
C SER C 330 48.42 8.06 8.37
N THR C 331 47.18 7.59 8.50
CA THR C 331 46.85 6.67 9.57
C THR C 331 46.78 5.24 9.05
N ILE C 332 47.94 4.59 8.96
CA ILE C 332 48.00 3.22 8.47
C ILE C 332 49.25 2.50 8.96
N GLN D 10 -17.43 -27.79 -26.70
CA GLN D 10 -16.87 -29.08 -26.28
C GLN D 10 -15.36 -29.04 -26.05
N GLU D 11 -14.91 -29.81 -25.08
CA GLU D 11 -13.49 -29.94 -24.78
C GLU D 11 -12.72 -30.56 -25.96
N ASP D 12 -13.44 -31.26 -26.84
CA ASP D 12 -12.85 -31.86 -28.03
C ASP D 12 -12.29 -30.77 -28.88
N VAL D 13 -13.15 -29.82 -29.17
CA VAL D 13 -12.83 -28.72 -30.07
C VAL D 13 -11.77 -27.80 -29.47
N LEU D 14 -11.83 -27.58 -28.16
CA LEU D 14 -10.81 -26.82 -27.45
C LEU D 14 -9.45 -27.50 -27.64
N ALA D 15 -9.40 -28.78 -27.30
CA ALA D 15 -8.15 -29.51 -27.36
C ALA D 15 -7.67 -29.60 -28.81
N LYS D 16 -8.60 -29.57 -29.76
CA LYS D 16 -8.20 -29.56 -31.15
C LYS D 16 -7.46 -28.28 -31.49
N GLU D 17 -8.14 -27.14 -31.27
CA GLU D 17 -7.57 -25.82 -31.53
C GLU D 17 -6.19 -25.67 -30.90
N LEU D 18 -6.07 -26.12 -29.65
CA LEU D 18 -4.83 -26.00 -28.89
C LEU D 18 -3.69 -26.79 -29.52
N GLU D 19 -3.98 -27.55 -30.55
CA GLU D 19 -2.92 -28.28 -31.24
C GLU D 19 -2.04 -27.32 -32.01
N ASP D 20 -2.58 -26.15 -32.34
CA ASP D 20 -1.84 -25.11 -33.07
C ASP D 20 -1.02 -24.21 -32.16
N VAL D 21 -0.84 -24.63 -30.91
CA VAL D 21 -0.15 -23.79 -29.94
C VAL D 21 1.28 -23.39 -30.37
N ASN D 22 1.90 -24.18 -31.23
CA ASN D 22 3.25 -23.91 -31.70
C ASN D 22 3.30 -23.13 -33.01
N LYS D 23 2.14 -22.70 -33.50
CA LYS D 23 2.09 -22.08 -34.81
C LYS D 23 1.75 -20.61 -34.70
N TRP D 24 2.44 -19.78 -35.47
CA TRP D 24 2.07 -18.38 -35.62
C TRP D 24 0.68 -18.32 -36.23
N GLY D 25 -0.24 -17.60 -35.61
CA GLY D 25 -1.58 -17.49 -36.16
C GLY D 25 -2.65 -18.28 -35.42
N LEU D 26 -2.31 -18.81 -34.24
CA LEU D 26 -3.26 -19.53 -33.41
C LEU D 26 -4.58 -18.77 -33.34
N HIS D 27 -5.72 -19.46 -33.41
N HIS D 27 -5.69 -19.51 -33.34
CA HIS D 27 -6.96 -18.71 -33.23
CA HIS D 27 -7.02 -18.91 -33.17
C HIS D 27 -7.30 -18.52 -31.76
C HIS D 27 -7.27 -18.59 -31.70
N VAL D 28 -6.70 -17.48 -31.21
CA VAL D 28 -6.81 -17.17 -29.80
C VAL D 28 -8.27 -16.82 -29.38
N PHE D 29 -8.98 -16.08 -30.21
CA PHE D 29 -10.39 -15.78 -29.94
C PHE D 29 -11.26 -17.03 -29.88
N ARG D 30 -11.05 -17.94 -30.83
CA ARG D 30 -11.78 -19.19 -30.78
C ARG D 30 -11.46 -19.94 -29.48
N ILE D 31 -10.18 -19.97 -29.11
CA ILE D 31 -9.81 -20.62 -27.86
C ILE D 31 -10.44 -19.93 -26.63
N ALA D 32 -10.48 -18.60 -26.64
CA ALA D 32 -11.11 -17.84 -25.55
C ALA D 32 -12.60 -18.18 -25.41
N GLU D 33 -13.31 -18.18 -26.53
CA GLU D 33 -14.71 -18.61 -26.54
C GLU D 33 -14.87 -20.05 -26.01
N LEU D 34 -14.07 -20.97 -26.54
CA LEU D 34 -14.15 -22.38 -26.17
C LEU D 34 -13.79 -22.69 -24.72
N SER D 35 -12.87 -21.93 -24.14
CA SER D 35 -12.42 -22.20 -22.76
C SER D 35 -13.27 -21.52 -21.66
N GLY D 36 -14.33 -20.83 -22.08
CA GLY D 36 -15.12 -20.03 -21.16
C GLY D 36 -14.38 -18.81 -20.69
N ASN D 37 -13.77 -18.08 -21.63
CA ASN D 37 -12.91 -16.93 -21.33
C ASN D 37 -11.69 -17.24 -20.44
N ARG D 38 -11.08 -18.41 -20.66
CA ARG D 38 -9.81 -18.74 -19.99
C ARG D 38 -8.64 -18.95 -20.96
N PRO D 39 -8.51 -18.09 -21.97
CA PRO D 39 -7.45 -18.30 -22.96
C PRO D 39 -6.04 -18.26 -22.35
N LEU D 40 -5.86 -17.48 -21.29
CA LEU D 40 -4.53 -17.30 -20.74
C LEU D 40 -4.14 -18.52 -19.92
N THR D 41 -5.05 -18.95 -19.06
CA THR D 41 -4.85 -20.14 -18.25
C THR D 41 -4.57 -21.40 -19.07
N VAL D 42 -5.49 -21.66 -20.01
CA VAL D 42 -5.43 -22.78 -20.95
C VAL D 42 -4.12 -22.78 -21.80
N ILE D 43 -3.81 -21.64 -22.43
CA ILE D 43 -2.59 -21.53 -23.22
C ILE D 43 -1.27 -21.61 -22.40
N MET D 44 -1.24 -21.02 -21.20
CA MET D 44 -0.07 -21.15 -20.33
C MET D 44 0.12 -22.59 -19.87
N HIS D 45 -0.97 -23.23 -19.49
CA HIS D 45 -0.92 -24.61 -19.05
C HIS D 45 -0.37 -25.48 -20.16
N THR D 46 -0.96 -25.35 -21.35
CA THR D 46 -0.52 -26.11 -22.50
C THR D 46 0.97 -25.87 -22.76
N ILE D 47 1.38 -24.60 -22.76
CA ILE D 47 2.80 -24.26 -23.00
C ILE D 47 3.71 -24.81 -21.91
N PHE D 48 3.32 -24.63 -20.66
CA PHE D 48 4.08 -25.27 -19.58
C PHE D 48 4.20 -26.79 -19.74
N GLN D 49 3.13 -27.47 -20.14
CA GLN D 49 3.24 -28.92 -20.39
C GLN D 49 4.16 -29.21 -21.57
N GLU D 50 3.91 -28.54 -22.68
CA GLU D 50 4.69 -28.76 -23.89
C GLU D 50 6.19 -28.57 -23.63
N ARG D 51 6.55 -27.60 -22.77
CA ARG D 51 7.98 -27.36 -22.53
C ARG D 51 8.50 -28.11 -21.32
N ASP D 52 7.65 -28.95 -20.72
CA ASP D 52 8.01 -29.74 -19.55
C ASP D 52 8.50 -28.85 -18.37
N LEU D 53 7.94 -27.65 -18.23
CA LEU D 53 8.35 -26.75 -17.16
C LEU D 53 7.85 -27.11 -15.76
N LEU D 54 6.76 -27.87 -15.64
CA LEU D 54 6.28 -28.22 -14.29
C LEU D 54 7.26 -29.15 -13.61
N LYS D 55 7.79 -30.09 -14.40
CA LYS D 55 8.74 -31.07 -13.93
C LYS D 55 10.10 -30.43 -13.60
N THR D 56 10.55 -29.54 -14.47
CA THR D 56 11.87 -28.94 -14.37
C THR D 56 11.96 -28.02 -13.16
N PHE D 57 10.88 -27.27 -12.90
CA PHE D 57 10.87 -26.31 -11.81
C PHE D 57 10.03 -26.75 -10.61
N LYS D 58 9.50 -27.96 -10.68
CA LYS D 58 8.76 -28.57 -9.57
C LYS D 58 7.56 -27.71 -9.23
N ILE D 59 6.83 -27.31 -10.26
CA ILE D 59 5.63 -26.55 -10.04
C ILE D 59 4.46 -27.51 -9.87
N PRO D 60 3.82 -27.53 -8.69
CA PRO D 60 2.66 -28.40 -8.55
C PRO D 60 1.55 -27.95 -9.52
N VAL D 61 0.86 -28.89 -10.18
CA VAL D 61 -0.11 -28.53 -11.20
C VAL D 61 -1.27 -27.69 -10.68
N ASP D 62 -1.78 -28.01 -9.49
CA ASP D 62 -2.84 -27.23 -8.85
C ASP D 62 -2.41 -25.79 -8.53
N THR D 63 -1.17 -25.63 -8.08
CA THR D 63 -0.59 -24.32 -7.84
C THR D 63 -0.53 -23.51 -9.13
N LEU D 64 -0.05 -24.14 -10.21
CA LEU D 64 0.05 -23.47 -11.50
C LEU D 64 -1.30 -22.97 -11.98
N ILE D 65 -2.29 -23.87 -11.97
CA ILE D 65 -3.63 -23.53 -12.43
C ILE D 65 -4.25 -22.42 -11.59
N THR D 66 -4.15 -22.58 -10.27
CA THR D 66 -4.65 -21.61 -9.31
C THR D 66 -4.05 -20.23 -9.56
N TYR D 67 -2.72 -20.18 -9.69
CA TYR D 67 -2.09 -18.93 -10.05
C TYR D 67 -2.56 -18.43 -11.40
N LEU D 68 -2.66 -19.29 -12.42
CA LEU D 68 -3.09 -18.80 -13.75
C LEU D 68 -4.49 -18.21 -13.69
N MET D 69 -5.41 -18.93 -13.08
CA MET D 69 -6.75 -18.40 -12.93
C MET D 69 -6.74 -17.06 -12.21
N THR D 70 -5.88 -16.93 -11.20
CA THR D 70 -5.84 -15.70 -10.43
C THR D 70 -5.33 -14.56 -11.30
N LEU D 71 -4.24 -14.83 -12.02
CA LEU D 71 -3.66 -13.85 -12.94
C LEU D 71 -4.69 -13.39 -13.97
N GLU D 72 -5.29 -14.36 -14.65
CA GLU D 72 -6.31 -14.08 -15.67
C GLU D 72 -7.44 -13.22 -15.10
N ASP D 73 -7.81 -13.52 -13.86
CA ASP D 73 -8.88 -12.80 -13.16
C ASP D 73 -8.54 -11.32 -12.94
N HIS D 74 -7.25 -10.98 -12.94
CA HIS D 74 -6.88 -9.60 -12.69
C HIS D 74 -6.63 -8.79 -13.95
N TYR D 75 -6.84 -9.40 -15.10
CA TYR D 75 -7.05 -8.64 -16.33
C TYR D 75 -8.53 -8.30 -16.37
N HIS D 76 -8.87 -7.16 -16.95
CA HIS D 76 -10.23 -6.64 -16.91
C HIS D 76 -11.04 -7.13 -18.09
N ALA D 77 -12.12 -7.85 -17.80
CA ALA D 77 -13.02 -8.35 -18.84
C ALA D 77 -13.61 -7.23 -19.70
N ASP D 78 -13.70 -6.02 -19.15
CA ASP D 78 -14.30 -4.89 -19.86
C ASP D 78 -13.32 -4.00 -20.62
N VAL D 79 -12.03 -4.32 -20.62
CA VAL D 79 -11.07 -3.57 -21.44
C VAL D 79 -10.99 -4.28 -22.79
N ALA D 80 -11.20 -3.56 -23.89
CA ALA D 80 -11.38 -4.21 -25.20
C ALA D 80 -10.10 -4.77 -25.83
N TYR D 81 -8.95 -4.23 -25.43
CA TYR D 81 -7.70 -4.72 -25.96
C TYR D 81 -6.76 -5.31 -24.92
N HIS D 82 -6.30 -4.47 -23.98
CA HIS D 82 -5.35 -4.92 -22.97
C HIS D 82 -5.97 -5.83 -21.92
N ASN D 83 -6.38 -7.02 -22.36
CA ASN D 83 -7.06 -8.01 -21.55
C ASN D 83 -6.39 -9.41 -21.58
N ASN D 84 -7.01 -10.38 -20.92
CA ASN D 84 -6.50 -11.74 -20.86
C ASN D 84 -6.29 -12.36 -22.24
N ILE D 85 -7.06 -11.91 -23.23
CA ILE D 85 -6.95 -12.51 -24.55
C ILE D 85 -5.63 -12.06 -25.15
N HIS D 86 -5.35 -10.77 -25.01
CA HIS D 86 -4.07 -10.18 -25.42
C HIS D 86 -2.89 -10.75 -24.62
N ALA D 87 -3.09 -10.95 -23.33
CA ALA D 87 -2.02 -11.57 -22.59
C ALA D 87 -1.75 -13.00 -23.13
N ALA D 88 -2.81 -13.77 -23.38
CA ALA D 88 -2.67 -15.13 -23.93
C ALA D 88 -1.98 -15.12 -25.30
N ASP D 89 -2.36 -14.17 -26.16
CA ASP D 89 -1.75 -13.99 -27.47
C ASP D 89 -0.24 -13.69 -27.37
N VAL D 90 0.13 -12.79 -26.47
CA VAL D 90 1.53 -12.43 -26.28
C VAL D 90 2.36 -13.59 -25.76
N VAL D 91 1.78 -14.37 -24.85
CA VAL D 91 2.43 -15.57 -24.33
C VAL D 91 2.73 -16.59 -25.44
N GLN D 92 1.73 -16.85 -26.27
CA GLN D 92 1.84 -17.87 -27.30
C GLN D 92 2.80 -17.40 -28.39
N SER D 93 2.80 -16.10 -28.67
CA SER D 93 3.71 -15.54 -29.69
C SER D 93 5.14 -15.58 -29.18
N THR D 94 5.32 -15.18 -27.93
CA THR D 94 6.63 -15.28 -27.33
C THR D 94 7.10 -16.73 -27.43
N HIS D 95 6.18 -17.64 -27.14
CA HIS D 95 6.44 -19.08 -27.18
C HIS D 95 6.96 -19.53 -28.54
N VAL D 96 6.30 -19.06 -29.60
CA VAL D 96 6.69 -19.39 -30.95
C VAL D 96 8.05 -18.80 -31.27
N LEU D 97 8.27 -17.54 -30.91
CA LEU D 97 9.54 -16.88 -31.16
C LEU D 97 10.72 -17.55 -30.43
N LEU D 98 10.50 -18.02 -29.20
CA LEU D 98 11.54 -18.74 -28.46
C LEU D 98 12.01 -20.01 -29.19
N SER D 99 11.12 -20.55 -30.02
CA SER D 99 11.31 -21.85 -30.68
C SER D 99 11.96 -21.73 -32.05
N THR D 100 12.24 -20.51 -32.48
CA THR D 100 12.78 -20.27 -33.80
C THR D 100 14.12 -20.99 -33.96
N PRO D 101 14.40 -21.54 -35.15
CA PRO D 101 15.63 -22.34 -35.29
C PRO D 101 16.90 -21.56 -34.94
N ALA D 102 16.94 -20.28 -35.27
CA ALA D 102 18.12 -19.47 -34.98
C ALA D 102 18.48 -19.38 -33.49
N LEU D 103 17.53 -19.76 -32.63
CA LEU D 103 17.73 -19.62 -31.18
C LEU D 103 17.67 -20.94 -30.45
N GLU D 104 17.73 -22.04 -31.20
CA GLU D 104 17.69 -23.34 -30.57
C GLU D 104 18.89 -23.55 -29.63
N ALA D 105 18.60 -23.97 -28.39
CA ALA D 105 19.59 -24.17 -27.34
C ALA D 105 20.34 -22.90 -26.87
N VAL D 106 19.93 -21.74 -27.39
CA VAL D 106 20.52 -20.49 -26.93
C VAL D 106 20.14 -20.15 -25.46
N PHE D 107 18.89 -20.41 -25.08
CA PHE D 107 18.41 -20.01 -23.76
C PHE D 107 18.24 -21.14 -22.75
N THR D 108 18.60 -20.85 -21.50
CA THR D 108 18.33 -21.76 -20.38
C THR D 108 16.83 -21.91 -20.10
N ASP D 109 16.48 -22.92 -19.31
CA ASP D 109 15.09 -23.12 -18.95
C ASP D 109 14.56 -21.94 -18.15
N LEU D 110 15.40 -21.41 -17.26
CA LEU D 110 15.04 -20.27 -16.42
C LEU D 110 14.75 -19.00 -17.24
N GLU D 111 15.55 -18.78 -18.28
CA GLU D 111 15.32 -17.67 -19.19
C GLU D 111 14.04 -17.86 -19.98
N ILE D 112 13.79 -19.09 -20.42
CA ILE D 112 12.55 -19.43 -21.09
C ILE D 112 11.35 -19.16 -20.16
N LEU D 113 11.45 -19.70 -18.95
CA LEU D 113 10.47 -19.45 -17.89
C LEU D 113 10.22 -17.98 -17.71
N ALA D 114 11.31 -17.20 -17.70
CA ALA D 114 11.21 -15.77 -17.49
C ALA D 114 10.45 -15.10 -18.63
N ALA D 115 10.85 -15.43 -19.85
CA ALA D 115 10.28 -14.78 -21.01
C ALA D 115 8.78 -15.07 -21.09
N ILE D 116 8.40 -16.28 -20.70
CA ILE D 116 7.00 -16.68 -20.80
C ILE D 116 6.18 -16.09 -19.65
N PHE D 117 6.76 -16.12 -18.44
CA PHE D 117 6.07 -15.57 -17.27
C PHE D 117 5.88 -14.05 -17.43
N ALA D 118 6.92 -13.36 -17.90
CA ALA D 118 6.83 -11.92 -18.16
C ALA D 118 5.72 -11.64 -19.17
N SER D 119 5.67 -12.42 -20.25
CA SER D 119 4.60 -12.28 -21.24
C SER D 119 3.21 -12.40 -20.60
N ALA D 120 3.05 -13.38 -19.71
CA ALA D 120 1.76 -13.64 -19.07
C ALA D 120 1.27 -12.48 -18.18
N ILE D 121 2.20 -11.79 -17.52
CA ILE D 121 1.82 -10.76 -16.55
C ILE D 121 2.02 -9.34 -17.09
N HIS D 122 2.51 -9.23 -18.31
CA HIS D 122 3.06 -7.96 -18.79
C HIS D 122 2.06 -6.82 -18.85
N ASP D 123 0.77 -7.14 -18.83
CA ASP D 123 -0.28 -6.15 -18.87
C ASP D 123 -1.33 -6.32 -17.76
N VAL D 124 -1.03 -7.13 -16.76
CA VAL D 124 -2.07 -7.50 -15.81
C VAL D 124 -2.61 -6.26 -15.09
N ASP D 125 -3.92 -6.22 -14.92
CA ASP D 125 -4.60 -5.12 -14.23
C ASP D 125 -4.51 -3.78 -14.97
N HIS D 126 -4.40 -3.83 -16.30
CA HIS D 126 -4.39 -2.66 -17.17
C HIS D 126 -5.80 -2.04 -17.24
N PRO D 127 -5.92 -0.73 -16.97
CA PRO D 127 -7.22 -0.04 -16.88
C PRO D 127 -7.87 0.31 -18.22
N GLY D 128 -7.12 0.29 -19.32
CA GLY D 128 -7.68 0.63 -20.61
C GLY D 128 -7.36 2.06 -21.02
N VAL D 129 -6.49 2.73 -20.24
CA VAL D 129 -6.09 4.11 -20.52
C VAL D 129 -4.57 4.24 -20.46
N SER D 130 -4.03 5.18 -21.23
CA SER D 130 -2.58 5.31 -21.40
C SER D 130 -1.87 5.76 -20.15
N ASN D 131 -0.54 5.57 -20.12
CA ASN D 131 0.26 6.11 -19.03
C ASN D 131 0.02 7.61 -18.93
N GLN D 132 -0.07 8.27 -20.07
CA GLN D 132 -0.20 9.72 -20.11
C GLN D 132 -1.51 10.16 -19.47
N PHE D 133 -2.58 9.42 -19.76
CA PHE D 133 -3.89 9.68 -19.17
C PHE D 133 -3.88 9.45 -17.67
N LEU D 134 -3.09 8.49 -17.20
CA LEU D 134 -2.93 8.28 -15.75
C LEU D 134 -2.16 9.42 -15.09
N ILE D 135 -1.26 10.03 -15.86
CA ILE D 135 -0.46 11.15 -15.38
C ILE D 135 -1.29 12.44 -15.35
N ASN D 136 -2.01 12.71 -16.44
CA ASN D 136 -2.81 13.93 -16.54
C ASN D 136 -4.00 13.99 -15.61
N THR D 137 -4.31 12.88 -14.94
CA THR D 137 -5.39 12.88 -13.95
C THR D 137 -4.84 12.82 -12.55
N ASN D 138 -3.51 12.79 -12.43
CA ASN D 138 -2.90 12.81 -11.12
C ASN D 138 -3.31 11.57 -10.30
N SER D 139 -3.65 10.51 -11.02
CA SER D 139 -4.05 9.24 -10.42
C SER D 139 -3.00 8.71 -9.43
N GLU D 140 -3.48 8.04 -8.39
CA GLU D 140 -2.60 7.44 -7.40
C GLU D 140 -1.49 6.54 -7.98
N LEU D 141 -1.76 5.91 -9.12
CA LEU D 141 -0.81 5.02 -9.74
C LEU D 141 0.34 5.83 -10.36
N ALA D 142 0.00 6.92 -11.03
CA ALA D 142 0.98 7.83 -11.61
C ALA D 142 1.87 8.40 -10.52
N LEU D 143 1.29 8.64 -9.36
CA LEU D 143 2.07 9.19 -8.26
C LEU D 143 2.94 8.14 -7.62
N MET D 144 2.53 6.88 -7.68
CA MET D 144 3.33 5.84 -7.05
C MET D 144 4.59 5.61 -7.84
N TYR D 145 4.53 5.86 -9.13
CA TYR D 145 5.63 5.50 -10.03
C TYR D 145 6.23 6.70 -10.79
N ASN D 146 6.08 7.90 -10.21
CA ASN D 146 6.73 9.10 -10.73
C ASN D 146 6.53 9.35 -12.22
N ASP D 147 5.31 9.15 -12.70
CA ASP D 147 4.98 9.33 -14.12
C ASP D 147 5.85 8.51 -15.08
N SER D 148 6.71 7.66 -14.56
CA SER D 148 7.63 6.94 -15.42
C SER D 148 7.34 5.44 -15.47
N SER D 149 6.87 4.97 -16.64
CA SER D 149 6.54 3.57 -16.83
C SER D 149 5.52 3.10 -15.76
N VAL D 150 4.43 3.86 -15.63
CA VAL D 150 3.52 3.67 -14.50
C VAL D 150 2.80 2.34 -14.60
N LEU D 151 2.04 2.16 -15.68
CA LEU D 151 1.38 0.90 -15.98
C LEU D 151 2.32 -0.29 -15.88
N GLU D 152 3.50 -0.17 -16.49
CA GLU D 152 4.41 -1.30 -16.55
C GLU D 152 5.01 -1.71 -15.20
N ASN D 153 5.32 -0.72 -14.35
CA ASN D 153 5.74 -1.01 -12.98
C ASN D 153 4.59 -1.67 -12.23
N HIS D 154 3.39 -1.21 -12.51
CA HIS D 154 2.22 -1.73 -11.83
C HIS D 154 1.99 -3.21 -12.25
N HIS D 155 2.00 -3.47 -13.55
CA HIS D 155 1.81 -4.81 -14.09
C HIS D 155 2.74 -5.81 -13.41
N LEU D 156 4.00 -5.41 -13.21
CA LEU D 156 4.97 -6.26 -12.55
C LEU D 156 4.57 -6.47 -11.09
N ALA D 157 4.27 -5.36 -10.44
CA ALA D 157 3.96 -5.36 -9.03
C ALA D 157 2.81 -6.34 -8.80
N VAL D 158 1.79 -6.28 -9.65
CA VAL D 158 0.64 -7.16 -9.47
C VAL D 158 0.99 -8.61 -9.80
N GLY D 159 1.63 -8.81 -10.93
CA GLY D 159 2.08 -10.13 -11.32
C GLY D 159 2.80 -10.85 -10.20
N PHE D 160 3.73 -10.17 -9.55
CA PHE D 160 4.49 -10.79 -8.46
C PHE D 160 3.65 -10.97 -7.20
N LYS D 161 2.85 -9.97 -6.88
CA LYS D 161 2.09 -9.94 -5.64
C LYS D 161 1.18 -11.14 -5.56
N LEU D 162 0.62 -11.51 -6.71
CA LEU D 162 -0.38 -12.55 -6.82
C LEU D 162 0.16 -13.94 -6.52
N LEU D 163 1.48 -14.08 -6.63
CA LEU D 163 2.17 -15.29 -6.19
C LEU D 163 1.88 -15.56 -4.71
N GLN D 164 1.48 -14.52 -3.99
CA GLN D 164 1.27 -14.64 -2.55
C GLN D 164 -0.12 -15.09 -2.15
N GLU D 165 -1.07 -15.14 -3.08
CA GLU D 165 -2.40 -15.63 -2.72
C GLU D 165 -2.36 -17.15 -2.44
N GLU D 166 -3.42 -17.68 -1.82
CA GLU D 166 -3.48 -19.11 -1.43
C GLU D 166 -3.13 -20.05 -2.58
N ASN D 167 -2.09 -20.86 -2.38
CA ASN D 167 -1.64 -21.85 -3.36
C ASN D 167 -1.35 -21.27 -4.75
N CYS D 168 -0.70 -20.10 -4.79
CA CYS D 168 -0.37 -19.42 -6.04
C CYS D 168 1.13 -19.30 -6.31
N ASP D 169 1.96 -19.78 -5.39
CA ASP D 169 3.42 -19.60 -5.52
C ASP D 169 4.06 -20.65 -6.41
N ILE D 170 3.91 -20.46 -7.71
CA ILE D 170 4.44 -21.42 -8.68
C ILE D 170 5.98 -21.54 -8.63
N PHE D 171 6.65 -20.54 -8.04
CA PHE D 171 8.10 -20.51 -7.94
C PHE D 171 8.60 -21.03 -6.59
N GLN D 172 7.72 -21.68 -5.83
CA GLN D 172 8.06 -22.13 -4.48
C GLN D 172 9.26 -23.07 -4.46
N ASN D 173 9.52 -23.75 -5.56
CA ASN D 173 10.59 -24.76 -5.52
C ASN D 173 11.88 -24.37 -6.25
N LEU D 174 11.96 -23.13 -6.70
CA LEU D 174 13.23 -22.60 -7.18
C LEU D 174 14.12 -22.20 -5.99
N THR D 175 15.44 -22.32 -6.18
CA THR D 175 16.40 -21.85 -5.19
C THR D 175 16.35 -20.33 -5.12
N LYS D 176 17.03 -19.74 -4.12
CA LYS D 176 17.10 -18.29 -4.02
C LYS D 176 17.80 -17.68 -5.25
N LYS D 177 18.86 -18.33 -5.75
CA LYS D 177 19.57 -17.86 -6.93
C LYS D 177 18.69 -17.83 -8.17
N GLN D 178 18.01 -18.95 -8.43
CA GLN D 178 17.04 -19.03 -9.51
C GLN D 178 15.96 -17.95 -9.37
N ARG D 179 15.45 -17.75 -8.16
CA ARG D 179 14.36 -16.77 -7.97
C ARG D 179 14.81 -15.33 -8.18
N GLN D 180 16.03 -15.00 -7.78
CA GLN D 180 16.52 -13.65 -7.99
C GLN D 180 16.80 -13.39 -9.48
N SER D 181 17.36 -14.38 -10.16
CA SER D 181 17.68 -14.22 -11.58
C SER D 181 16.39 -14.08 -12.40
N LEU D 182 15.41 -14.91 -12.06
CA LEU D 182 14.13 -14.88 -12.72
C LEU D 182 13.47 -13.54 -12.49
N ARG D 183 13.46 -13.14 -11.23
CA ARG D 183 12.84 -11.87 -10.86
C ARG D 183 13.42 -10.73 -11.69
N LYS D 184 14.74 -10.68 -11.78
CA LYS D 184 15.39 -9.61 -12.52
C LYS D 184 15.02 -9.59 -14.00
N MET D 185 15.07 -10.76 -14.65
CA MET D 185 14.78 -10.81 -16.07
C MET D 185 13.34 -10.38 -16.36
N VAL D 186 12.42 -10.94 -15.60
CA VAL D 186 11.00 -10.62 -15.78
C VAL D 186 10.85 -9.11 -15.68
N ILE D 187 11.48 -8.53 -14.66
CA ILE D 187 11.42 -7.09 -14.48
C ILE D 187 12.05 -6.37 -15.68
N ASP D 188 13.24 -6.80 -16.08
CA ASP D 188 13.90 -6.18 -17.24
C ASP D 188 13.02 -6.31 -18.46
N ILE D 189 12.30 -7.43 -18.57
CA ILE D 189 11.47 -7.67 -19.73
C ILE D 189 10.21 -6.81 -19.72
N VAL D 190 9.46 -6.82 -18.62
CA VAL D 190 8.20 -6.08 -18.64
C VAL D 190 8.39 -4.57 -18.80
N LEU D 191 9.39 -4.02 -18.13
CA LEU D 191 9.68 -2.59 -18.25
C LEU D 191 9.93 -2.20 -19.72
N ALA D 192 10.73 -3.00 -20.42
CA ALA D 192 10.99 -2.79 -21.86
C ALA D 192 9.72 -2.73 -22.73
N THR D 193 8.58 -3.12 -22.19
CA THR D 193 7.35 -3.13 -22.99
C THR D 193 6.73 -1.75 -23.10
N ASP D 194 7.19 -0.83 -22.26
CA ASP D 194 6.83 0.58 -22.34
C ASP D 194 7.19 1.12 -23.74
N MET D 195 6.18 1.50 -24.51
CA MET D 195 6.43 1.95 -25.89
C MET D 195 7.40 3.12 -25.97
N SER D 196 7.39 4.00 -24.99
CA SER D 196 8.26 5.16 -25.01
C SER D 196 9.73 4.72 -25.16
N LYS D 197 9.99 3.44 -24.88
CA LYS D 197 11.34 2.90 -24.93
C LYS D 197 11.64 2.17 -26.22
N HIS D 198 10.66 2.12 -27.11
CA HIS D 198 10.80 1.40 -28.36
C HIS D 198 12.09 1.76 -29.13
N MET D 199 12.31 3.06 -29.34
CA MET D 199 13.40 3.51 -30.21
C MET D 199 14.75 3.04 -29.71
N ASN D 200 14.95 3.10 -28.41
CA ASN D 200 16.22 2.68 -27.83
C ASN D 200 16.44 1.17 -27.92
N LEU D 201 15.39 0.41 -27.63
CA LEU D 201 15.45 -1.04 -27.78
C LEU D 201 15.81 -1.40 -29.20
N LEU D 202 15.10 -0.80 -30.16
CA LEU D 202 15.30 -1.06 -31.56
C LEU D 202 16.71 -0.67 -31.97
N ALA D 203 17.21 0.42 -31.40
CA ALA D 203 18.53 0.87 -31.76
C ALA D 203 19.55 -0.16 -31.31
N ASP D 204 19.31 -0.74 -30.14
CA ASP D 204 20.23 -1.74 -29.59
C ASP D 204 20.12 -3.08 -30.32
N LEU D 205 18.91 -3.41 -30.76
CA LEU D 205 18.70 -4.60 -31.55
C LEU D 205 19.48 -4.48 -32.89
N LYS D 206 19.46 -3.29 -33.49
CA LYS D 206 20.19 -3.04 -34.74
C LYS D 206 21.69 -3.17 -34.59
N THR D 207 22.21 -2.63 -33.51
CA THR D 207 23.62 -2.76 -33.21
C THR D 207 23.96 -4.24 -33.13
N MET D 208 23.04 -5.00 -32.56
CA MET D 208 23.31 -6.42 -32.38
C MET D 208 23.28 -7.15 -33.69
N VAL D 209 22.37 -6.73 -34.57
CA VAL D 209 22.36 -7.28 -35.92
C VAL D 209 23.68 -6.97 -36.66
N GLU D 210 24.19 -5.75 -36.52
CA GLU D 210 25.40 -5.32 -37.22
C GLU D 210 26.60 -6.16 -36.81
N THR D 211 26.63 -6.55 -35.55
CA THR D 211 27.75 -7.32 -35.00
C THR D 211 27.35 -8.78 -34.71
N LYS D 212 26.31 -9.25 -35.36
CA LYS D 212 25.78 -10.59 -35.16
C LYS D 212 26.82 -11.70 -35.31
N LYS D 213 26.89 -12.60 -34.34
CA LYS D 213 27.70 -13.80 -34.50
C LYS D 213 26.86 -15.08 -34.31
N VAL D 214 27.30 -16.16 -34.93
CA VAL D 214 26.68 -17.47 -34.75
C VAL D 214 27.71 -18.47 -34.25
N THR D 215 27.28 -19.38 -33.38
CA THR D 215 28.12 -20.50 -32.94
C THR D 215 28.42 -21.45 -34.10
N SER D 216 29.17 -22.52 -33.82
CA SER D 216 29.47 -23.52 -34.86
C SER D 216 28.21 -24.27 -35.28
N SER D 217 27.31 -24.51 -34.32
CA SER D 217 25.94 -24.88 -34.66
C SER D 217 25.40 -23.63 -35.32
N GLY D 218 24.20 -23.65 -35.87
CA GLY D 218 23.82 -22.48 -36.63
C GLY D 218 23.14 -21.38 -35.82
N VAL D 219 23.41 -21.32 -34.52
CA VAL D 219 22.60 -20.48 -33.66
C VAL D 219 23.30 -19.21 -33.20
N LEU D 220 22.48 -18.27 -32.77
CA LEU D 220 22.91 -16.97 -32.31
C LEU D 220 23.82 -17.10 -31.11
N LEU D 221 24.97 -16.44 -31.15
CA LEU D 221 25.87 -16.42 -30.00
C LEU D 221 25.52 -15.24 -29.09
N LEU D 222 25.29 -15.52 -27.81
CA LEU D 222 25.02 -14.47 -26.81
C LEU D 222 25.77 -14.79 -25.52
N ASP D 223 26.92 -14.15 -25.30
CA ASP D 223 27.81 -14.59 -24.22
C ASP D 223 27.90 -13.68 -23.01
N ASN D 224 26.95 -12.76 -22.88
CA ASN D 224 26.81 -11.90 -21.70
C ASN D 224 25.35 -11.56 -21.41
N TYR D 225 25.01 -11.40 -20.13
CA TYR D 225 23.63 -11.03 -19.71
C TYR D 225 23.02 -9.91 -20.53
N SER D 226 23.77 -8.84 -20.76
CA SER D 226 23.22 -7.69 -21.46
C SER D 226 22.71 -8.04 -22.87
N ASP D 227 23.48 -8.79 -23.64
CA ASP D 227 23.05 -9.29 -24.94
C ASP D 227 21.83 -10.22 -24.82
N ARG D 228 21.88 -11.13 -23.85
CA ARG D 228 20.77 -12.04 -23.58
C ARG D 228 19.46 -11.32 -23.29
N ILE D 229 19.47 -10.37 -22.36
CA ILE D 229 18.24 -9.71 -21.94
C ILE D 229 17.70 -8.80 -23.03
N GLN D 230 18.58 -8.13 -23.75
CA GLN D 230 18.18 -7.28 -24.85
C GLN D 230 17.41 -8.09 -25.89
N VAL D 231 17.90 -9.29 -26.17
CA VAL D 231 17.22 -10.21 -27.09
C VAL D 231 15.85 -10.59 -26.56
N LEU D 232 15.79 -11.03 -25.29
CA LEU D 232 14.53 -11.41 -24.66
C LEU D 232 13.57 -10.22 -24.55
N GLN D 233 14.11 -9.03 -24.31
CA GLN D 233 13.27 -7.84 -24.24
C GLN D 233 12.63 -7.56 -25.60
N ASN D 234 13.43 -7.64 -26.65
CA ASN D 234 12.94 -7.42 -28.01
C ASN D 234 11.98 -8.49 -28.51
N MET D 235 12.24 -9.74 -28.12
CA MET D 235 11.35 -10.84 -28.44
C MET D 235 9.92 -10.57 -27.94
N VAL D 236 9.82 -10.19 -26.67
CA VAL D 236 8.52 -9.94 -26.05
C VAL D 236 7.92 -8.63 -26.58
N HIS D 237 8.78 -7.63 -26.81
CA HIS D 237 8.35 -6.39 -27.44
C HIS D 237 7.78 -6.69 -28.84
N CYS D 238 8.50 -7.51 -29.61
CA CYS D 238 7.98 -8.02 -30.89
C CYS D 238 6.65 -8.77 -30.74
N ALA D 239 6.60 -9.73 -29.81
CA ALA D 239 5.35 -10.44 -29.54
C ALA D 239 4.22 -9.45 -29.22
N ASP D 240 4.52 -8.46 -28.40
CA ASP D 240 3.57 -7.42 -28.02
C ASP D 240 3.06 -6.63 -29.24
N LEU D 241 3.88 -6.53 -30.28
CA LEU D 241 3.50 -5.77 -31.48
C LEU D 241 3.38 -6.69 -32.66
N SER D 242 2.90 -7.90 -32.40
CA SER D 242 2.87 -8.95 -33.43
C SER D 242 1.56 -8.93 -34.24
N ASN D 243 0.57 -8.19 -33.76
CA ASN D 243 -0.77 -8.15 -34.36
C ASN D 243 -0.84 -7.97 -35.88
N PRO D 244 -0.15 -6.95 -36.43
CA PRO D 244 -0.17 -6.72 -37.89
C PRO D 244 0.58 -7.80 -38.67
N THR D 245 1.20 -8.76 -37.98
CA THR D 245 1.89 -9.83 -38.67
C THR D 245 1.08 -11.12 -38.61
N LYS D 246 -0.10 -11.05 -38.01
CA LYS D 246 -0.94 -12.25 -37.91
C LYS D 246 -1.84 -12.39 -39.15
N PRO D 247 -2.41 -13.58 -39.36
CA PRO D 247 -3.48 -13.71 -40.37
C PRO D 247 -4.44 -12.53 -40.29
N LEU D 248 -4.72 -11.94 -41.47
CA LEU D 248 -5.47 -10.70 -41.58
C LEU D 248 -6.75 -10.68 -40.76
N GLN D 249 -7.44 -11.81 -40.67
CA GLN D 249 -8.68 -11.87 -39.91
C GLN D 249 -8.42 -11.60 -38.41
N LEU D 250 -7.30 -12.12 -37.90
CA LEU D 250 -6.87 -11.84 -36.53
C LEU D 250 -6.45 -10.38 -36.38
N TYR D 251 -5.57 -9.93 -37.26
CA TYR D 251 -5.15 -8.52 -37.27
C TYR D 251 -6.33 -7.52 -37.26
N ARG D 252 -7.39 -7.82 -38.01
CA ARG D 252 -8.53 -6.90 -38.06
C ARG D 252 -9.34 -6.89 -36.76
N GLN D 253 -9.45 -8.04 -36.11
CA GLN D 253 -10.11 -8.11 -34.83
C GLN D 253 -9.36 -7.31 -33.76
N TRP D 254 -8.04 -7.38 -33.82
CA TRP D 254 -7.18 -6.67 -32.87
C TRP D 254 -7.30 -5.18 -33.07
N THR D 255 -7.24 -4.76 -34.33
CA THR D 255 -7.41 -3.36 -34.68
C THR D 255 -8.72 -2.78 -34.16
N ASP D 256 -9.84 -3.46 -34.42
CA ASP D 256 -11.13 -3.05 -33.91
C ASP D 256 -11.05 -2.87 -32.39
N ARG D 257 -10.49 -3.86 -31.71
CA ARG D 257 -10.45 -3.84 -30.24
C ARG D 257 -9.62 -2.68 -29.67
N ILE D 258 -8.47 -2.39 -30.27
CA ILE D 258 -7.61 -1.37 -29.71
C ILE D 258 -8.11 0.04 -30.04
N MET D 259 -8.75 0.18 -31.19
CA MET D 259 -9.30 1.46 -31.56
C MET D 259 -10.49 1.72 -30.66
N GLU D 260 -11.22 0.65 -30.32
CA GLU D 260 -12.33 0.74 -29.38
C GLU D 260 -11.85 1.17 -28.00
N GLU D 261 -10.73 0.60 -27.57
CA GLU D 261 -10.14 1.01 -26.29
C GLU D 261 -9.72 2.49 -26.34
N PHE D 262 -8.98 2.86 -27.39
CA PHE D 262 -8.55 4.24 -27.60
C PHE D 262 -9.72 5.23 -27.67
N PHE D 263 -10.74 4.91 -28.46
CA PHE D 263 -11.91 5.79 -28.60
C PHE D 263 -12.69 5.91 -27.29
N ARG D 264 -12.63 4.90 -26.44
CA ARG D 264 -13.25 5.00 -25.12
C ARG D 264 -12.45 5.96 -24.25
N GLN D 265 -11.12 5.88 -24.33
CA GLN D 265 -10.30 6.86 -23.64
C GLN D 265 -10.50 8.27 -24.24
N GLY D 266 -10.73 8.34 -25.54
CA GLY D 266 -11.08 9.59 -26.17
C GLY D 266 -12.28 10.21 -25.49
N ASP D 267 -13.31 9.40 -25.29
CA ASP D 267 -14.52 9.85 -24.61
C ASP D 267 -14.25 10.27 -23.17
N ARG D 268 -13.50 9.46 -22.42
CA ARG D 268 -13.20 9.78 -21.03
C ARG D 268 -12.43 11.10 -20.95
N GLU D 269 -11.75 11.47 -22.04
CA GLU D 269 -11.02 12.74 -22.07
C GLU D 269 -11.92 13.95 -22.39
N ARG D 270 -12.89 13.78 -23.27
CA ARG D 270 -13.84 14.86 -23.53
C ARG D 270 -14.69 15.15 -22.28
N GLU D 271 -15.20 14.08 -21.68
CA GLU D 271 -15.93 14.19 -20.41
C GLU D 271 -15.14 14.97 -19.38
N ARG D 272 -13.96 14.47 -19.04
CA ARG D 272 -13.20 15.08 -17.95
C ARG D 272 -12.61 16.43 -18.34
N GLY D 273 -12.97 16.90 -19.53
CA GLY D 273 -12.44 18.14 -20.05
C GLY D 273 -10.94 18.14 -20.14
N MET D 274 -10.39 17.22 -20.93
CA MET D 274 -8.95 17.16 -21.17
C MET D 274 -8.66 17.35 -22.65
N GLU D 275 -7.38 17.50 -22.98
CA GLU D 275 -6.95 17.50 -24.37
C GLU D 275 -7.08 16.09 -24.93
N ILE D 276 -7.97 15.91 -25.90
CA ILE D 276 -8.17 14.59 -26.49
C ILE D 276 -6.86 14.03 -27.05
N SER D 277 -6.30 13.05 -26.36
CA SER D 277 -5.06 12.40 -26.78
C SER D 277 -5.10 12.02 -28.25
N PRO D 278 -3.93 12.06 -28.92
CA PRO D 278 -3.76 11.64 -30.32
C PRO D 278 -4.28 10.22 -30.55
N MET D 279 -4.93 9.98 -31.69
CA MET D 279 -5.40 8.65 -32.07
C MET D 279 -6.73 8.28 -31.42
N CYS D 280 -7.19 9.09 -30.46
CA CYS D 280 -8.31 8.72 -29.60
C CYS D 280 -9.65 9.38 -29.94
N ASP D 281 -9.62 10.48 -30.69
CA ASP D 281 -10.86 11.15 -31.07
C ASP D 281 -11.59 10.34 -32.13
N LYS D 282 -12.74 9.76 -31.75
CA LYS D 282 -13.49 8.92 -32.68
C LYS D 282 -14.08 9.70 -33.85
N HIS D 283 -14.27 11.01 -33.68
CA HIS D 283 -14.85 11.86 -34.72
C HIS D 283 -13.78 12.28 -35.74
N ASN D 284 -12.57 12.50 -35.26
CA ASN D 284 -11.42 12.81 -36.09
C ASN D 284 -10.53 11.56 -36.21
N ALA D 285 -11.00 10.58 -36.96
CA ALA D 285 -10.37 9.26 -36.99
C ALA D 285 -10.12 8.69 -38.39
N SER D 286 -8.86 8.31 -38.63
CA SER D 286 -8.51 7.50 -39.79
C SER D 286 -7.84 6.21 -39.31
N VAL D 287 -8.63 5.16 -39.16
CA VAL D 287 -8.12 3.93 -38.60
C VAL D 287 -7.18 3.23 -39.58
N GLU D 288 -7.63 3.04 -40.82
CA GLU D 288 -6.82 2.34 -41.80
C GLU D 288 -5.48 3.06 -42.08
N LYS D 289 -5.51 4.40 -42.12
CA LYS D 289 -4.30 5.16 -42.41
C LYS D 289 -3.34 5.10 -41.23
N SER D 290 -3.90 5.09 -40.02
CA SER D 290 -3.10 5.01 -38.80
C SER D 290 -2.38 3.67 -38.69
N GLN D 291 -3.07 2.59 -39.03
CA GLN D 291 -2.41 1.28 -39.12
C GLN D 291 -1.24 1.33 -40.11
N VAL D 292 -1.51 1.82 -41.32
CA VAL D 292 -0.44 1.91 -42.32
C VAL D 292 0.75 2.70 -41.78
N GLY D 293 0.46 3.81 -41.11
CA GLY D 293 1.50 4.65 -40.55
C GLY D 293 2.23 3.93 -39.45
N PHE D 294 1.46 3.24 -38.61
CA PHE D 294 2.02 2.46 -37.50
C PHE D 294 2.95 1.34 -38.03
N ILE D 295 2.49 0.62 -39.05
CA ILE D 295 3.34 -0.38 -39.69
C ILE D 295 4.60 0.26 -40.25
N ASP D 296 4.42 1.30 -41.07
CA ASP D 296 5.54 1.98 -41.74
C ASP D 296 6.61 2.44 -40.78
N TYR D 297 6.23 3.07 -39.68
CA TYR D 297 7.24 3.71 -38.85
C TYR D 297 7.63 2.93 -37.59
N ILE D 298 6.76 2.03 -37.14
CA ILE D 298 7.00 1.31 -35.89
C ILE D 298 7.23 -0.20 -36.05
N VAL D 299 6.24 -0.88 -36.61
CA VAL D 299 6.20 -2.33 -36.65
C VAL D 299 7.14 -2.97 -37.67
N HIS D 300 7.09 -2.51 -38.93
CA HIS D 300 7.96 -3.09 -39.95
C HIS D 300 9.46 -2.86 -39.66
N PRO D 301 9.84 -1.67 -39.19
CA PRO D 301 11.25 -1.50 -38.83
C PRO D 301 11.68 -2.43 -37.71
N LEU D 302 10.73 -2.78 -36.84
CA LEU D 302 11.03 -3.67 -35.73
C LEU D 302 11.13 -5.13 -36.21
N TRP D 303 10.13 -5.56 -36.95
CA TRP D 303 10.11 -6.91 -37.47
C TRP D 303 11.21 -7.20 -38.50
N GLU D 304 11.55 -6.19 -39.30
CA GLU D 304 12.61 -6.31 -40.27
C GLU D 304 13.93 -6.54 -39.56
N THR D 305 14.18 -5.77 -38.50
CA THR D 305 15.40 -5.94 -37.73
C THR D 305 15.44 -7.29 -37.04
N TRP D 306 14.32 -7.69 -36.41
CA TRP D 306 14.25 -9.01 -35.80
C TRP D 306 14.46 -10.10 -36.85
N ALA D 307 13.81 -9.94 -38.00
CA ALA D 307 13.94 -10.90 -39.09
C ALA D 307 15.41 -11.07 -39.50
N ASP D 308 16.18 -9.99 -39.51
CA ASP D 308 17.60 -10.10 -39.79
C ASP D 308 18.34 -10.87 -38.72
N LEU D 309 17.96 -10.65 -37.47
CA LEU D 309 18.63 -11.30 -36.36
C LEU D 309 18.48 -12.81 -36.47
N VAL D 310 17.28 -13.25 -36.84
CA VAL D 310 17.01 -14.69 -36.92
C VAL D 310 16.89 -15.26 -38.33
N HIS D 311 17.37 -14.51 -39.33
CA HIS D 311 17.31 -14.88 -40.76
C HIS D 311 17.62 -16.36 -41.07
N PRO D 312 16.75 -17.02 -41.84
CA PRO D 312 15.51 -16.50 -42.42
C PRO D 312 14.23 -16.99 -41.71
N ASP D 313 14.34 -17.33 -40.44
CA ASP D 313 13.20 -17.93 -39.70
C ASP D 313 11.91 -17.12 -39.80
N ALA D 314 12.04 -15.80 -39.81
CA ALA D 314 10.87 -14.94 -39.72
C ALA D 314 10.36 -14.41 -41.07
N GLN D 315 10.92 -14.90 -42.18
CA GLN D 315 10.53 -14.38 -43.50
C GLN D 315 9.02 -14.42 -43.76
N ASP D 316 8.34 -15.53 -43.47
CA ASP D 316 6.88 -15.57 -43.71
C ASP D 316 6.13 -14.57 -42.82
N ILE D 317 6.66 -14.33 -41.62
CA ILE D 317 6.08 -13.34 -40.73
C ILE D 317 6.17 -11.97 -41.40
N LEU D 318 7.36 -11.68 -41.92
CA LEU D 318 7.60 -10.42 -42.61
C LEU D 318 6.69 -10.27 -43.84
N ASP D 319 6.52 -11.35 -44.60
CA ASP D 319 5.68 -11.30 -45.80
C ASP D 319 4.25 -10.94 -45.43
N THR D 320 3.75 -11.57 -44.39
CA THR D 320 2.37 -11.39 -44.00
C THR D 320 2.13 -9.96 -43.52
N LEU D 321 3.13 -9.41 -42.86
CA LEU D 321 3.04 -8.03 -42.39
C LEU D 321 2.82 -7.10 -43.57
N GLU D 322 3.67 -7.25 -44.59
CA GLU D 322 3.57 -6.44 -45.80
C GLU D 322 2.25 -6.69 -46.54
N ASP D 323 1.88 -7.95 -46.71
CA ASP D 323 0.55 -8.25 -47.27
C ASP D 323 -0.51 -7.42 -46.55
N ASN D 324 -0.46 -7.43 -45.22
CA ASN D 324 -1.48 -6.79 -44.40
C ASN D 324 -1.47 -5.28 -44.49
N ARG D 325 -0.30 -4.70 -44.74
CA ARG D 325 -0.23 -3.27 -44.89
C ARG D 325 -1.02 -2.83 -46.13
N GLU D 326 -0.83 -3.54 -47.24
CA GLU D 326 -1.47 -3.15 -48.49
C GLU D 326 -2.97 -3.26 -48.40
N TRP D 327 -3.45 -4.18 -47.58
CA TRP D 327 -4.88 -4.30 -47.41
C TRP D 327 -5.47 -3.09 -46.69
N TYR D 328 -4.83 -2.66 -45.61
CA TYR D 328 -5.28 -1.44 -44.91
C TYR D 328 -5.09 -0.20 -45.78
N GLN D 329 -3.98 -0.15 -46.52
CA GLN D 329 -3.72 0.97 -47.43
C GLN D 329 -4.86 1.11 -48.44
N SER D 330 -5.35 -0.02 -48.94
CA SER D 330 -6.40 -0.05 -49.96
C SER D 330 -7.79 0.10 -49.35
N THR D 331 -7.86 0.47 -48.08
CA THR D 331 -9.14 0.69 -47.43
C THR D 331 -9.25 2.06 -46.80
N ILE D 332 -8.25 2.91 -47.08
CA ILE D 332 -8.30 4.30 -46.63
C ILE D 332 -9.39 5.04 -47.42
N PRO D 333 -10.32 5.70 -46.71
CA PRO D 333 -11.46 6.33 -47.38
C PRO D 333 -11.05 7.41 -48.38
ZN ZN E . 1.40 -3.22 24.29
ZN ZN F . -0.76 -1.59 21.80
C1 EDO G . 2.80 6.54 0.35
O1 EDO G . 2.69 7.80 1.01
C2 EDO G . 3.19 5.46 1.36
O2 EDO G . 4.39 5.82 2.06
C1 EDO H . 1.12 -33.05 14.77
O1 EDO H . 0.36 -31.89 15.18
C2 EDO H . 2.47 -32.61 14.19
O2 EDO H . 2.28 -32.02 12.90
C1 EDO I . -1.62 -17.17 37.45
O1 EDO I . -0.25 -16.89 37.14
C2 EDO I . -2.55 -16.20 36.72
O2 EDO I . -3.07 -16.77 35.50
C1 EDO J . 14.73 -2.81 17.42
O1 EDO J . 14.98 -2.68 16.01
C2 EDO J . 15.00 -4.25 17.87
O2 EDO J . 16.25 -4.75 17.36
C1 EDO K . 9.05 7.93 21.90
O1 EDO K . 9.94 7.46 22.94
C2 EDO K . 9.81 8.26 20.62
O2 EDO K . 8.91 8.76 19.61
C1 EDO L . -14.24 -5.65 22.85
O1 EDO L . -15.21 -6.09 23.82
C2 EDO L . -13.85 -6.81 21.93
O2 EDO L . -12.79 -6.41 21.03
C1 EDO M . -1.34 -16.44 9.10
O1 EDO M . -2.37 -16.22 8.12
C2 EDO M . -1.16 -17.96 9.20
O2 EDO M . -0.85 -18.40 7.88
C1 JN8 N . -2.23 4.90 29.89
C2 JN8 N . -1.18 4.14 30.72
C3 JN8 N . -0.94 2.82 30.14
S4 JN8 N . -1.90 2.56 28.72
C5 JN8 N . -2.66 4.13 28.81
C6 JN8 N . -3.71 4.52 27.83
N7 JN8 N . -4.34 5.70 28.33
C8 JN8 N . -3.42 6.72 28.76
C9 JN8 N . -2.78 6.30 30.05
N10 JN8 N . -0.02 1.90 30.74
C11 JN8 N . 0.36 0.64 30.14
C12 JN8 N . 1.28 -0.27 30.91
C13 JN8 N . 1.70 0.39 32.20
C14 JN8 N . 0.86 0.49 33.33
C15 JN8 N . 1.49 1.14 34.40
C16 JN8 N . 2.83 1.54 34.11
S17 JN8 N . 3.27 1.11 32.51
O18 JN8 N . -0.22 0.21 29.17
C19 JN8 N . -0.52 4.72 31.94
O20 JN8 N . -0.34 6.00 31.94
C24 JN8 N . -5.61 5.66 29.07
C27 JN8 N . -0.17 6.80 33.08
C28 JN8 N . -1.28 6.78 34.06
N28 JN8 N . -6.46 4.49 29.11
C29 JN8 N . -2.20 7.90 33.64
O29 JN8 N . -5.90 6.64 29.74
C30 JN8 N . -1.39 8.80 32.77
C31 JN8 N . 0.02 8.25 32.77
O31 JN8 N . 0.14 3.98 32.72
C32 JN8 N . -8.15 5.61 30.57
C33 JN8 N . -7.85 4.51 29.58
C1 EDO O . -12.43 -11.13 12.82
O1 EDO O . -12.48 -12.04 13.91
C2 EDO O . -11.30 -11.55 11.89
O2 EDO O . -11.74 -12.63 11.07
C1 EDO P . 13.31 -5.50 5.68
O1 EDO P . 12.11 -4.70 5.57
C2 EDO P . 13.19 -6.47 6.87
O2 EDO P . 14.43 -7.17 7.05
ZN ZN Q . -24.42 -1.99 -1.99
ZN ZN R . -21.57 -3.27 -0.26
C1 EDO S . -19.12 3.34 -16.60
O1 EDO S . -18.40 4.52 -16.17
C2 EDO S . -18.95 2.17 -15.64
O2 EDO S . -17.61 1.67 -15.66
C1 EDO T . -36.95 17.54 4.87
O1 EDO T . -37.01 17.80 3.46
C2 EDO T . -36.59 16.08 5.14
O2 EDO T . -37.66 15.18 4.84
C1 EDO U . -40.48 -9.73 10.75
O1 EDO U . -40.28 -8.48 10.08
C2 EDO U . -40.25 -10.92 9.81
O2 EDO U . -41.07 -10.80 8.63
C1 JN8 V . -27.26 -11.59 0.16
C2 JN8 V . -28.37 -11.04 -0.76
C3 JN8 V . -28.32 -9.59 -0.84
S4 JN8 V . -27.04 -8.96 0.13
C5 JN8 V . -26.51 -10.53 0.67
C6 JN8 V . -25.32 -10.64 1.54
N7 JN8 V . -24.81 -11.95 1.31
C8 JN8 V . -25.75 -13.02 1.54
C9 JN8 V . -26.92 -12.99 0.57
N10 JN8 V . -29.27 -8.81 -1.58
C11 JN8 V . -29.15 -7.38 -1.64
C12 JN8 V . -30.20 -6.59 -2.37
C13 JN8 V . -31.14 -7.52 -3.07
C14 JN8 V . -32.19 -8.19 -2.45
C15 JN8 V . -32.90 -9.01 -3.33
C16 JN8 V . -32.43 -8.99 -4.66
S17 JN8 V . -31.08 -7.94 -4.77
O18 JN8 V . -28.22 -6.83 -1.07
C19 JN8 V . -29.36 -11.90 -1.51
O20 JN8 V . -29.08 -13.13 -1.62
C24 JN8 V . -23.65 -12.16 0.40
C27 JN8 V . -30.00 -14.04 -2.13
C28 JN8 V . -31.17 -14.21 -1.25
N28 JN8 V . -23.24 -13.52 0.09
C29 JN8 V . -30.65 -15.17 -0.20
O29 JN8 V . -22.97 -11.22 0.01
C30 JN8 V . -29.55 -15.96 -0.88
C31 JN8 V . -29.41 -15.40 -2.28
O31 JN8 V . -30.27 -11.39 -2.21
C32 JN8 V . -22.43 -14.62 -1.90
C33 JN8 V . -22.04 -13.80 -0.70
S DMS W . -40.83 4.03 -14.86
O DMS W . -39.90 3.12 -16.11
C1 DMS W . -41.06 3.00 -13.37
C2 DMS W . -39.79 5.37 -14.21
C1 EDO X . 3.21 12.31 11.76
O1 EDO X . 3.68 13.05 12.90
C2 EDO X . 3.06 10.81 12.07
O2 EDO X . 2.81 10.09 10.84
ZN ZN Y . 20.20 8.32 -0.17
ZN ZN Z . 21.90 10.93 1.51
N1 EPE AA . 30.56 18.09 18.35
C2 EPE AA . 29.52 18.32 19.37
C3 EPE AA . 30.09 18.55 20.77
N4 EPE AA . 30.93 17.44 21.15
C5 EPE AA . 31.83 16.97 20.13
C6 EPE AA . 31.89 17.95 18.95
C7 EPE AA . 30.38 16.48 22.10
C8 EPE AA . 29.68 17.18 23.27
O8 EPE AA . 29.11 16.22 24.14
C9 EPE AA . 30.51 19.26 17.44
C10 EPE AA . 31.54 19.24 16.32
S EPE AA . 30.86 19.96 14.81
O1S EPE AA . 31.63 21.14 14.37
O2S EPE AA . 29.46 20.35 15.00
O3S EPE AA . 30.96 18.94 13.77
C1 EDO BA . 31.05 27.13 -4.09
O1 EDO BA . 31.79 27.32 -2.87
C2 EDO BA . 31.62 25.93 -4.83
O2 EDO BA . 30.66 25.42 -5.78
C1 EDO CA . 2.61 32.32 -4.77
O1 EDO CA . 2.61 33.13 -3.60
C2 EDO CA . 4.02 32.26 -5.32
O2 EDO CA . 4.20 30.97 -5.92
C1 EDO DA . 14.82 12.44 14.47
O1 EDO DA . 14.34 13.60 15.19
C2 EDO DA . 14.06 11.20 14.92
O2 EDO DA . 12.74 11.19 14.36
C1 EDO EA . -3.56 28.21 -10.88
O1 EDO EA . -4.16 27.87 -9.63
C2 EDO EA . -3.02 26.95 -11.56
O2 EDO EA . -1.67 27.10 -12.02
C1 EDO FA . 5.41 10.67 -4.93
O1 EDO FA . 5.55 11.73 -5.88
C2 EDO FA . 6.15 9.41 -5.39
O2 EDO FA . 7.53 9.67 -5.68
C1 EDO GA . 8.75 13.23 -14.37
O1 EDO GA . 7.81 13.65 -13.37
C2 EDO GA . 9.67 12.14 -13.83
O2 EDO GA . 10.86 12.07 -14.63
C1 JN8 HA . 29.54 4.04 0.34
C2 JN8 HA . 30.14 5.18 1.19
C3 JN8 HA . 29.33 6.40 1.10
S4 JN8 HA . 27.98 6.15 0.06
C5 JN8 HA . 28.38 4.49 -0.30
C6 JN8 HA . 27.52 3.68 -1.20
N7 JN8 HA . 27.85 2.30 -1.02
C8 JN8 HA . 29.26 2.01 -1.05
C9 JN8 HA . 29.98 2.61 0.12
N10 JN8 HA . 29.66 7.65 1.74
C11 JN8 HA . 28.82 8.82 1.63
C12 JN8 HA . 29.30 10.12 2.23
C13 JN8 HA . 30.53 9.83 3.01
C14 JN8 HA . 31.82 9.65 2.45
C15 JN8 HA . 32.79 9.34 3.42
C16 JN8 HA . 32.28 9.27 4.74
S17 JN8 HA . 30.59 9.59 4.75
O18 JN8 HA . 27.76 8.76 1.02
C19 JN8 HA . 31.38 4.99 2.03
O20 JN8 HA . 31.71 3.79 2.28
C24 JN8 HA . 26.97 1.37 -0.28
C27 JN8 HA . 32.98 3.47 2.80
C28 JN8 HA . 34.12 3.90 1.96
N28 JN8 HA . 27.43 0.03 0.01
C29 JN8 HA . 34.20 2.78 0.96
O29 JN8 HA . 25.80 1.69 -0.01
C30 JN8 HA . 33.70 1.54 1.66
C31 JN8 HA . 33.19 2.00 3.00
O31 JN8 HA . 31.84 5.97 2.71
C32 JN8 HA . 26.75 -1.08 2.07
C33 JN8 HA . 26.55 -0.98 0.58
C1 EDO IA . -8.55 -11.81 -5.94
O1 EDO IA . -9.10 -12.57 -4.87
C2 EDO IA . -7.62 -12.76 -6.66
O2 EDO IA . -8.23 -14.05 -6.64
ZN ZN JA . 1.74 -2.79 -21.99
ZN ZN KA . 0.78 -5.59 -24.19
C1 EDO LA . 17.26 -30.78 -33.60
O1 EDO LA . 17.97 -30.68 -32.36
C2 EDO LA . 17.73 -29.65 -34.52
O2 EDO LA . 16.72 -28.64 -34.54
C1 EDO MA . 10.25 -16.23 -35.82
O1 EDO MA . 11.54 -16.10 -35.21
C2 EDO MA . 10.17 -17.46 -36.71
O2 EDO MA . 9.09 -18.32 -36.30
C1 EDO NA . 17.40 -24.31 -15.90
O1 EDO NA . 17.72 -22.97 -16.32
C2 EDO NA . 17.29 -24.40 -14.37
O2 EDO NA . 16.99 -25.76 -13.98
C1 EDO OA . -6.75 -26.99 -17.93
O1 EDO OA . -6.75 -26.07 -16.83
C2 EDO OA . -6.12 -26.35 -19.17
O2 EDO OA . -6.39 -27.14 -20.34
C1 EDO PA . 15.57 -4.33 -11.67
O1 EDO PA . 16.58 -4.99 -10.88
C2 EDO PA . 16.21 -3.85 -12.98
O2 EDO PA . 17.16 -4.83 -13.43
C1 EDO QA . 15.04 -22.02 -40.40
O1 EDO QA . 14.12 -20.94 -40.69
C2 EDO QA . 14.76 -23.25 -41.26
O2 EDO QA . 13.75 -24.06 -40.62
C1 EDO RA . 6.27 -18.43 -38.14
O1 EDO RA . 6.16 -18.54 -39.59
C2 EDO RA . 6.59 -19.78 -37.47
O2 EDO RA . 5.40 -20.53 -37.13
C1 EDO SA . 15.53 -7.81 -9.38
O1 EDO SA . 16.58 -7.25 -10.19
C2 EDO SA . 15.78 -9.28 -9.07
O2 EDO SA . 16.95 -9.49 -8.26
C1 EDO TA . -2.40 -12.49 -44.83
O1 EDO TA . -3.14 -11.32 -45.16
C2 EDO TA . -3.24 -13.49 -44.02
O2 EDO TA . -2.44 -14.61 -43.60
C1 EDO UA . -12.07 -0.58 -24.01
O1 EDO UA . -13.39 -1.14 -24.06
C2 EDO UA . -11.64 -0.30 -22.56
O2 EDO UA . -12.57 0.54 -21.85
C1 JN8 VA . -0.45 2.59 -30.55
C2 JN8 VA . -1.00 1.40 -31.35
C3 JN8 VA . -0.51 0.14 -30.81
S4 JN8 VA . 0.53 0.41 -29.46
C5 JN8 VA . 0.37 2.13 -29.50
C6 JN8 VA . 1.11 2.95 -28.52
N7 JN8 VA . 1.08 4.28 -29.01
C8 JN8 VA . -0.23 4.72 -29.40
C9 JN8 VA . -0.68 4.06 -30.68
N10 JN8 VA . -0.86 -1.15 -31.33
C11 JN8 VA . -0.33 -2.33 -30.72
C12 JN8 VA . -0.79 -3.66 -31.23
C13 JN8 VA . -1.51 -3.43 -32.49
C14 JN8 VA . -0.91 -3.02 -33.68
C15 JN8 VA . -1.82 -2.90 -34.73
C16 JN8 VA . -3.15 -3.19 -34.35
S17 JN8 VA . -3.23 -3.63 -32.71
O18 JN8 VA . 0.34 -2.27 -29.70
C19 JN8 VA . -1.88 1.48 -32.57
O20 JN8 VA . -2.70 2.45 -32.69
C24 JN8 VA . 2.20 4.77 -29.79
C27 JN8 VA . -3.22 2.90 -33.92
C28 JN8 VA . -3.64 4.32 -33.90
N28 JN8 VA . 3.50 4.10 -29.80
C29 JN8 VA . -2.43 5.11 -34.34
O29 JN8 VA . 2.05 5.78 -30.46
C30 JN8 VA . -1.49 4.10 -34.96
C31 JN8 VA . -2.27 2.81 -35.07
O31 JN8 VA . -2.00 0.43 -33.28
C32 JN8 VA . 4.51 5.28 -31.71
C33 JN8 VA . 4.69 4.76 -30.32
#